data_8HRT
#
_entry.id   8HRT
#
_cell.length_a   79.971
_cell.length_b   119.991
_cell.length_c   144.687
_cell.angle_alpha   90.00
_cell.angle_beta   90.00
_cell.angle_gamma   90.00
#
_symmetry.space_group_name_H-M   'P 21 21 21'
#
loop_
_entity.id
_entity.type
_entity.pdbx_description
1 polymer 'Glyceraldehyde-3-phosphate dehydrogenase'
2 non-polymer 'NADP NICOTINAMIDE-ADENINE-DINUCLEOTIDE PHOSPHATE'
3 non-polymer GLYCEROL
4 non-polymer 1,2-ETHANEDIOL
5 water water
#
_entity_poly.entity_id   1
_entity_poly.type   'polypeptide(L)'
_entity_poly.pdbx_seq_one_letter_code
;MTIRVGINGFGRIGRNFFRAVLERSDDLEVVAVNDSKDNKTLSTLLKFDSIMGRLGQEVEYDDDSITVGGKRIAVYAERD
PKNLDWAAHNVDIVIESTGVFTDANAAKAHIEAGAKKVIISAPASNEDATFVYGVNHESYDPENHNVISGASCTTNCLAP
MAKVLNDKFGIENGLMTTVHAYTGDQRLHDASHRDLRRARAAAVNIVPTSTGAAKAVALVLPELKGKLDGYALRVPVITG
SATDLTFNTKSEVTVESINAAIKEAAVGEFGETLAYSEEPLVSTDIVHDSHGSIFDAGLTKVSGNTVKVVSWYDNEWGYT
CQLLRLTELVASKLLEHHHHHH
;
_entity_poly.pdbx_strand_id   A,B,C,D
#
loop_
_chem_comp.id
_chem_comp.type
_chem_comp.name
_chem_comp.formula
EDO non-polymer 1,2-ETHANEDIOL 'C2 H6 O2'
GOL non-polymer GLYCEROL 'C3 H8 O3'
NAP non-polymer 'NADP NICOTINAMIDE-ADENINE-DINUCLEOTIDE PHOSPHATE' 'C21 H28 N7 O17 P3'
#
# COMPACT_ATOMS: atom_id res chain seq x y z
N THR A 2 34.98 17.65 19.51
CA THR A 2 34.16 16.63 18.82
C THR A 2 34.41 15.27 19.47
N ILE A 3 33.34 14.52 19.73
CA ILE A 3 33.47 13.14 20.16
C ILE A 3 33.16 12.27 18.94
N ARG A 4 34.03 11.30 18.67
CA ARG A 4 33.97 10.54 17.43
C ARG A 4 33.20 9.25 17.72
N VAL A 5 32.32 8.92 16.78
CA VAL A 5 31.35 7.86 16.93
C VAL A 5 31.55 6.83 15.81
N GLY A 6 31.39 5.55 16.15
CA GLY A 6 31.31 4.48 15.16
C GLY A 6 29.93 3.84 15.19
N ILE A 7 29.50 3.34 14.03
CA ILE A 7 28.23 2.63 13.96
C ILE A 7 28.50 1.20 13.50
N ASN A 8 28.02 0.26 14.30
CA ASN A 8 28.07 -1.15 13.93
C ASN A 8 26.66 -1.55 13.55
N GLY A 9 26.45 -1.76 12.24
CA GLY A 9 25.13 -2.07 11.72
C GLY A 9 24.49 -0.84 11.11
N PHE A 10 24.73 -0.71 9.81
CA PHE A 10 24.36 0.50 9.09
C PHE A 10 23.04 0.23 8.37
N GLY A 11 22.05 -0.25 9.14
CA GLY A 11 20.72 -0.53 8.61
C GLY A 11 19.79 0.66 8.82
N ARG A 12 18.50 0.37 9.00
CA ARG A 12 17.51 1.41 9.16
C ARG A 12 17.94 2.37 10.27
N ILE A 13 18.16 1.83 11.47
CA ILE A 13 18.50 2.66 12.60
C ILE A 13 19.88 3.26 12.44
N GLY A 14 20.86 2.47 11.99
CA GLY A 14 22.21 3.00 11.79
C GLY A 14 22.23 4.20 10.86
N ARG A 15 21.48 4.14 9.75
CA ARG A 15 21.51 5.19 8.74
C ARG A 15 20.65 6.39 9.17
N ASN A 16 19.52 6.14 9.86
CA ASN A 16 18.80 7.19 10.55
C ASN A 16 19.73 7.92 11.52
N PHE A 17 20.50 7.15 12.33
CA PHE A 17 21.40 7.74 13.32
C PHE A 17 22.46 8.60 12.62
N PHE A 18 22.97 8.12 11.49
CA PHE A 18 23.94 8.90 10.74
C PHE A 18 23.36 10.25 10.34
N ARG A 19 22.12 10.24 9.86
CA ARG A 19 21.49 11.46 9.41
C ARG A 19 21.14 12.36 10.60
N ALA A 20 20.76 11.75 11.74
CA ALA A 20 20.39 12.54 12.92
C ALA A 20 21.59 13.32 13.46
N VAL A 21 22.74 12.68 13.47
CA VAL A 21 23.97 13.36 13.88
C VAL A 21 24.22 14.60 13.01
N LEU A 22 24.09 14.43 11.68
CA LEU A 22 24.33 15.53 10.76
C LEU A 22 23.32 16.65 10.96
N GLU A 23 22.05 16.29 11.19
CA GLU A 23 20.97 17.28 11.30
C GLU A 23 20.97 17.95 12.68
N ARG A 24 21.34 17.23 13.76
CA ARG A 24 20.94 17.62 15.11
C ARG A 24 22.12 17.77 16.09
N SER A 25 23.34 17.38 15.72
CA SER A 25 24.46 17.43 16.64
C SER A 25 25.50 18.45 16.18
N ASP A 26 26.10 19.19 17.12
CA ASP A 26 27.23 20.02 16.76
C ASP A 26 28.53 19.50 17.41
N ASP A 27 28.49 18.35 18.10
CA ASP A 27 29.66 17.94 18.85
C ASP A 27 30.01 16.45 18.67
N LEU A 28 29.28 15.73 17.82
CA LEU A 28 29.57 14.34 17.49
C LEU A 28 29.94 14.26 16.01
N GLU A 29 30.80 13.30 15.67
CA GLU A 29 31.05 12.96 14.28
C GLU A 29 31.14 11.45 14.15
N VAL A 30 30.47 10.89 13.13
CA VAL A 30 30.61 9.50 12.74
C VAL A 30 31.80 9.36 11.79
N VAL A 31 32.80 8.56 12.21
CA VAL A 31 34.05 8.50 11.47
C VAL A 31 34.34 7.09 10.99
N ALA A 32 33.52 6.12 11.40
CA ALA A 32 33.71 4.76 10.92
C ALA A 32 32.40 4.00 11.09
N VAL A 33 32.19 3.07 10.15
CA VAL A 33 30.97 2.29 10.04
C VAL A 33 31.36 0.85 9.70
N ASN A 34 30.67 -0.10 10.31
CA ASN A 34 30.83 -1.51 10.00
C ASN A 34 29.46 -2.04 9.67
N ASP A 35 29.39 -2.85 8.60
CA ASP A 35 28.14 -3.40 8.10
C ASP A 35 28.49 -4.67 7.32
N SER A 36 27.75 -4.99 6.25
CA SER A 36 27.90 -6.25 5.52
C SER A 36 28.11 -5.99 4.04
N LYS A 37 28.38 -4.72 3.69
CA LYS A 37 28.17 -4.26 2.34
C LYS A 37 29.46 -3.74 1.73
N ASP A 38 29.59 -3.88 0.40
CA ASP A 38 30.60 -3.15 -0.35
C ASP A 38 30.27 -1.66 -0.33
N ASN A 39 31.25 -0.80 -0.67
CA ASN A 39 31.09 0.62 -0.44
C ASN A 39 30.18 1.27 -1.49
N LYS A 40 30.02 0.65 -2.65
CA LYS A 40 29.07 1.13 -3.64
C LYS A 40 27.64 0.97 -3.11
N THR A 41 27.33 -0.27 -2.71
CA THR A 41 26.05 -0.62 -2.10
C THR A 41 25.77 0.28 -0.89
N LEU A 42 26.73 0.38 0.03
CA LEU A 42 26.51 1.11 1.27
C LEU A 42 26.28 2.59 0.96
N SER A 43 27.11 3.18 0.08
CA SER A 43 26.98 4.58 -0.29
C SER A 43 25.66 4.84 -1.00
N THR A 44 25.21 3.92 -1.84
CA THR A 44 23.91 4.06 -2.48
C THR A 44 22.78 4.16 -1.46
N LEU A 45 22.73 3.23 -0.50
CA LEU A 45 21.67 3.18 0.49
C LEU A 45 21.77 4.34 1.47
N LEU A 46 22.95 4.92 1.65
CA LEU A 46 23.09 6.14 2.42
C LEU A 46 22.47 7.33 1.67
N LYS A 47 22.79 7.43 0.37
CA LYS A 47 22.44 8.60 -0.40
C LYS A 47 20.94 8.63 -0.65
N PHE A 48 20.36 7.45 -0.87
CA PHE A 48 18.98 7.37 -1.27
C PHE A 48 18.21 6.59 -0.22
N ASP A 49 17.09 7.17 0.23
CA ASP A 49 16.29 6.54 1.28
C ASP A 49 14.82 6.63 0.91
N SER A 50 14.11 5.49 0.96
CA SER A 50 12.71 5.44 0.58
C SER A 50 11.82 6.17 1.58
N ILE A 51 12.32 6.42 2.81
CA ILE A 51 11.57 7.10 3.84
C ILE A 51 12.12 8.52 4.01
N MET A 52 13.44 8.67 4.15
CA MET A 52 13.98 9.97 4.55
C MET A 52 14.33 10.84 3.34
N GLY A 53 14.21 10.27 2.12
CA GLY A 53 14.56 11.00 0.91
C GLY A 53 16.08 11.07 0.70
N ARG A 54 16.51 11.93 -0.22
CA ARG A 54 17.93 11.99 -0.57
C ARG A 54 18.71 12.63 0.58
N LEU A 55 19.93 12.14 0.80
CA LEU A 55 20.87 12.82 1.67
C LEU A 55 21.24 14.14 0.99
N GLY A 56 21.31 15.20 1.77
CA GLY A 56 21.66 16.51 1.24
C GLY A 56 23.15 16.68 0.91
N GLN A 57 24.03 15.94 1.59
CA GLN A 57 25.46 16.06 1.37
C GLN A 57 25.86 15.21 0.16
N GLU A 58 27.01 15.57 -0.42
CA GLU A 58 27.59 14.80 -1.50
C GLU A 58 28.17 13.50 -0.94
N VAL A 59 28.09 12.42 -1.72
CA VAL A 59 28.58 11.11 -1.29
C VAL A 59 29.45 10.50 -2.39
N GLU A 60 30.70 10.20 -2.05
CA GLU A 60 31.65 9.50 -2.91
C GLU A 60 32.05 8.21 -2.18
N TYR A 61 32.66 7.25 -2.92
CA TYR A 61 33.26 6.08 -2.26
C TYR A 61 34.53 5.62 -2.98
N ASP A 62 35.30 4.77 -2.29
CA ASP A 62 36.42 4.05 -2.85
C ASP A 62 36.48 2.67 -2.19
N ASP A 63 37.59 1.95 -2.39
CA ASP A 63 37.75 0.59 -1.91
C ASP A 63 37.71 0.50 -0.39
N ASP A 64 37.99 1.60 0.31
CA ASP A 64 38.25 1.56 1.75
C ASP A 64 37.28 2.44 2.55
N SER A 65 36.41 3.20 1.89
CA SER A 65 35.76 4.33 2.55
C SER A 65 34.60 4.88 1.73
N ILE A 66 33.75 5.69 2.40
CA ILE A 66 32.87 6.65 1.77
C ILE A 66 33.26 8.03 2.26
N THR A 67 32.96 9.04 1.47
CA THR A 67 33.21 10.41 1.86
C THR A 67 31.88 11.13 1.76
N VAL A 68 31.50 11.80 2.84
CA VAL A 68 30.21 12.47 2.93
C VAL A 68 30.49 13.93 3.27
N GLY A 69 30.07 14.83 2.38
CA GLY A 69 30.28 16.26 2.56
C GLY A 69 31.74 16.63 2.78
N GLY A 70 32.67 15.90 2.16
CA GLY A 70 34.10 16.16 2.32
C GLY A 70 34.75 15.36 3.46
N LYS A 71 33.96 14.60 4.25
CA LYS A 71 34.48 13.90 5.42
C LYS A 71 34.66 12.42 5.11
N ARG A 72 35.91 11.95 5.19
CA ARG A 72 36.23 10.55 4.94
C ARG A 72 35.75 9.68 6.11
N ILE A 73 34.96 8.64 5.79
CA ILE A 73 34.46 7.72 6.80
C ILE A 73 34.93 6.33 6.44
N ALA A 74 35.68 5.70 7.34
CA ALA A 74 36.22 4.37 7.07
C ALA A 74 35.08 3.37 7.17
N VAL A 75 35.06 2.39 6.26
CA VAL A 75 34.02 1.38 6.23
C VAL A 75 34.64 -0.01 6.31
N TYR A 76 34.01 -0.87 7.12
CA TYR A 76 34.41 -2.27 7.30
C TYR A 76 33.19 -3.16 7.08
N ALA A 77 33.45 -4.43 6.80
CA ALA A 77 32.39 -5.42 6.67
C ALA A 77 32.81 -6.68 7.43
N GLU A 78 33.05 -6.50 8.74
CA GLU A 78 33.47 -7.57 9.63
C GLU A 78 32.25 -8.14 10.34
N ARG A 79 31.96 -9.42 10.12
CA ARG A 79 30.85 -10.11 10.76
C ARG A 79 31.04 -10.13 12.28
N ASP A 80 32.28 -10.23 12.73
CA ASP A 80 32.59 -10.42 14.14
C ASP A 80 33.29 -9.17 14.62
N PRO A 81 32.71 -8.41 15.59
CA PRO A 81 33.29 -7.15 16.05
C PRO A 81 34.68 -7.25 16.64
N LYS A 82 35.06 -8.45 17.10
CA LYS A 82 36.41 -8.72 17.59
C LYS A 82 37.46 -8.32 16.56
N ASN A 83 37.04 -8.31 15.29
CA ASN A 83 37.98 -8.05 14.21
C ASN A 83 38.02 -6.58 13.82
N LEU A 84 37.33 -5.71 14.56
CA LEU A 84 37.34 -4.29 14.27
C LEU A 84 38.46 -3.64 15.07
N ASP A 85 38.85 -2.43 14.67
CA ASP A 85 39.75 -1.61 15.48
C ASP A 85 39.20 -0.19 15.51
N TRP A 86 38.38 0.09 16.52
CA TRP A 86 37.78 1.39 16.73
C TRP A 86 38.82 2.40 17.19
N ALA A 87 39.83 1.91 17.92
CA ALA A 87 40.87 2.76 18.48
C ALA A 87 41.69 3.37 17.36
N ALA A 88 41.83 2.68 16.23
CA ALA A 88 42.58 3.23 15.11
C ALA A 88 41.90 4.48 14.54
N HIS A 89 40.62 4.68 14.86
CA HIS A 89 39.84 5.83 14.37
C HIS A 89 39.49 6.79 15.52
N ASN A 90 40.12 6.59 16.70
CA ASN A 90 39.88 7.37 17.90
C ASN A 90 38.38 7.50 18.17
N VAL A 91 37.66 6.38 18.02
CA VAL A 91 36.23 6.33 18.27
C VAL A 91 36.00 6.12 19.76
N ASP A 92 35.18 6.96 20.38
CA ASP A 92 34.88 6.80 21.79
C ASP A 92 33.61 5.95 21.96
N ILE A 93 32.61 6.17 21.11
CA ILE A 93 31.30 5.59 21.34
C ILE A 93 30.92 4.76 20.12
N VAL A 94 30.43 3.55 20.34
CA VAL A 94 29.92 2.75 19.25
C VAL A 94 28.42 2.56 19.41
N ILE A 95 27.66 2.84 18.34
CA ILE A 95 26.26 2.45 18.24
C ILE A 95 26.17 1.02 17.72
N GLU A 96 25.61 0.12 18.55
CA GLU A 96 25.45 -1.27 18.16
C GLU A 96 24.02 -1.47 17.66
N SER A 97 23.85 -1.34 16.35
CA SER A 97 22.56 -1.33 15.68
C SER A 97 22.46 -2.45 14.63
N THR A 98 23.17 -3.57 14.83
CA THR A 98 23.04 -4.71 13.92
C THR A 98 21.80 -5.53 14.24
N GLY A 99 21.37 -5.49 15.51
CA GLY A 99 20.28 -6.36 15.91
C GLY A 99 20.75 -7.73 16.40
N VAL A 100 22.04 -8.11 16.20
CA VAL A 100 22.48 -9.45 16.53
C VAL A 100 23.40 -9.45 17.76
N PHE A 101 23.74 -8.28 18.31
CA PHE A 101 24.63 -8.22 19.46
C PHE A 101 23.98 -7.50 20.62
N THR A 102 22.73 -7.86 20.93
CA THR A 102 21.98 -7.23 22.01
C THR A 102 22.35 -7.85 23.35
N ASP A 103 22.99 -9.03 23.31
CA ASP A 103 23.63 -9.56 24.50
C ASP A 103 24.90 -8.74 24.76
N ALA A 104 24.94 -8.05 25.89
CA ALA A 104 26.06 -7.15 26.21
C ALA A 104 27.38 -7.90 26.27
N ASN A 105 27.35 -9.22 26.51
CA ASN A 105 28.61 -9.94 26.56
C ASN A 105 29.18 -10.14 25.15
N ALA A 106 28.37 -9.97 24.09
CA ALA A 106 28.88 -9.88 22.73
C ALA A 106 29.26 -8.43 22.38
N ALA A 107 28.35 -7.51 22.70
CA ALA A 107 28.53 -6.10 22.41
C ALA A 107 29.82 -5.54 23.03
N LYS A 108 30.28 -6.12 24.15
CA LYS A 108 31.39 -5.50 24.84
C LYS A 108 32.70 -5.69 24.05
N ALA A 109 32.68 -6.57 23.04
CA ALA A 109 33.76 -6.72 22.09
C ALA A 109 34.15 -5.38 21.45
N HIS A 110 33.21 -4.44 21.36
CA HIS A 110 33.54 -3.12 20.82
C HIS A 110 34.53 -2.42 21.75
N ILE A 111 34.42 -2.69 23.06
CA ILE A 111 35.36 -2.11 24.01
C ILE A 111 36.72 -2.80 23.92
N GLU A 112 36.74 -4.14 23.78
CA GLU A 112 38.00 -4.84 23.54
C GLU A 112 38.65 -4.25 22.28
N ALA A 113 37.83 -3.80 21.31
CA ALA A 113 38.33 -3.31 20.04
C ALA A 113 38.64 -1.81 20.11
N GLY A 114 38.54 -1.20 21.29
CA GLY A 114 39.17 0.08 21.51
C GLY A 114 38.20 1.22 21.81
N ALA A 115 36.88 0.96 21.72
CA ALA A 115 35.89 1.94 22.11
C ALA A 115 35.81 2.03 23.64
N LYS A 116 35.23 3.13 24.11
CA LYS A 116 35.04 3.36 25.53
C LYS A 116 33.61 3.07 25.95
N LYS A 117 32.64 3.24 25.03
CA LYS A 117 31.22 3.09 25.35
C LYS A 117 30.51 2.43 24.18
N VAL A 118 29.56 1.54 24.50
CA VAL A 118 28.71 0.90 23.52
C VAL A 118 27.25 1.20 23.84
N ILE A 119 26.48 1.73 22.88
CA ILE A 119 25.06 1.97 23.08
C ILE A 119 24.28 1.03 22.17
N ILE A 120 23.59 0.07 22.78
CA ILE A 120 22.83 -0.91 22.02
C ILE A 120 21.46 -0.32 21.69
N SER A 121 21.11 -0.34 20.40
CA SER A 121 19.91 0.33 19.90
C SER A 121 18.66 -0.54 20.02
N ALA A 122 18.47 -1.16 21.19
CA ALA A 122 17.43 -2.16 21.36
C ALA A 122 17.43 -2.63 22.82
N PRO A 123 16.40 -3.38 23.26
CA PRO A 123 16.49 -4.10 24.51
C PRO A 123 17.70 -5.01 24.46
N ALA A 124 18.38 -5.12 25.62
CA ALA A 124 19.62 -5.84 25.75
C ALA A 124 19.50 -6.85 26.88
N SER A 125 20.56 -7.67 27.03
CA SER A 125 20.68 -8.61 28.12
C SER A 125 22.10 -8.49 28.64
N ASN A 126 22.25 -8.59 29.95
CA ASN A 126 23.54 -8.54 30.60
C ASN A 126 24.15 -7.15 30.53
N GLU A 127 23.33 -6.13 30.25
CA GLU A 127 23.85 -4.77 30.07
C GLU A 127 24.13 -4.12 31.41
N ASP A 128 24.98 -3.10 31.41
CA ASP A 128 25.26 -2.30 32.59
C ASP A 128 24.03 -1.51 33.01
N ALA A 129 23.21 -1.07 32.04
CA ALA A 129 22.06 -0.21 32.32
C ALA A 129 21.24 0.01 31.06
N THR A 130 19.96 0.31 31.25
CA THR A 130 19.05 0.60 30.16
C THR A 130 18.43 1.97 30.42
N PHE A 131 18.31 2.79 29.36
CA PHE A 131 17.81 4.15 29.50
C PHE A 131 16.75 4.46 28.45
N VAL A 132 15.70 5.15 28.91
CA VAL A 132 14.85 5.97 28.07
C VAL A 132 15.17 7.42 28.40
N TYR A 133 15.81 8.09 27.46
CA TYR A 133 16.13 9.49 27.67
C TYR A 133 14.87 10.27 28.06
N GLY A 134 15.03 11.13 29.07
CA GLY A 134 13.94 11.93 29.61
C GLY A 134 13.30 11.25 30.82
N VAL A 135 13.45 9.93 30.95
CA VAL A 135 12.80 9.18 32.00
C VAL A 135 13.80 8.84 33.09
N ASN A 136 14.94 8.22 32.75
CA ASN A 136 15.83 7.74 33.79
C ASN A 136 17.32 8.02 33.50
N HIS A 137 17.62 8.93 32.58
CA HIS A 137 19.00 9.14 32.14
C HIS A 137 19.85 9.83 33.21
N GLU A 138 19.20 10.44 34.20
CA GLU A 138 19.93 11.09 35.28
C GLU A 138 20.64 10.07 36.16
N SER A 139 20.19 8.81 36.12
CA SER A 139 20.91 7.73 36.80
C SER A 139 22.12 7.23 36.00
N TYR A 140 22.51 7.89 34.91
CA TYR A 140 23.65 7.42 34.14
C TYR A 140 24.93 7.60 34.96
N ASP A 141 25.73 6.53 35.01
CA ASP A 141 26.93 6.54 35.83
C ASP A 141 28.12 6.41 34.87
N PRO A 142 28.84 7.52 34.58
CA PRO A 142 29.87 7.50 33.54
C PRO A 142 31.02 6.54 33.82
N GLU A 143 31.19 6.15 35.08
CA GLU A 143 32.28 5.25 35.45
C GLU A 143 31.90 3.81 35.15
N ASN A 144 30.68 3.39 35.55
CA ASN A 144 30.32 1.98 35.55
C ASN A 144 29.35 1.60 34.44
N HIS A 145 28.83 2.59 33.68
CA HIS A 145 27.81 2.34 32.67
C HIS A 145 28.49 2.47 31.31
N ASN A 146 28.97 1.34 30.77
CA ASN A 146 29.82 1.37 29.60
C ASN A 146 29.21 0.61 28.42
N VAL A 147 28.47 -0.47 28.67
CA VAL A 147 27.71 -1.16 27.64
C VAL A 147 26.25 -1.03 28.06
N ILE A 148 25.51 -0.16 27.37
CA ILE A 148 24.19 0.24 27.80
C ILE A 148 23.19 0.05 26.65
N SER A 149 21.91 0.04 27.02
CA SER A 149 20.80 -0.09 26.10
C SER A 149 20.01 1.22 26.05
N GLY A 150 19.59 1.60 24.82
CA GLY A 150 18.67 2.71 24.60
C GLY A 150 17.20 2.27 24.52
N ALA A 151 16.93 1.02 24.91
CA ALA A 151 15.60 0.40 25.00
C ALA A 151 15.00 0.27 23.60
N SER A 152 13.70 -0.06 23.52
CA SER A 152 13.04 -0.22 22.24
C SER A 152 12.37 1.09 21.83
N CYS A 153 11.93 1.14 20.55
CA CYS A 153 11.06 2.20 20.05
C CYS A 153 9.80 2.33 20.93
N THR A 154 9.14 1.21 21.19
CA THR A 154 7.87 1.22 21.93
C THR A 154 8.10 1.69 23.36
N THR A 155 9.18 1.22 24.00
CA THR A 155 9.47 1.62 25.36
C THR A 155 9.75 3.13 25.45
N ASN A 156 10.41 3.73 24.44
CA ASN A 156 10.65 5.18 24.44
C ASN A 156 9.39 6.00 24.21
N CYS A 157 8.31 5.37 23.74
CA CYS A 157 7.03 6.05 23.58
C CYS A 157 6.19 5.88 24.84
N LEU A 158 6.17 4.67 25.38
CA LEU A 158 5.30 4.31 26.49
C LEU A 158 5.83 4.89 27.79
N ALA A 159 7.14 4.78 28.05
CA ALA A 159 7.68 5.05 29.37
C ALA A 159 7.50 6.53 29.73
N PRO A 160 7.73 7.50 28.82
CA PRO A 160 7.51 8.91 29.14
C PRO A 160 6.07 9.25 29.52
N MET A 161 5.12 8.62 28.85
CA MET A 161 3.70 8.87 29.10
C MET A 161 3.31 8.21 30.41
N ALA A 162 3.78 6.98 30.60
CA ALA A 162 3.50 6.20 31.80
C ALA A 162 4.08 6.88 33.03
N LYS A 163 5.30 7.46 32.94
CA LYS A 163 5.88 8.06 34.11
C LYS A 163 5.02 9.23 34.60
N VAL A 164 4.58 10.08 33.66
CA VAL A 164 3.82 11.27 34.02
C VAL A 164 2.53 10.84 34.71
N LEU A 165 1.82 9.87 34.12
CA LEU A 165 0.50 9.50 34.62
C LEU A 165 0.64 8.70 35.92
N ASN A 166 1.66 7.85 36.02
CA ASN A 166 1.95 7.14 37.27
C ASN A 166 2.31 8.15 38.37
N ASP A 167 3.20 9.09 38.10
CA ASP A 167 3.55 10.12 39.08
C ASP A 167 2.32 10.88 39.56
N LYS A 168 1.36 11.17 38.68
CA LYS A 168 0.22 12.02 39.02
C LYS A 168 -0.91 11.25 39.69
N PHE A 169 -1.27 10.10 39.12
CA PHE A 169 -2.49 9.41 39.47
C PHE A 169 -2.23 8.00 40.01
N GLY A 170 -1.08 7.41 39.67
CA GLY A 170 -0.80 6.05 40.10
C GLY A 170 -1.45 5.05 39.15
N ILE A 171 -0.59 4.29 38.46
CA ILE A 171 -1.07 3.21 37.59
C ILE A 171 -1.03 1.93 38.40
N GLU A 172 -2.16 1.22 38.48
CA GLU A 172 -2.19 -0.04 39.21
C GLU A 172 -1.75 -1.17 38.29
N ASN A 173 -2.34 -1.23 37.09
CA ASN A 173 -1.95 -2.18 36.06
C ASN A 173 -2.42 -1.63 34.72
N GLY A 174 -1.90 -2.17 33.62
CA GLY A 174 -2.25 -1.67 32.30
C GLY A 174 -1.93 -2.67 31.20
N LEU A 175 -2.75 -2.72 30.13
CA LEU A 175 -2.39 -3.47 28.93
C LEU A 175 -2.35 -2.56 27.72
N MET A 176 -1.36 -2.78 26.86
CA MET A 176 -1.11 -1.90 25.72
C MET A 176 -1.23 -2.68 24.42
N THR A 177 -1.66 -1.95 23.40
CA THR A 177 -1.56 -2.39 22.02
C THR A 177 -0.77 -1.34 21.27
N THR A 178 0.27 -1.78 20.58
CA THR A 178 1.02 -0.88 19.71
C THR A 178 0.64 -1.19 18.28
N VAL A 179 0.19 -0.16 17.58
CA VAL A 179 -0.15 -0.27 16.17
C VAL A 179 1.02 0.33 15.42
N HIS A 180 1.74 -0.56 14.74
CA HIS A 180 3.15 -0.35 14.45
C HIS A 180 3.41 -0.58 12.96
N ALA A 181 4.21 0.33 12.38
CA ALA A 181 4.70 0.20 11.02
C ALA A 181 5.45 -1.12 10.87
N TYR A 182 5.39 -1.71 9.67
CA TYR A 182 6.09 -2.96 9.44
C TYR A 182 7.59 -2.68 9.51
N THR A 183 8.34 -3.72 9.86
CA THR A 183 9.78 -3.65 10.02
C THR A 183 10.45 -4.66 9.11
N GLY A 184 11.77 -4.49 8.94
CA GLY A 184 12.55 -5.28 8.00
C GLY A 184 12.48 -6.79 8.25
N ASP A 185 12.18 -7.20 9.48
CA ASP A 185 12.18 -8.61 9.84
C ASP A 185 10.97 -9.32 9.21
N GLN A 186 9.92 -8.58 8.87
CA GLN A 186 8.72 -9.19 8.31
C GLN A 186 8.93 -9.54 6.84
N ARG A 187 8.11 -10.44 6.32
CA ARG A 187 8.27 -10.90 4.95
C ARG A 187 7.35 -10.11 4.02
N LEU A 188 7.85 -9.84 2.80
CA LEU A 188 7.09 -9.14 1.77
C LEU A 188 6.03 -10.07 1.19
N HIS A 189 6.39 -11.33 0.89
CA HIS A 189 5.45 -12.37 0.49
C HIS A 189 5.42 -13.43 1.59
N ASP A 190 4.32 -14.18 1.67
CA ASP A 190 4.20 -15.30 2.60
C ASP A 190 5.41 -16.23 2.46
N ALA A 191 6.22 -16.33 3.53
CA ALA A 191 7.50 -17.00 3.48
C ALA A 191 8.04 -17.28 4.90
N SER A 192 9.12 -18.04 4.94
CA SER A 192 9.68 -18.56 6.16
C SER A 192 9.91 -17.46 7.21
N HIS A 193 9.47 -17.76 8.43
CA HIS A 193 9.73 -16.95 9.60
C HIS A 193 9.47 -17.84 10.80
N ARG A 194 10.26 -17.66 11.85
CA ARG A 194 10.02 -18.29 13.16
C ARG A 194 8.69 -17.83 13.77
N ASP A 195 8.26 -16.59 13.51
CA ASP A 195 6.93 -16.12 13.87
C ASP A 195 5.96 -16.37 12.69
N LEU A 196 5.01 -17.29 12.90
CA LEU A 196 4.08 -17.72 11.87
C LEU A 196 3.21 -16.58 11.39
N ARG A 197 3.03 -15.51 12.19
CA ARG A 197 2.29 -14.34 11.70
C ARG A 197 3.20 -13.37 10.96
N ARG A 198 4.42 -13.13 11.47
CA ARG A 198 5.40 -12.31 10.76
C ARG A 198 5.84 -12.93 9.44
N ALA A 199 5.53 -14.22 9.22
CA ALA A 199 5.73 -14.88 7.93
C ALA A 199 4.89 -14.28 6.81
N ARG A 200 3.86 -13.48 7.17
CA ARG A 200 2.74 -13.22 6.29
C ARG A 200 2.92 -11.84 5.66
N ALA A 201 2.65 -11.78 4.35
CA ALA A 201 2.94 -10.61 3.52
C ALA A 201 2.65 -9.29 4.25
N ALA A 202 3.68 -8.51 4.52
CA ALA A 202 3.59 -7.43 5.49
C ALA A 202 2.70 -6.29 5.03
N ALA A 203 2.71 -5.98 3.71
CA ALA A 203 2.12 -4.74 3.25
C ALA A 203 0.65 -4.93 2.89
N VAL A 204 0.09 -6.13 3.05
CA VAL A 204 -1.35 -6.38 2.84
C VAL A 204 -2.02 -7.01 4.07
N ASN A 205 -1.33 -7.12 5.19
CA ASN A 205 -1.86 -7.76 6.39
C ASN A 205 -1.75 -6.84 7.60
N ILE A 206 -2.76 -6.88 8.47
CA ILE A 206 -2.56 -6.62 9.89
C ILE A 206 -2.00 -7.90 10.53
N VAL A 207 -0.84 -7.78 11.20
CA VAL A 207 -0.04 -8.89 11.70
C VAL A 207 0.19 -8.73 13.20
N PRO A 208 -0.53 -9.50 14.04
CA PRO A 208 -0.23 -9.53 15.47
C PRO A 208 1.13 -10.16 15.71
N THR A 209 1.86 -9.56 16.66
CA THR A 209 3.14 -10.09 17.10
C THR A 209 3.41 -9.63 18.52
N SER A 210 4.34 -10.29 19.19
CA SER A 210 4.58 -10.03 20.60
C SER A 210 5.64 -8.95 20.72
N THR A 211 5.54 -8.14 21.76
CA THR A 211 6.60 -7.23 22.17
C THR A 211 6.72 -7.30 23.69
N GLY A 212 7.96 -7.28 24.18
CA GLY A 212 8.24 -7.16 25.61
C GLY A 212 8.32 -5.71 26.08
N ALA A 213 7.86 -4.76 25.24
CA ALA A 213 8.14 -3.34 25.44
C ALA A 213 7.46 -2.78 26.68
N ALA A 214 6.28 -3.36 27.04
CA ALA A 214 5.49 -2.95 28.20
C ALA A 214 6.12 -3.50 29.48
N LYS A 215 6.56 -4.75 29.48
CA LYS A 215 7.32 -5.30 30.60
C LYS A 215 8.64 -4.57 30.79
N ALA A 216 9.35 -4.27 29.70
CA ALA A 216 10.66 -3.59 29.74
C ALA A 216 10.58 -2.17 30.30
N VAL A 217 9.40 -1.55 30.36
CA VAL A 217 9.24 -0.30 31.09
C VAL A 217 9.76 -0.43 32.52
N ALA A 218 9.82 -1.65 33.06
CA ALA A 218 10.20 -1.86 34.44
C ALA A 218 11.68 -1.54 34.66
N LEU A 219 12.52 -1.79 33.65
CA LEU A 219 13.94 -1.47 33.73
C LEU A 219 14.20 0.02 33.91
N VAL A 220 13.25 0.85 33.53
CA VAL A 220 13.43 2.26 33.38
C VAL A 220 12.57 2.96 34.44
N LEU A 221 11.46 2.33 34.83
CA LEU A 221 10.58 2.79 35.88
C LEU A 221 10.28 1.61 36.83
N PRO A 222 11.13 1.32 37.83
CA PRO A 222 10.93 0.14 38.68
C PRO A 222 9.56 0.08 39.37
N GLU A 223 8.96 1.25 39.66
CA GLU A 223 7.64 1.30 40.27
C GLU A 223 6.61 0.51 39.45
N LEU A 224 6.83 0.39 38.13
CA LEU A 224 5.83 -0.22 37.26
C LEU A 224 6.16 -1.69 36.95
N LYS A 225 7.08 -2.27 37.72
CA LYS A 225 7.49 -3.65 37.55
C LYS A 225 6.28 -4.56 37.76
N GLY A 226 6.00 -5.38 36.75
CA GLY A 226 5.00 -6.42 36.84
C GLY A 226 3.59 -5.91 36.56
N LYS A 227 3.47 -4.63 36.21
CA LYS A 227 2.15 -4.00 36.15
C LYS A 227 1.64 -3.85 34.73
N LEU A 228 2.52 -3.92 33.72
CA LEU A 228 2.17 -3.63 32.33
C LEU A 228 2.50 -4.82 31.44
N ASP A 229 1.61 -5.12 30.48
CA ASP A 229 1.95 -6.04 29.41
C ASP A 229 1.28 -5.53 28.13
N GLY A 230 1.59 -6.18 27.01
CA GLY A 230 0.97 -5.76 25.76
C GLY A 230 1.48 -6.57 24.57
N TYR A 231 1.07 -6.14 23.37
CA TYR A 231 1.46 -6.77 22.13
C TYR A 231 1.37 -5.71 21.03
N ALA A 232 1.71 -6.13 19.81
CA ALA A 232 1.79 -5.27 18.65
C ALA A 232 0.87 -5.76 17.54
N LEU A 233 0.30 -4.82 16.80
CA LEU A 233 -0.31 -5.09 15.51
C LEU A 233 0.51 -4.37 14.46
N ARG A 234 1.24 -5.14 13.64
CA ARG A 234 1.97 -4.55 12.52
C ARG A 234 0.99 -4.28 11.37
N VAL A 235 1.09 -3.06 10.81
CA VAL A 235 0.17 -2.64 9.77
C VAL A 235 0.93 -2.02 8.60
N PRO A 236 0.30 -1.99 7.42
CA PRO A 236 0.95 -1.47 6.20
C PRO A 236 1.20 0.04 6.11
N VAL A 237 2.09 0.54 6.98
CA VAL A 237 2.77 1.80 6.77
C VAL A 237 4.24 1.52 7.03
N ILE A 238 5.12 2.23 6.33
CA ILE A 238 6.54 1.89 6.31
C ILE A 238 7.26 2.43 7.54
N THR A 239 6.74 3.52 8.12
CA THR A 239 7.22 4.00 9.40
C THR A 239 6.12 4.83 10.07
N GLY A 240 6.19 4.96 11.40
CA GLY A 240 5.17 5.64 12.19
C GLY A 240 4.29 4.61 12.89
N SER A 241 4.10 4.84 14.18
CA SER A 241 3.41 3.89 15.04
C SER A 241 2.65 4.66 16.11
N ALA A 242 1.72 3.94 16.76
CA ALA A 242 1.06 4.43 17.96
C ALA A 242 1.02 3.35 19.05
N THR A 243 1.18 3.80 20.29
CA THR A 243 1.05 2.97 21.48
C THR A 243 -0.22 3.37 22.23
N ASP A 244 -1.13 2.41 22.39
CA ASP A 244 -2.42 2.58 23.03
C ASP A 244 -2.35 1.84 24.38
N LEU A 245 -2.38 2.59 25.48
CA LEU A 245 -2.30 1.99 26.80
C LEU A 245 -3.64 2.12 27.51
N THR A 246 -4.15 1.00 28.00
CA THR A 246 -5.36 1.01 28.80
C THR A 246 -4.98 0.59 30.21
N PHE A 247 -5.28 1.44 31.20
CA PHE A 247 -4.81 1.21 32.55
C PHE A 247 -5.86 1.59 33.59
N ASN A 248 -5.71 0.98 34.77
CA ASN A 248 -6.52 1.26 35.94
C ASN A 248 -5.72 2.13 36.90
N THR A 249 -6.43 3.06 37.52
CA THR A 249 -5.90 3.90 38.59
C THR A 249 -6.93 3.97 39.70
N LYS A 250 -6.45 4.18 40.93
CA LYS A 250 -7.34 4.39 42.05
C LYS A 250 -7.76 5.85 42.10
N SER A 251 -7.03 6.72 41.38
CA SER A 251 -7.35 8.14 41.33
C SER A 251 -8.69 8.38 40.63
N GLU A 252 -9.35 9.45 41.05
CA GLU A 252 -10.51 10.00 40.36
C GLU A 252 -9.99 10.87 39.20
N VAL A 253 -10.32 10.48 37.96
CA VAL A 253 -9.74 11.12 36.79
C VAL A 253 -10.85 11.41 35.77
N THR A 254 -10.55 12.40 34.92
CA THR A 254 -11.36 12.74 33.76
C THR A 254 -10.45 12.75 32.54
N VAL A 255 -11.07 12.67 31.34
CA VAL A 255 -10.36 12.97 30.11
C VAL A 255 -9.57 14.26 30.30
N GLU A 256 -10.23 15.33 30.79
CA GLU A 256 -9.58 16.62 30.96
C GLU A 256 -8.39 16.54 31.91
N SER A 257 -8.51 15.83 33.05
CA SER A 257 -7.42 15.79 34.03
C SER A 257 -6.26 14.90 33.55
N ILE A 258 -6.54 13.83 32.80
CA ILE A 258 -5.48 13.02 32.21
C ILE A 258 -4.67 13.88 31.23
N ASN A 259 -5.38 14.57 30.35
CA ASN A 259 -4.72 15.37 29.33
C ASN A 259 -3.96 16.50 29.99
N ALA A 260 -4.52 17.06 31.06
CA ALA A 260 -3.91 18.24 31.69
C ALA A 260 -2.56 17.86 32.27
N ALA A 261 -2.47 16.66 32.81
CA ALA A 261 -1.25 16.15 33.43
C ALA A 261 -0.15 16.00 32.39
N ILE A 262 -0.47 15.46 31.21
CA ILE A 262 0.55 15.39 30.17
C ILE A 262 0.98 16.80 29.77
N LYS A 263 0.03 17.70 29.55
CA LYS A 263 0.38 19.01 29.03
C LYS A 263 1.31 19.77 29.98
N GLU A 264 1.08 19.68 31.29
CA GLU A 264 1.92 20.42 32.24
C GLU A 264 3.31 19.76 32.28
N ALA A 265 3.43 18.43 32.07
CA ALA A 265 4.75 17.78 32.06
C ALA A 265 5.57 18.06 30.80
N ALA A 266 4.89 18.14 29.64
CA ALA A 266 5.57 18.14 28.34
C ALA A 266 6.09 19.53 28.01
N VAL A 267 7.12 19.94 28.75
CA VAL A 267 7.72 21.25 28.60
C VAL A 267 9.21 21.09 28.84
N GLY A 268 9.99 22.09 28.43
CA GLY A 268 11.41 22.11 28.71
C GLY A 268 12.11 20.91 28.06
N GLU A 269 13.16 20.43 28.73
CA GLU A 269 13.95 19.38 28.14
C GLU A 269 13.09 18.12 27.98
N PHE A 270 12.27 17.80 29.00
CA PHE A 270 11.46 16.59 28.98
C PHE A 270 10.49 16.62 27.79
N GLY A 271 9.99 17.82 27.45
CA GLY A 271 9.15 18.07 26.28
C GLY A 271 9.81 17.80 24.92
N GLU A 272 11.14 17.68 24.85
CA GLU A 272 11.78 17.21 23.62
C GLU A 272 11.64 15.70 23.49
N THR A 273 11.31 15.00 24.58
CA THR A 273 11.05 13.57 24.58
C THR A 273 9.54 13.29 24.43
N LEU A 274 8.71 14.01 25.18
CA LEU A 274 7.26 13.86 25.20
C LEU A 274 6.60 15.17 24.79
N ALA A 275 5.89 15.11 23.67
CA ALA A 275 5.10 16.24 23.20
C ALA A 275 3.64 15.98 23.54
N TYR A 276 2.93 17.07 23.75
CA TYR A 276 1.49 17.07 23.96
C TYR A 276 0.85 17.67 22.73
N SER A 277 -0.15 16.99 22.15
CA SER A 277 -0.77 17.47 20.94
C SER A 277 -2.30 17.46 21.04
N GLU A 278 -2.93 18.53 20.55
CA GLU A 278 -4.37 18.54 20.32
C GLU A 278 -4.71 18.62 18.84
N GLU A 279 -3.73 18.28 17.98
CA GLU A 279 -3.85 18.42 16.53
C GLU A 279 -4.53 17.18 15.98
N PRO A 280 -5.10 17.22 14.76
CA PRO A 280 -5.73 16.05 14.16
C PRO A 280 -4.76 15.11 13.45
N LEU A 281 -3.87 14.53 14.25
CA LEU A 281 -2.70 13.81 13.76
C LEU A 281 -3.08 12.49 13.08
N VAL A 282 -2.39 12.18 11.98
CA VAL A 282 -2.38 10.83 11.41
C VAL A 282 -0.90 10.44 11.35
N SER A 283 -0.62 9.20 10.97
CA SER A 283 0.72 8.65 11.15
C SER A 283 1.74 9.47 10.37
N THR A 284 1.37 9.98 9.19
CA THR A 284 2.35 10.67 8.37
C THR A 284 2.75 11.98 9.01
N ASP A 285 1.91 12.51 9.91
CA ASP A 285 2.25 13.76 10.59
C ASP A 285 3.37 13.58 11.61
N ILE A 286 3.67 12.36 12.02
CA ILE A 286 4.73 12.19 13.00
C ILE A 286 5.97 11.55 12.38
N VAL A 287 5.92 11.27 11.07
CA VAL A 287 7.11 10.83 10.36
C VAL A 287 8.16 11.96 10.44
N HIS A 288 9.37 11.59 10.85
CA HIS A 288 10.49 12.52 11.03
C HIS A 288 10.21 13.44 12.23
N ASP A 289 9.31 13.07 13.13
CA ASP A 289 9.15 13.81 14.38
C ASP A 289 10.23 13.35 15.38
N SER A 290 10.93 14.33 16.00
CA SER A 290 12.08 14.09 16.85
C SER A 290 11.67 13.58 18.25
N HIS A 291 10.38 13.58 18.58
CA HIS A 291 10.00 13.18 19.93
C HIS A 291 9.98 11.66 20.06
N GLY A 292 10.23 11.19 21.29
CA GLY A 292 10.08 9.78 21.59
C GLY A 292 8.60 9.38 21.67
N SER A 293 7.74 10.34 22.01
CA SER A 293 6.38 10.07 22.42
C SER A 293 5.56 11.32 22.09
N ILE A 294 4.50 11.20 21.26
CA ILE A 294 3.65 12.33 20.91
C ILE A 294 2.24 12.01 21.39
N PHE A 295 1.89 12.57 22.57
CA PHE A 295 0.64 12.24 23.22
C PHE A 295 -0.51 12.89 22.47
N ASP A 296 -1.55 12.11 22.14
CA ASP A 296 -2.67 12.57 21.34
C ASP A 296 -3.86 12.79 22.26
N ALA A 297 -4.14 14.05 22.61
CA ALA A 297 -5.14 14.35 23.63
C ALA A 297 -6.53 14.01 23.15
N GLY A 298 -6.74 14.01 21.82
CA GLY A 298 -8.05 13.74 21.25
C GLY A 298 -8.49 12.28 21.37
N LEU A 299 -7.57 11.37 21.76
CA LEU A 299 -7.84 9.93 21.80
C LEU A 299 -8.00 9.43 23.23
N THR A 300 -7.74 10.32 24.22
CA THR A 300 -7.89 9.94 25.62
C THR A 300 -9.34 9.57 25.89
N LYS A 301 -9.56 8.43 26.53
CA LYS A 301 -10.88 8.02 26.97
C LYS A 301 -10.83 7.56 28.43
N VAL A 302 -11.93 7.78 29.18
CA VAL A 302 -12.04 7.37 30.57
C VAL A 302 -13.39 6.70 30.77
N SER A 303 -13.37 5.52 31.36
CA SER A 303 -14.58 4.85 31.79
C SER A 303 -14.36 4.43 33.24
N GLY A 304 -14.97 5.19 34.17
CA GLY A 304 -14.81 4.97 35.60
C GLY A 304 -13.38 5.21 36.05
N ASN A 305 -12.68 4.12 36.42
CA ASN A 305 -11.30 4.18 36.88
C ASN A 305 -10.37 3.59 35.84
N THR A 306 -10.91 3.30 34.65
CA THR A 306 -10.12 2.81 33.53
C THR A 306 -9.87 3.92 32.49
N VAL A 307 -8.60 4.04 32.08
CA VAL A 307 -8.13 5.11 31.21
C VAL A 307 -7.53 4.52 29.94
N LYS A 308 -7.88 5.09 28.78
CA LYS A 308 -7.13 4.82 27.56
C LYS A 308 -6.42 6.08 27.07
N VAL A 309 -5.10 5.96 26.86
CA VAL A 309 -4.30 7.02 26.28
C VAL A 309 -3.52 6.48 25.08
N VAL A 310 -3.30 7.37 24.10
CA VAL A 310 -2.61 7.01 22.87
C VAL A 310 -1.46 8.01 22.62
N SER A 311 -0.26 7.48 22.35
CA SER A 311 0.90 8.26 22.00
C SER A 311 1.52 7.75 20.69
N TRP A 312 1.86 8.69 19.80
CA TRP A 312 2.53 8.41 18.53
C TRP A 312 4.04 8.37 18.69
N TYR A 313 4.68 7.68 17.74
CA TYR A 313 6.12 7.70 17.62
C TYR A 313 6.54 7.32 16.20
N ASP A 314 7.53 8.04 15.68
CA ASP A 314 8.28 7.53 14.54
C ASP A 314 9.30 6.55 15.09
N ASN A 315 8.97 5.27 14.92
CA ASN A 315 9.77 4.15 15.39
C ASN A 315 11.19 4.18 14.84
N GLU A 316 11.42 4.80 13.66
CA GLU A 316 12.75 5.04 13.13
C GLU A 316 13.32 6.35 13.70
N TRP A 317 12.80 7.49 13.26
CA TRP A 317 13.44 8.78 13.55
C TRP A 317 13.30 9.17 15.03
N GLY A 318 12.10 9.00 15.57
CA GLY A 318 11.84 9.36 16.95
C GLY A 318 12.71 8.57 17.92
N TYR A 319 12.73 7.24 17.76
CA TYR A 319 13.63 6.43 18.54
C TYR A 319 15.07 6.92 18.34
N THR A 320 15.46 7.14 17.08
CA THR A 320 16.82 7.56 16.78
C THR A 320 17.15 8.87 17.50
N CYS A 321 16.20 9.80 17.56
CA CYS A 321 16.45 11.05 18.27
C CYS A 321 16.60 10.81 19.77
N GLN A 322 15.91 9.82 20.34
CA GLN A 322 16.12 9.47 21.73
C GLN A 322 17.53 8.90 21.87
N LEU A 323 17.93 8.05 20.92
CA LEU A 323 19.24 7.41 21.00
C LEU A 323 20.34 8.47 20.94
N LEU A 324 20.13 9.52 20.12
CA LEU A 324 21.08 10.62 19.99
C LEU A 324 21.14 11.44 21.27
N ARG A 325 19.99 11.69 21.90
CA ARG A 325 20.00 12.34 23.21
C ARG A 325 20.87 11.56 24.19
N LEU A 326 20.73 10.23 24.20
CA LEU A 326 21.50 9.40 25.12
C LEU A 326 22.98 9.50 24.77
N THR A 327 23.29 9.45 23.47
CA THR A 327 24.67 9.46 23.02
C THR A 327 25.32 10.79 23.44
N GLU A 328 24.55 11.88 23.34
CA GLU A 328 25.05 13.21 23.66
C GLU A 328 25.40 13.30 25.14
N LEU A 329 24.57 12.69 25.97
CA LEU A 329 24.83 12.62 27.41
C LEU A 329 26.12 11.84 27.69
N VAL A 330 26.25 10.64 27.12
CA VAL A 330 27.43 9.83 27.30
C VAL A 330 28.63 10.67 26.87
N ALA A 331 28.53 11.34 25.72
CA ALA A 331 29.61 12.12 25.15
C ALA A 331 30.01 13.29 26.05
N SER A 332 29.07 13.80 26.85
CA SER A 332 29.27 14.97 27.69
C SER A 332 29.92 14.64 29.03
N LYS A 333 30.00 13.36 29.39
CA LYS A 333 30.55 13.00 30.69
C LYS A 333 31.82 12.20 30.47
N LEU A 334 32.36 11.63 31.56
CA LEU A 334 33.67 11.01 31.54
C LEU A 334 33.72 9.87 30.53
N LEU A 335 34.73 9.93 29.66
CA LEU A 335 35.11 8.82 28.78
C LEU A 335 36.52 8.34 29.18
N GLU A 336 36.58 7.50 30.22
CA GLU A 336 37.81 7.16 30.94
C GLU A 336 38.56 8.43 31.34
N THR B 2 7.70 42.86 -5.73
CA THR B 2 6.94 41.61 -5.51
C THR B 2 5.73 41.60 -6.45
N ILE B 3 5.50 40.45 -7.09
CA ILE B 3 4.27 40.23 -7.82
C ILE B 3 3.40 39.34 -6.95
N ARG B 4 2.13 39.77 -6.78
CA ARG B 4 1.19 39.14 -5.87
C ARG B 4 0.35 38.12 -6.63
N VAL B 5 0.18 36.93 -6.04
CA VAL B 5 -0.43 35.79 -6.72
C VAL B 5 -1.67 35.35 -5.95
N GLY B 6 -2.66 34.83 -6.68
CA GLY B 6 -3.85 34.19 -6.13
C GLY B 6 -3.91 32.72 -6.54
N ILE B 7 -4.49 31.88 -5.68
CA ILE B 7 -4.71 30.49 -6.04
C ILE B 7 -6.20 30.21 -6.00
N ASN B 8 -6.76 29.75 -7.13
CA ASN B 8 -8.09 29.18 -7.20
C ASN B 8 -8.04 27.66 -7.21
N GLY B 9 -8.42 27.05 -6.08
CA GLY B 9 -8.37 25.61 -5.94
C GLY B 9 -7.14 25.17 -5.17
N PHE B 10 -7.35 24.98 -3.85
CA PHE B 10 -6.27 24.76 -2.90
C PHE B 10 -6.21 23.25 -2.62
N GLY B 11 -6.04 22.48 -3.71
CA GLY B 11 -5.92 21.04 -3.65
C GLY B 11 -4.46 20.61 -3.61
N ARG B 12 -4.21 19.39 -4.06
CA ARG B 12 -2.84 18.91 -4.13
C ARG B 12 -1.97 19.95 -4.81
N ILE B 13 -2.33 20.37 -6.04
CA ILE B 13 -1.43 21.22 -6.81
C ILE B 13 -1.38 22.62 -6.24
N GLY B 14 -2.54 23.15 -5.84
CA GLY B 14 -2.59 24.46 -5.21
C GLY B 14 -1.64 24.57 -4.02
N ARG B 15 -1.68 23.54 -3.16
CA ARG B 15 -0.94 23.52 -1.91
C ARG B 15 0.54 23.25 -2.17
N ASN B 16 0.86 22.36 -3.13
CA ASN B 16 2.23 22.25 -3.59
C ASN B 16 2.75 23.61 -4.06
N PHE B 17 1.92 24.32 -4.83
CA PHE B 17 2.36 25.57 -5.42
C PHE B 17 2.63 26.63 -4.34
N PHE B 18 1.75 26.66 -3.32
CA PHE B 18 1.94 27.54 -2.18
C PHE B 18 3.30 27.29 -1.54
N ARG B 19 3.63 26.01 -1.29
CA ARG B 19 4.88 25.69 -0.64
C ARG B 19 6.08 25.97 -1.55
N ALA B 20 5.88 25.75 -2.86
CA ALA B 20 6.93 25.98 -3.83
C ALA B 20 7.32 27.47 -3.86
N VAL B 21 6.31 28.34 -3.79
CA VAL B 21 6.56 29.77 -3.73
C VAL B 21 7.41 30.12 -2.49
N LEU B 22 7.06 29.55 -1.32
CA LEU B 22 7.77 29.86 -0.09
C LEU B 22 9.22 29.39 -0.14
N GLU B 23 9.43 28.21 -0.71
CA GLU B 23 10.73 27.57 -0.77
C GLU B 23 11.61 28.15 -1.88
N ARG B 24 11.05 28.51 -3.05
CA ARG B 24 11.84 28.67 -4.25
C ARG B 24 11.76 30.06 -4.88
N SER B 25 10.81 30.92 -4.47
CA SER B 25 10.67 32.25 -5.04
C SER B 25 11.15 33.30 -4.06
N ASP B 26 11.73 34.38 -4.57
CA ASP B 26 11.97 35.56 -3.74
C ASP B 26 11.24 36.79 -4.28
N ASP B 27 10.37 36.62 -5.28
CA ASP B 27 9.68 37.77 -5.85
C ASP B 27 8.19 37.53 -6.02
N LEU B 28 7.67 36.36 -5.63
CA LEU B 28 6.24 36.13 -5.68
C LEU B 28 5.76 35.99 -4.25
N GLU B 29 4.52 36.39 -4.00
CA GLU B 29 3.85 36.18 -2.73
C GLU B 29 2.40 35.81 -3.02
N VAL B 30 1.91 34.75 -2.38
CA VAL B 30 0.50 34.37 -2.45
C VAL B 30 -0.25 35.13 -1.37
N VAL B 31 -1.20 35.98 -1.79
CA VAL B 31 -1.90 36.86 -0.86
C VAL B 31 -3.39 36.54 -0.78
N ALA B 32 -3.88 35.62 -1.59
CA ALA B 32 -5.30 35.32 -1.54
C ALA B 32 -5.53 33.94 -2.13
N VAL B 33 -6.46 33.20 -1.52
CA VAL B 33 -6.78 31.84 -1.92
C VAL B 33 -8.30 31.72 -1.98
N ASN B 34 -8.80 31.03 -3.02
CA ASN B 34 -10.18 30.63 -3.07
C ASN B 34 -10.27 29.10 -3.18
N ASP B 35 -11.19 28.49 -2.42
CA ASP B 35 -11.33 27.05 -2.40
C ASP B 35 -12.70 26.70 -1.83
N SER B 36 -13.10 25.42 -1.87
CA SER B 36 -14.35 24.98 -1.32
C SER B 36 -14.32 24.84 0.20
N LYS B 37 -13.14 24.70 0.78
CA LYS B 37 -12.99 24.32 2.18
C LYS B 37 -13.27 25.51 3.11
N ASP B 38 -13.69 25.18 4.33
CA ASP B 38 -13.77 26.15 5.41
C ASP B 38 -12.36 26.37 5.93
N ASN B 39 -12.18 27.45 6.69
CA ASN B 39 -10.84 27.91 7.03
C ASN B 39 -10.15 26.92 7.94
N LYS B 40 -10.93 26.23 8.80
CA LYS B 40 -10.36 25.27 9.72
C LYS B 40 -9.74 24.10 8.94
N THR B 41 -10.45 23.65 7.91
CA THR B 41 -10.03 22.51 7.11
C THR B 41 -8.89 22.93 6.20
N LEU B 42 -9.00 24.13 5.62
CA LEU B 42 -7.99 24.61 4.68
C LEU B 42 -6.66 24.81 5.40
N SER B 43 -6.65 25.52 6.55
CA SER B 43 -5.43 25.71 7.32
C SER B 43 -4.86 24.37 7.79
N THR B 44 -5.73 23.41 8.16
CA THR B 44 -5.27 22.11 8.63
C THR B 44 -4.51 21.38 7.54
N LEU B 45 -5.07 21.36 6.31
CA LEU B 45 -4.48 20.63 5.19
C LEU B 45 -3.25 21.36 4.65
N LEU B 46 -3.14 22.65 4.95
CA LEU B 46 -1.92 23.38 4.65
C LEU B 46 -0.83 23.04 5.67
N LYS B 47 -1.18 23.00 6.96
CA LYS B 47 -0.21 22.72 8.01
C LYS B 47 0.37 21.30 7.89
N PHE B 48 -0.49 20.33 7.60
CA PHE B 48 -0.12 18.93 7.59
C PHE B 48 -0.24 18.39 6.18
N ASP B 49 0.76 17.63 5.72
CA ASP B 49 0.69 17.02 4.42
C ASP B 49 1.21 15.59 4.47
N SER B 50 0.43 14.64 3.97
CA SER B 50 0.80 13.24 3.96
C SER B 50 2.03 12.94 3.10
N ILE B 51 2.34 13.82 2.14
CA ILE B 51 3.48 13.63 1.25
C ILE B 51 4.61 14.57 1.67
N MET B 52 4.30 15.85 1.92
CA MET B 52 5.33 16.88 2.05
C MET B 52 5.73 17.12 3.51
N GLY B 53 4.99 16.54 4.46
CA GLY B 53 5.25 16.76 5.88
C GLY B 53 4.72 18.11 6.37
N ARG B 54 5.10 18.48 7.60
CA ARG B 54 4.59 19.69 8.23
C ARG B 54 5.08 20.94 7.50
N LEU B 55 4.25 21.98 7.42
CA LEU B 55 4.71 23.29 6.97
C LEU B 55 5.63 23.86 8.05
N GLY B 56 6.79 24.37 7.63
CA GLY B 56 7.75 24.85 8.61
C GLY B 56 7.43 26.25 9.13
N GLN B 57 6.19 26.71 8.92
CA GLN B 57 5.78 28.03 9.36
C GLN B 57 4.50 27.91 10.19
N GLU B 58 4.31 28.84 11.12
CA GLU B 58 3.09 28.84 11.92
C GLU B 58 1.90 29.17 11.02
N VAL B 59 0.79 28.48 11.25
CA VAL B 59 -0.47 28.74 10.56
C VAL B 59 -1.55 29.03 11.59
N GLU B 60 -2.26 30.14 11.40
CA GLU B 60 -3.44 30.46 12.20
C GLU B 60 -4.58 30.76 11.22
N TYR B 61 -5.83 30.85 11.73
CA TYR B 61 -6.97 31.19 10.89
C TYR B 61 -8.02 31.96 11.71
N ASP B 62 -8.87 32.71 11.01
CA ASP B 62 -10.01 33.35 11.61
C ASP B 62 -11.16 33.23 10.62
N ASP B 63 -12.19 34.09 10.73
CA ASP B 63 -13.40 33.93 9.94
C ASP B 63 -13.14 34.22 8.46
N ASP B 64 -12.12 34.99 8.07
CA ASP B 64 -11.99 35.18 6.63
C ASP B 64 -10.53 35.25 6.17
N SER B 65 -9.64 34.58 6.89
CA SER B 65 -8.24 34.58 6.52
C SER B 65 -7.52 33.41 7.16
N ILE B 66 -6.34 33.10 6.62
CA ILE B 66 -5.31 32.35 7.30
C ILE B 66 -4.09 33.26 7.45
N THR B 67 -3.21 32.93 8.41
CA THR B 67 -2.00 33.69 8.65
C THR B 67 -0.86 32.69 8.68
N VAL B 68 0.08 32.85 7.75
CA VAL B 68 1.13 31.87 7.52
C VAL B 68 2.46 32.60 7.66
N GLY B 69 3.24 32.19 8.65
CA GLY B 69 4.46 32.89 8.99
C GLY B 69 4.22 34.37 9.30
N GLY B 70 3.07 34.69 9.88
CA GLY B 70 2.72 36.06 10.20
C GLY B 70 2.22 36.89 9.02
N LYS B 71 1.98 36.27 7.84
CA LYS B 71 1.46 36.98 6.68
C LYS B 71 -0.01 36.61 6.47
N ARG B 72 -0.89 37.62 6.48
CA ARG B 72 -2.33 37.41 6.37
C ARG B 72 -2.69 37.17 4.92
N ILE B 73 -3.45 36.12 4.67
CA ILE B 73 -3.84 35.70 3.33
C ILE B 73 -5.35 35.69 3.32
N ALA B 74 -5.98 36.46 2.43
CA ALA B 74 -7.44 36.50 2.37
C ALA B 74 -7.96 35.18 1.78
N VAL B 75 -9.03 34.62 2.37
CA VAL B 75 -9.53 33.33 1.91
C VAL B 75 -11.02 33.48 1.59
N TYR B 76 -11.41 32.85 0.48
CA TYR B 76 -12.76 32.90 -0.06
C TYR B 76 -13.19 31.45 -0.30
N ALA B 77 -14.51 31.25 -0.35
CA ALA B 77 -15.10 29.96 -0.68
C ALA B 77 -16.19 30.12 -1.73
N GLU B 78 -15.84 30.68 -2.88
CA GLU B 78 -16.80 30.96 -3.93
C GLU B 78 -16.66 29.92 -5.03
N ARG B 79 -17.73 29.15 -5.27
CA ARG B 79 -17.68 28.10 -6.28
C ARG B 79 -17.66 28.69 -7.69
N ASP B 80 -18.19 29.91 -7.85
CA ASP B 80 -18.16 30.62 -9.12
C ASP B 80 -17.13 31.73 -9.04
N PRO B 81 -16.05 31.65 -9.86
CA PRO B 81 -15.01 32.66 -9.85
C PRO B 81 -15.51 34.07 -10.17
N LYS B 82 -16.69 34.23 -10.79
CA LYS B 82 -17.16 35.59 -11.07
C LYS B 82 -17.50 36.32 -9.77
N ASN B 83 -17.64 35.57 -8.68
CA ASN B 83 -17.95 36.12 -7.38
C ASN B 83 -16.70 36.44 -6.57
N LEU B 84 -15.52 36.39 -7.22
CA LEU B 84 -14.25 36.78 -6.60
C LEU B 84 -13.88 38.19 -7.01
N ASP B 85 -12.94 38.81 -6.29
CA ASP B 85 -12.34 40.07 -6.69
C ASP B 85 -10.84 40.03 -6.39
N TRP B 86 -10.03 39.79 -7.42
CA TRP B 86 -8.59 39.70 -7.24
C TRP B 86 -7.97 41.09 -7.19
N ALA B 87 -8.52 42.05 -7.92
CA ALA B 87 -7.99 43.41 -7.89
C ALA B 87 -8.06 44.00 -6.49
N ALA B 88 -9.05 43.55 -5.69
CA ALA B 88 -9.19 43.95 -4.29
C ALA B 88 -7.92 43.70 -3.48
N HIS B 89 -7.11 42.71 -3.88
CA HIS B 89 -5.88 42.41 -3.16
C HIS B 89 -4.65 42.64 -4.01
N ASN B 90 -4.83 43.37 -5.13
CA ASN B 90 -3.74 43.76 -6.00
C ASN B 90 -3.00 42.52 -6.47
N VAL B 91 -3.78 41.50 -6.86
CA VAL B 91 -3.27 40.25 -7.40
C VAL B 91 -3.14 40.35 -8.92
N ASP B 92 -1.93 40.08 -9.43
CA ASP B 92 -1.64 40.09 -10.85
C ASP B 92 -1.91 38.75 -11.51
N ILE B 93 -1.51 37.65 -10.87
CA ILE B 93 -1.55 36.32 -11.49
C ILE B 93 -2.37 35.37 -10.62
N VAL B 94 -3.29 34.62 -11.27
CA VAL B 94 -4.07 33.61 -10.59
C VAL B 94 -3.70 32.23 -11.15
N ILE B 95 -3.34 31.31 -10.25
CA ILE B 95 -3.21 29.91 -10.60
C ILE B 95 -4.59 29.28 -10.54
N GLU B 96 -5.00 28.64 -11.62
CA GLU B 96 -6.29 28.01 -11.70
C GLU B 96 -6.06 26.52 -11.59
N SER B 97 -6.23 26.00 -10.36
CA SER B 97 -5.92 24.63 -9.98
C SER B 97 -7.09 23.92 -9.31
N THR B 98 -8.34 24.31 -9.66
CA THR B 98 -9.52 23.58 -9.19
C THR B 98 -9.70 22.30 -9.97
N GLY B 99 -9.30 22.35 -11.25
CA GLY B 99 -9.53 21.24 -12.16
C GLY B 99 -10.88 21.32 -12.87
N VAL B 100 -11.74 22.30 -12.56
CA VAL B 100 -13.07 22.36 -13.18
C VAL B 100 -13.19 23.57 -14.12
N PHE B 101 -12.13 24.38 -14.24
CA PHE B 101 -12.14 25.53 -15.12
C PHE B 101 -10.99 25.47 -16.11
N THR B 102 -10.78 24.30 -16.75
CA THR B 102 -9.68 24.16 -17.70
C THR B 102 -10.13 24.70 -19.07
N ASP B 103 -11.43 24.96 -19.22
CA ASP B 103 -11.90 25.78 -20.33
C ASP B 103 -11.54 27.23 -20.00
N ALA B 104 -10.67 27.80 -20.84
CA ALA B 104 -10.17 29.14 -20.63
C ALA B 104 -11.30 30.17 -20.72
N ASN B 105 -12.39 29.86 -21.40
CA ASN B 105 -13.53 30.78 -21.48
C ASN B 105 -14.16 30.95 -20.11
N ALA B 106 -14.11 29.88 -19.32
CA ALA B 106 -14.57 29.93 -17.94
C ALA B 106 -13.50 30.58 -17.06
N ALA B 107 -12.22 30.20 -17.25
CA ALA B 107 -11.14 30.72 -16.42
C ALA B 107 -10.97 32.22 -16.60
N LYS B 108 -11.46 32.74 -17.72
CA LYS B 108 -11.44 34.16 -18.05
C LYS B 108 -12.17 34.97 -16.96
N ALA B 109 -13.05 34.32 -16.18
CA ALA B 109 -13.73 35.00 -15.08
C ALA B 109 -12.76 35.66 -14.12
N HIS B 110 -11.57 35.07 -13.99
CA HIS B 110 -10.52 35.62 -13.14
C HIS B 110 -10.01 36.95 -13.69
N ILE B 111 -9.92 37.08 -15.02
CA ILE B 111 -9.51 38.34 -15.62
C ILE B 111 -10.59 39.40 -15.39
N GLU B 112 -11.87 39.04 -15.57
CA GLU B 112 -12.95 40.00 -15.35
C GLU B 112 -13.05 40.37 -13.86
N ALA B 113 -12.53 39.51 -12.96
CA ALA B 113 -12.49 39.80 -11.54
C ALA B 113 -11.21 40.54 -11.12
N GLY B 114 -10.39 40.94 -12.10
CA GLY B 114 -9.34 41.92 -11.89
C GLY B 114 -7.92 41.33 -11.95
N ALA B 115 -7.76 40.02 -12.15
CA ALA B 115 -6.43 39.50 -12.43
C ALA B 115 -5.97 39.91 -13.83
N LYS B 116 -4.64 39.97 -14.00
CA LYS B 116 -4.03 40.29 -15.29
C LYS B 116 -3.67 39.03 -16.07
N LYS B 117 -3.37 37.95 -15.33
CA LYS B 117 -2.97 36.69 -15.94
C LYS B 117 -3.61 35.53 -15.18
N VAL B 118 -3.94 34.49 -15.94
CA VAL B 118 -4.38 33.23 -15.37
C VAL B 118 -3.51 32.12 -15.94
N ILE B 119 -3.07 31.21 -15.06
CA ILE B 119 -2.31 30.03 -15.42
C ILE B 119 -3.04 28.79 -14.93
N ILE B 120 -3.55 28.05 -15.90
CA ILE B 120 -4.30 26.84 -15.66
C ILE B 120 -3.32 25.69 -15.46
N SER B 121 -3.46 24.98 -14.32
CA SER B 121 -2.51 23.96 -13.91
C SER B 121 -2.82 22.60 -14.54
N ALA B 122 -3.06 22.57 -15.86
CA ALA B 122 -3.49 21.36 -16.57
C ALA B 122 -3.67 21.69 -18.04
N PRO B 123 -3.87 20.66 -18.91
CA PRO B 123 -4.33 20.89 -20.27
C PRO B 123 -5.61 21.73 -20.26
N ALA B 124 -5.75 22.57 -21.27
CA ALA B 124 -6.84 23.50 -21.35
C ALA B 124 -7.48 23.42 -22.74
N SER B 125 -8.66 24.03 -22.83
CA SER B 125 -9.37 24.25 -24.06
C SER B 125 -9.59 25.75 -24.20
N ASN B 126 -9.45 26.28 -25.44
CA ASN B 126 -9.75 27.67 -25.78
C ASN B 126 -8.75 28.64 -25.16
N GLU B 127 -7.57 28.14 -24.82
CA GLU B 127 -6.56 28.92 -24.12
C GLU B 127 -5.77 29.78 -25.11
N ASP B 128 -5.13 30.84 -24.60
CA ASP B 128 -4.32 31.72 -25.42
C ASP B 128 -3.06 30.99 -25.89
N ALA B 129 -2.54 30.07 -25.06
CA ALA B 129 -1.26 29.41 -25.29
C ALA B 129 -1.02 28.33 -24.23
N THR B 130 -0.28 27.29 -24.62
CA THR B 130 0.09 26.23 -23.71
C THR B 130 1.61 26.16 -23.65
N PHE B 131 2.16 25.94 -22.47
CA PHE B 131 3.60 25.95 -22.29
C PHE B 131 4.06 24.75 -21.48
N VAL B 132 5.19 24.19 -21.92
CA VAL B 132 6.07 23.40 -21.06
C VAL B 132 7.33 24.22 -20.89
N TYR B 133 7.60 24.58 -19.64
CA TYR B 133 8.75 25.43 -19.38
C TYR B 133 10.01 24.64 -19.78
N GLY B 134 10.86 25.34 -20.53
CA GLY B 134 12.11 24.79 -21.02
C GLY B 134 11.99 24.32 -22.46
N VAL B 135 10.76 24.13 -22.93
CA VAL B 135 10.53 23.63 -24.26
C VAL B 135 10.08 24.76 -25.18
N ASN B 136 9.05 25.51 -24.79
CA ASN B 136 8.53 26.52 -25.69
C ASN B 136 8.20 27.84 -24.97
N HIS B 137 8.74 28.07 -23.77
CA HIS B 137 8.39 29.27 -23.04
C HIS B 137 8.95 30.52 -23.73
N GLU B 138 9.90 30.38 -24.66
CA GLU B 138 10.42 31.53 -25.38
C GLU B 138 9.35 32.19 -26.25
N SER B 139 8.31 31.45 -26.63
CA SER B 139 7.24 31.97 -27.47
C SER B 139 6.21 32.77 -26.68
N TYR B 140 6.38 32.91 -25.36
CA TYR B 140 5.39 33.57 -24.53
C TYR B 140 5.28 35.05 -24.95
N ASP B 141 4.04 35.48 -25.16
CA ASP B 141 3.71 36.82 -25.64
C ASP B 141 3.01 37.56 -24.51
N PRO B 142 3.71 38.46 -23.78
CA PRO B 142 3.16 39.12 -22.61
C PRO B 142 1.85 39.90 -22.83
N GLU B 143 1.69 40.42 -24.05
CA GLU B 143 0.53 41.21 -24.41
C GLU B 143 -0.68 40.32 -24.63
N ASN B 144 -0.51 39.18 -25.30
CA ASN B 144 -1.64 38.45 -25.85
C ASN B 144 -1.86 37.10 -25.17
N HIS B 145 -0.88 36.58 -24.42
CA HIS B 145 -1.06 35.33 -23.72
C HIS B 145 -1.46 35.64 -22.27
N ASN B 146 -2.77 35.66 -22.00
CA ASN B 146 -3.26 36.16 -20.72
C ASN B 146 -3.92 35.05 -19.91
N VAL B 147 -4.55 34.11 -20.61
CA VAL B 147 -5.08 32.90 -20.02
C VAL B 147 -4.40 31.70 -20.69
N ILE B 148 -3.48 31.06 -19.95
CA ILE B 148 -2.52 30.10 -20.48
C ILE B 148 -2.58 28.82 -19.67
N SER B 149 -2.00 27.77 -20.26
CA SER B 149 -1.95 26.45 -19.66
C SER B 149 -0.49 26.06 -19.46
N GLY B 150 -0.17 25.42 -18.32
CA GLY B 150 1.15 24.90 -18.05
C GLY B 150 1.27 23.40 -18.36
N ALA B 151 0.27 22.91 -19.11
CA ALA B 151 0.17 21.54 -19.60
C ALA B 151 -0.04 20.59 -18.44
N SER B 152 0.10 19.27 -18.70
CA SER B 152 -0.01 18.24 -17.68
C SER B 152 1.37 17.86 -17.15
N CYS B 153 1.34 17.09 -16.05
CA CYS B 153 2.55 16.54 -15.44
C CYS B 153 3.29 15.69 -16.45
N THR B 154 2.56 14.83 -17.16
CA THR B 154 3.15 13.90 -18.12
C THR B 154 3.75 14.64 -19.31
N THR B 155 3.01 15.63 -19.87
CA THR B 155 3.53 16.44 -20.96
C THR B 155 4.80 17.18 -20.54
N ASN B 156 4.88 17.61 -19.28
CA ASN B 156 6.07 18.29 -18.81
C ASN B 156 7.25 17.32 -18.69
N CYS B 157 6.96 16.02 -18.64
CA CYS B 157 8.03 15.02 -18.54
C CYS B 157 8.46 14.56 -19.93
N LEU B 158 7.47 14.26 -20.79
CA LEU B 158 7.68 13.76 -22.14
C LEU B 158 8.29 14.84 -23.06
N ALA B 159 7.80 16.08 -23.02
CA ALA B 159 8.17 17.04 -24.04
C ALA B 159 9.66 17.36 -23.99
N PRO B 160 10.30 17.63 -22.83
CA PRO B 160 11.73 17.96 -22.81
C PRO B 160 12.58 16.88 -23.46
N MET B 161 12.25 15.63 -23.11
CA MET B 161 12.92 14.45 -23.64
C MET B 161 12.65 14.27 -25.14
N ALA B 162 11.41 14.52 -25.59
CA ALA B 162 11.05 14.28 -26.98
C ALA B 162 11.69 15.35 -27.86
N LYS B 163 11.83 16.55 -27.32
CA LYS B 163 12.44 17.61 -28.09
C LYS B 163 13.88 17.23 -28.42
N VAL B 164 14.65 16.81 -27.39
CA VAL B 164 16.06 16.57 -27.54
C VAL B 164 16.29 15.46 -28.57
N LEU B 165 15.56 14.36 -28.40
CA LEU B 165 15.75 13.18 -29.24
C LEU B 165 15.18 13.45 -30.63
N ASN B 166 14.10 14.22 -30.74
CA ASN B 166 13.57 14.56 -32.05
C ASN B 166 14.58 15.43 -32.80
N ASP B 167 15.09 16.48 -32.15
CA ASP B 167 16.08 17.35 -32.75
C ASP B 167 17.31 16.55 -33.22
N LYS B 168 17.86 15.67 -32.39
CA LYS B 168 19.10 14.99 -32.76
C LYS B 168 18.87 13.90 -33.82
N PHE B 169 17.83 13.10 -33.71
CA PHE B 169 17.68 11.86 -34.46
C PHE B 169 16.41 11.80 -35.33
N GLY B 170 15.39 12.61 -35.02
CA GLY B 170 14.15 12.58 -35.76
C GLY B 170 13.26 11.41 -35.32
N ILE B 171 12.08 11.75 -34.79
CA ILE B 171 11.13 10.77 -34.32
C ILE B 171 10.09 10.57 -35.42
N GLU B 172 9.98 9.35 -35.92
CA GLU B 172 8.97 9.05 -36.91
C GLU B 172 7.62 8.96 -36.19
N ASN B 173 7.48 7.96 -35.31
CA ASN B 173 6.30 7.80 -34.47
C ASN B 173 6.73 7.21 -33.12
N GLY B 174 6.07 7.62 -32.05
CA GLY B 174 6.29 7.00 -30.76
C GLY B 174 5.01 6.78 -29.97
N LEU B 175 5.07 5.83 -29.04
CA LEU B 175 3.95 5.54 -28.17
C LEU B 175 4.47 5.38 -26.75
N MET B 176 3.71 5.98 -25.83
CA MET B 176 4.11 6.20 -24.46
C MET B 176 3.21 5.38 -23.55
N THR B 177 3.82 4.86 -22.49
CA THR B 177 3.14 4.43 -21.29
C THR B 177 3.70 5.25 -20.13
N THR B 178 2.85 5.98 -19.40
CA THR B 178 3.25 6.54 -18.11
C THR B 178 2.71 5.65 -17.00
N VAL B 179 3.64 5.15 -16.18
CA VAL B 179 3.35 4.44 -14.94
C VAL B 179 3.31 5.47 -13.82
N HIS B 180 2.10 5.73 -13.31
CA HIS B 180 1.77 7.02 -12.68
C HIS B 180 1.17 6.76 -11.30
N ALA B 181 1.58 7.55 -10.31
CA ALA B 181 0.97 7.59 -8.99
C ALA B 181 -0.52 7.82 -9.11
N TYR B 182 -1.28 7.25 -8.16
CA TYR B 182 -2.71 7.48 -8.15
C TYR B 182 -2.94 8.95 -7.83
N THR B 183 -4.09 9.48 -8.27
CA THR B 183 -4.40 10.88 -8.09
C THR B 183 -5.84 10.95 -7.58
N GLY B 184 -6.25 12.16 -7.18
CA GLY B 184 -7.49 12.38 -6.46
C GLY B 184 -8.76 12.02 -7.25
N ASP B 185 -8.70 12.00 -8.58
CA ASP B 185 -9.82 11.61 -9.41
C ASP B 185 -10.21 10.15 -9.15
N GLN B 186 -9.26 9.34 -8.68
CA GLN B 186 -9.50 7.90 -8.56
C GLN B 186 -10.26 7.59 -7.27
N ARG B 187 -10.91 6.42 -7.21
CA ARG B 187 -11.71 6.03 -6.07
C ARG B 187 -10.90 5.14 -5.12
N LEU B 188 -11.07 5.37 -3.82
CA LEU B 188 -10.40 4.58 -2.80
C LEU B 188 -10.95 3.16 -2.79
N HIS B 189 -12.28 3.02 -2.85
CA HIS B 189 -12.96 1.73 -3.02
C HIS B 189 -13.75 1.75 -4.32
N ASP B 190 -14.03 0.54 -4.85
CA ASP B 190 -14.77 0.40 -6.07
C ASP B 190 -16.06 1.21 -5.94
N ALA B 191 -16.22 2.24 -6.77
CA ALA B 191 -17.34 3.15 -6.65
C ALA B 191 -17.50 3.96 -7.92
N SER B 192 -18.51 4.83 -7.92
CA SER B 192 -18.93 5.54 -9.11
C SER B 192 -17.80 6.38 -9.72
N HIS B 193 -17.69 6.31 -11.04
CA HIS B 193 -16.77 7.13 -11.80
C HIS B 193 -17.17 7.01 -13.25
N ARG B 194 -16.94 8.09 -14.03
CA ARG B 194 -17.18 8.09 -15.47
C ARG B 194 -16.27 7.10 -16.17
N ASP B 195 -15.02 7.00 -15.71
CA ASP B 195 -14.06 6.03 -16.22
C ASP B 195 -14.22 4.73 -15.43
N LEU B 196 -14.68 3.65 -16.09
CA LEU B 196 -14.96 2.39 -15.42
C LEU B 196 -13.71 1.75 -14.80
N ARG B 197 -12.50 2.14 -15.24
CA ARG B 197 -11.28 1.62 -14.61
C ARG B 197 -10.88 2.50 -13.42
N ARG B 198 -11.01 3.82 -13.54
CA ARG B 198 -10.68 4.73 -12.45
C ARG B 198 -11.69 4.56 -11.31
N ALA B 199 -12.82 3.91 -11.60
CA ALA B 199 -13.79 3.52 -10.60
C ALA B 199 -13.22 2.55 -9.56
N ARG B 200 -12.11 1.85 -9.90
CA ARG B 200 -11.66 0.68 -9.16
C ARG B 200 -10.62 1.04 -8.11
N ALA B 201 -10.73 0.40 -6.92
CA ALA B 201 -9.94 0.69 -5.74
C ALA B 201 -8.50 1.03 -6.10
N ALA B 202 -8.11 2.27 -5.87
CA ALA B 202 -6.90 2.81 -6.48
C ALA B 202 -5.62 2.21 -5.88
N ALA B 203 -5.63 1.86 -4.59
CA ALA B 203 -4.38 1.54 -3.92
C ALA B 203 -4.12 0.04 -3.93
N VAL B 204 -4.97 -0.78 -4.58
CA VAL B 204 -4.70 -2.20 -4.72
C VAL B 204 -4.76 -2.62 -6.19
N ASN B 205 -4.80 -1.64 -7.11
CA ASN B 205 -4.96 -1.94 -8.53
C ASN B 205 -3.93 -1.22 -9.41
N ILE B 206 -3.48 -1.93 -10.44
CA ILE B 206 -2.95 -1.29 -11.63
C ILE B 206 -4.17 -0.88 -12.45
N VAL B 207 -4.27 0.43 -12.77
CA VAL B 207 -5.44 0.99 -13.40
C VAL B 207 -5.06 1.70 -14.70
N PRO B 208 -5.39 1.11 -15.86
CA PRO B 208 -5.25 1.78 -17.16
C PRO B 208 -6.23 2.93 -17.34
N THR B 209 -5.76 4.01 -17.96
CA THR B 209 -6.59 5.17 -18.20
C THR B 209 -5.89 6.04 -19.24
N SER B 210 -6.69 6.76 -20.01
CA SER B 210 -6.20 7.55 -21.12
C SER B 210 -5.60 8.82 -20.55
N THR B 211 -4.72 9.49 -21.28
CA THR B 211 -4.21 10.76 -20.81
C THR B 211 -4.47 11.85 -21.87
N GLY B 212 -4.01 11.65 -23.11
CA GLY B 212 -3.92 12.76 -24.04
C GLY B 212 -2.59 13.51 -23.92
N ALA B 213 -1.70 13.05 -23.01
CA ALA B 213 -0.48 13.80 -22.73
C ALA B 213 0.49 13.68 -23.88
N ALA B 214 0.45 12.57 -24.63
CA ALA B 214 1.38 12.40 -25.75
C ALA B 214 0.91 13.20 -26.97
N LYS B 215 -0.40 13.24 -27.24
CA LYS B 215 -0.90 14.08 -28.32
C LYS B 215 -0.73 15.56 -28.00
N ALA B 216 -0.81 15.93 -26.72
CA ALA B 216 -0.67 17.33 -26.30
C ALA B 216 0.76 17.88 -26.45
N VAL B 217 1.77 16.99 -26.53
CA VAL B 217 3.14 17.42 -26.83
C VAL B 217 3.15 18.27 -28.11
N ALA B 218 2.23 17.99 -29.05
CA ALA B 218 2.11 18.73 -30.30
C ALA B 218 1.83 20.22 -30.10
N LEU B 219 1.14 20.57 -29.01
CA LEU B 219 0.86 21.96 -28.75
C LEU B 219 2.16 22.71 -28.48
N VAL B 220 3.15 22.05 -27.89
CA VAL B 220 4.37 22.75 -27.53
C VAL B 220 5.49 22.41 -28.50
N LEU B 221 5.37 21.30 -29.24
CA LEU B 221 6.29 20.93 -30.30
C LEU B 221 5.48 20.53 -31.52
N PRO B 222 5.02 21.50 -32.36
CA PRO B 222 4.15 21.19 -33.50
C PRO B 222 4.78 20.25 -34.51
N GLU B 223 6.12 20.22 -34.59
CA GLU B 223 6.81 19.27 -35.44
C GLU B 223 6.35 17.84 -35.13
N LEU B 224 5.85 17.57 -33.91
CA LEU B 224 5.48 16.21 -33.52
C LEU B 224 3.98 15.97 -33.64
N LYS B 225 3.24 16.89 -34.25
CA LYS B 225 1.81 16.67 -34.52
C LYS B 225 1.59 15.30 -35.15
N GLY B 226 0.66 14.52 -34.59
CA GLY B 226 0.24 13.27 -35.18
C GLY B 226 1.25 12.14 -34.99
N LYS B 227 2.34 12.37 -34.26
CA LYS B 227 3.41 11.40 -34.22
C LYS B 227 3.47 10.63 -32.91
N LEU B 228 2.76 11.09 -31.86
CA LEU B 228 2.83 10.50 -30.54
C LEU B 228 1.43 10.20 -30.02
N ASP B 229 1.32 9.08 -29.27
CA ASP B 229 0.13 8.77 -28.51
C ASP B 229 0.58 7.94 -27.30
N GLY B 230 -0.37 7.63 -26.43
CA GLY B 230 -0.03 6.91 -25.21
C GLY B 230 -1.22 6.77 -24.28
N TYR B 231 -0.94 6.16 -23.12
CA TYR B 231 -1.92 6.03 -22.05
C TYR B 231 -1.15 5.95 -20.73
N ALA B 232 -1.90 5.88 -19.63
CA ALA B 232 -1.32 5.75 -18.30
C ALA B 232 -1.70 4.42 -17.67
N LEU B 233 -0.81 3.90 -16.83
CA LEU B 233 -1.16 2.88 -15.84
C LEU B 233 -0.96 3.49 -14.45
N ARG B 234 -2.08 3.80 -13.76
CA ARG B 234 -2.06 4.27 -12.37
C ARG B 234 -1.73 3.10 -11.44
N VAL B 235 -0.73 3.30 -10.57
CA VAL B 235 -0.30 2.22 -9.68
C VAL B 235 -0.26 2.74 -8.24
N PRO B 236 -0.28 1.83 -7.23
CA PRO B 236 -0.28 2.22 -5.82
C PRO B 236 1.01 2.82 -5.24
N VAL B 237 1.43 3.97 -5.79
CA VAL B 237 2.26 4.92 -5.06
C VAL B 237 1.54 6.27 -5.01
N ILE B 238 1.77 7.06 -3.94
CA ILE B 238 1.01 8.27 -3.70
C ILE B 238 1.50 9.44 -4.54
N THR B 239 2.79 9.50 -4.84
CA THR B 239 3.28 10.42 -5.84
C THR B 239 4.57 9.85 -6.41
N GLY B 240 4.94 10.32 -7.61
CA GLY B 240 6.09 9.81 -8.34
C GLY B 240 5.64 8.94 -9.50
N SER B 241 6.13 9.25 -10.71
CA SER B 241 5.67 8.66 -11.95
C SER B 241 6.85 8.50 -12.93
N ALA B 242 6.70 7.64 -13.94
CA ALA B 242 7.69 7.52 -14.99
C ALA B 242 6.98 7.47 -16.35
N THR B 243 7.54 8.17 -17.34
CA THR B 243 7.03 8.05 -18.70
C THR B 243 8.02 7.25 -19.53
N ASP B 244 7.46 6.19 -20.10
CA ASP B 244 8.20 5.22 -20.89
C ASP B 244 7.79 5.45 -22.36
N LEU B 245 8.73 5.97 -23.17
CA LEU B 245 8.42 6.28 -24.56
C LEU B 245 9.15 5.33 -25.51
N THR B 246 8.40 4.65 -26.38
CA THR B 246 8.99 3.79 -27.39
C THR B 246 8.75 4.41 -28.76
N PHE B 247 9.83 4.69 -29.51
CA PHE B 247 9.67 5.36 -30.77
C PHE B 247 10.53 4.71 -31.86
N ASN B 248 10.22 5.08 -33.10
CA ASN B 248 10.96 4.67 -34.27
C ASN B 248 11.73 5.87 -34.79
N THR B 249 12.99 5.66 -35.20
CA THR B 249 13.79 6.67 -35.87
C THR B 249 14.39 6.06 -37.12
N LYS B 250 14.65 6.90 -38.14
CA LYS B 250 15.41 6.48 -39.31
C LYS B 250 16.90 6.62 -39.04
N SER B 251 17.28 7.39 -38.01
CA SER B 251 18.68 7.50 -37.63
C SER B 251 19.23 6.17 -37.13
N GLU B 252 20.53 5.95 -37.38
CA GLU B 252 21.28 4.88 -36.74
C GLU B 252 21.63 5.33 -35.32
N VAL B 253 21.16 4.58 -34.31
CA VAL B 253 21.28 4.97 -32.91
C VAL B 253 21.79 3.77 -32.12
N THR B 254 22.43 4.07 -30.98
CA THR B 254 22.74 3.09 -29.95
C THR B 254 22.23 3.62 -28.59
N VAL B 255 22.18 2.70 -27.61
CA VAL B 255 21.91 3.06 -26.23
C VAL B 255 22.81 4.24 -25.87
N GLU B 256 24.08 4.19 -26.28
CA GLU B 256 25.08 5.18 -25.89
C GLU B 256 24.82 6.54 -26.55
N SER B 257 24.41 6.55 -27.84
CA SER B 257 24.19 7.81 -28.52
C SER B 257 22.89 8.45 -28.03
N ILE B 258 21.90 7.61 -27.70
CA ILE B 258 20.66 8.13 -27.17
C ILE B 258 20.94 8.83 -25.83
N ASN B 259 21.69 8.15 -24.96
CA ASN B 259 21.98 8.72 -23.66
C ASN B 259 22.87 9.95 -23.80
N ALA B 260 23.86 9.91 -24.71
CA ALA B 260 24.76 11.05 -24.87
C ALA B 260 24.00 12.30 -25.29
N ALA B 261 23.00 12.14 -26.17
CA ALA B 261 22.16 13.24 -26.62
C ALA B 261 21.47 13.95 -25.44
N ILE B 262 20.96 13.21 -24.45
CA ILE B 262 20.29 13.84 -23.33
C ILE B 262 21.32 14.52 -22.44
N LYS B 263 22.39 13.80 -22.14
CA LYS B 263 23.41 14.33 -21.26
C LYS B 263 23.90 15.67 -21.77
N GLU B 264 24.17 15.75 -23.09
CA GLU B 264 24.62 17.00 -23.71
C GLU B 264 23.63 18.12 -23.46
N ALA B 265 22.33 17.82 -23.67
CA ALA B 265 21.27 18.82 -23.62
C ALA B 265 20.94 19.22 -22.19
N ALA B 266 21.11 18.30 -21.22
CA ALA B 266 20.64 18.54 -19.87
C ALA B 266 21.63 19.42 -19.11
N VAL B 267 21.81 20.66 -19.55
CA VAL B 267 22.73 21.60 -18.94
C VAL B 267 22.09 22.99 -18.88
N GLY B 268 22.72 23.88 -18.12
CA GLY B 268 22.27 25.26 -17.95
C GLY B 268 20.82 25.31 -17.47
N GLU B 269 20.09 26.33 -17.96
CA GLU B 269 18.75 26.62 -17.49
C GLU B 269 17.85 25.45 -17.89
N PHE B 270 18.04 24.88 -19.09
CA PHE B 270 17.24 23.72 -19.54
C PHE B 270 17.40 22.53 -18.59
N GLY B 271 18.61 22.39 -18.03
CA GLY B 271 18.95 21.36 -17.06
C GLY B 271 18.16 21.46 -15.75
N GLU B 272 17.54 22.61 -15.48
CA GLU B 272 16.63 22.73 -14.37
C GLU B 272 15.30 22.06 -14.70
N THR B 273 15.01 21.85 -15.98
CA THR B 273 13.77 21.19 -16.38
C THR B 273 14.02 19.70 -16.65
N LEU B 274 15.14 19.41 -17.32
CA LEU B 274 15.50 18.06 -17.74
C LEU B 274 16.85 17.69 -17.11
N ALA B 275 16.84 16.64 -16.26
CA ALA B 275 18.06 16.11 -15.65
C ALA B 275 18.42 14.80 -16.32
N TYR B 276 19.71 14.48 -16.28
CA TYR B 276 20.22 13.24 -16.80
C TYR B 276 20.73 12.43 -15.60
N SER B 277 20.25 11.20 -15.42
CA SER B 277 20.71 10.41 -14.28
C SER B 277 21.26 9.05 -14.71
N GLU B 278 22.33 8.60 -14.02
CA GLU B 278 22.84 7.23 -14.14
C GLU B 278 22.72 6.52 -12.79
N GLU B 279 21.89 7.06 -11.89
CA GLU B 279 21.73 6.54 -10.54
C GLU B 279 20.73 5.40 -10.55
N PRO B 280 20.73 4.50 -9.52
CA PRO B 280 19.81 3.35 -9.46
C PRO B 280 18.45 3.73 -8.87
N LEU B 281 17.70 4.55 -9.62
CA LEU B 281 16.57 5.29 -9.13
C LEU B 281 15.35 4.40 -8.96
N VAL B 282 14.59 4.67 -7.90
CA VAL B 282 13.22 4.17 -7.78
C VAL B 282 12.33 5.37 -7.48
N SER B 283 11.01 5.20 -7.50
CA SER B 283 10.13 6.34 -7.51
C SER B 283 10.38 7.24 -6.29
N THR B 284 10.67 6.67 -5.12
CA THR B 284 10.83 7.52 -3.94
C THR B 284 12.03 8.43 -4.07
N ASP B 285 12.97 8.12 -4.99
CA ASP B 285 14.13 8.97 -5.19
C ASP B 285 13.78 10.26 -5.94
N ILE B 286 12.62 10.34 -6.59
CA ILE B 286 12.29 11.54 -7.36
C ILE B 286 11.14 12.30 -6.71
N VAL B 287 10.66 11.80 -5.55
CA VAL B 287 9.67 12.52 -4.78
C VAL B 287 10.34 13.79 -4.28
N HIS B 288 9.67 14.92 -4.49
CA HIS B 288 10.20 16.24 -4.17
C HIS B 288 11.42 16.62 -5.02
N ASP B 289 11.59 16.04 -6.21
CA ASP B 289 12.60 16.51 -7.14
C ASP B 289 12.01 17.66 -7.97
N SER B 290 12.79 18.74 -8.16
CA SER B 290 12.27 19.95 -8.80
C SER B 290 12.26 19.91 -10.34
N HIS B 291 12.77 18.83 -10.96
CA HIS B 291 12.81 18.78 -12.41
C HIS B 291 11.45 18.33 -12.94
N GLY B 292 11.13 18.76 -14.16
CA GLY B 292 9.97 18.27 -14.91
C GLY B 292 10.14 16.84 -15.44
N SER B 293 11.39 16.47 -15.68
CA SER B 293 11.79 15.26 -16.40
C SER B 293 13.15 14.81 -15.87
N ILE B 294 13.23 13.59 -15.32
CA ILE B 294 14.50 13.02 -14.88
C ILE B 294 14.79 11.77 -15.71
N PHE B 295 15.68 11.93 -16.68
CA PHE B 295 15.98 10.88 -17.67
C PHE B 295 16.85 9.82 -17.01
N ASP B 296 16.41 8.57 -17.14
CA ASP B 296 17.09 7.43 -16.53
C ASP B 296 17.85 6.67 -17.62
N ALA B 297 19.15 7.01 -17.75
CA ALA B 297 20.07 6.41 -18.71
C ALA B 297 20.15 4.87 -18.62
N GLY B 298 20.03 4.34 -17.39
CA GLY B 298 20.08 2.90 -17.15
C GLY B 298 18.94 2.13 -17.81
N LEU B 299 17.85 2.81 -18.21
CA LEU B 299 16.65 2.15 -18.74
C LEU B 299 16.58 2.17 -20.27
N THR B 300 17.40 2.98 -20.95
CA THR B 300 17.34 3.11 -22.40
C THR B 300 17.58 1.76 -23.09
N LYS B 301 16.75 1.40 -24.08
CA LYS B 301 17.01 0.22 -24.90
C LYS B 301 16.87 0.58 -26.38
N VAL B 302 17.62 -0.12 -27.24
CA VAL B 302 17.56 0.03 -28.68
C VAL B 302 17.50 -1.37 -29.31
N SER B 303 16.51 -1.57 -30.20
CA SER B 303 16.41 -2.76 -31.02
C SER B 303 16.20 -2.32 -32.46
N GLY B 304 17.28 -2.36 -33.25
CA GLY B 304 17.26 -1.85 -34.61
C GLY B 304 16.96 -0.35 -34.64
N ASN B 305 15.80 0.05 -35.19
CA ASN B 305 15.48 1.47 -35.24
C ASN B 305 14.38 1.84 -34.23
N THR B 306 14.16 0.95 -33.24
CA THR B 306 13.16 1.13 -32.20
C THR B 306 13.91 1.43 -30.90
N VAL B 307 13.50 2.53 -30.25
CA VAL B 307 14.15 3.05 -29.06
C VAL B 307 13.12 3.15 -27.94
N LYS B 308 13.52 2.73 -26.73
CA LYS B 308 12.75 2.94 -25.52
C LYS B 308 13.58 3.80 -24.57
N VAL B 309 13.00 4.96 -24.15
CA VAL B 309 13.61 5.82 -23.15
C VAL B 309 12.60 6.03 -22.03
N VAL B 310 13.11 6.31 -20.83
CA VAL B 310 12.27 6.41 -19.63
C VAL B 310 12.72 7.61 -18.80
N SER B 311 11.76 8.46 -18.47
CA SER B 311 12.00 9.61 -17.63
C SER B 311 10.96 9.64 -16.50
N TRP B 312 11.47 9.92 -15.29
CA TRP B 312 10.72 10.03 -14.05
C TRP B 312 10.21 11.46 -13.88
N TYR B 313 9.22 11.61 -13.02
CA TYR B 313 8.77 12.91 -12.60
C TYR B 313 7.94 12.78 -11.32
N ASP B 314 8.15 13.72 -10.39
CA ASP B 314 7.17 13.94 -9.34
C ASP B 314 5.99 14.70 -9.94
N ASN B 315 4.91 13.98 -10.24
CA ASN B 315 3.73 14.56 -10.84
C ASN B 315 3.15 15.70 -9.99
N GLU B 316 3.39 15.72 -8.67
CA GLU B 316 2.98 16.86 -7.86
C GLU B 316 4.07 17.94 -7.90
N TRP B 317 5.21 17.68 -7.23
CA TRP B 317 6.22 18.69 -6.96
C TRP B 317 6.99 19.15 -8.21
N GLY B 318 7.38 18.19 -9.04
CA GLY B 318 8.05 18.50 -10.28
C GLY B 318 7.20 19.35 -11.23
N TYR B 319 5.96 18.93 -11.43
CA TYR B 319 5.04 19.67 -12.28
C TYR B 319 4.89 21.07 -11.70
N THR B 320 4.81 21.13 -10.36
CA THR B 320 4.59 22.38 -9.65
C THR B 320 5.79 23.31 -9.85
N CYS B 321 7.00 22.75 -9.80
CA CYS B 321 8.19 23.55 -10.05
C CYS B 321 8.22 24.10 -11.48
N GLN B 322 7.77 23.30 -12.45
CA GLN B 322 7.57 23.73 -13.84
C GLN B 322 6.55 24.88 -13.89
N LEU B 323 5.44 24.73 -13.17
CA LEU B 323 4.41 25.74 -13.18
C LEU B 323 4.94 27.03 -12.56
N LEU B 324 5.78 26.90 -11.53
CA LEU B 324 6.37 28.05 -10.85
C LEU B 324 7.38 28.78 -11.76
N ARG B 325 8.17 28.02 -12.54
CA ARG B 325 9.08 28.60 -13.52
C ARG B 325 8.30 29.45 -14.53
N LEU B 326 7.19 28.90 -15.02
CA LEU B 326 6.32 29.59 -15.96
C LEU B 326 5.71 30.83 -15.30
N THR B 327 5.34 30.72 -14.01
CA THR B 327 4.76 31.84 -13.28
C THR B 327 5.82 32.95 -13.11
N GLU B 328 7.07 32.57 -12.83
CA GLU B 328 8.14 33.54 -12.67
C GLU B 328 8.39 34.29 -13.98
N LEU B 329 8.32 33.60 -15.12
CA LEU B 329 8.48 34.20 -16.43
C LEU B 329 7.40 35.26 -16.66
N VAL B 330 6.15 34.83 -16.50
CA VAL B 330 5.01 35.73 -16.63
C VAL B 330 5.20 36.97 -15.78
N ALA B 331 5.66 36.79 -14.53
CA ALA B 331 5.73 37.85 -13.56
C ALA B 331 6.86 38.83 -13.91
N SER B 332 7.80 38.41 -14.78
CA SER B 332 8.98 39.21 -15.12
C SER B 332 8.70 40.12 -16.32
N LYS B 333 7.57 39.92 -17.01
CA LYS B 333 7.31 40.64 -18.25
C LYS B 333 6.03 41.45 -18.02
N LEU B 334 5.64 42.28 -18.98
CA LEU B 334 4.58 43.25 -18.73
C LEU B 334 3.29 42.56 -18.23
N LEU B 335 2.65 43.26 -17.29
CA LEU B 335 1.39 42.85 -16.67
C LEU B 335 0.40 44.01 -16.73
N GLU B 336 -0.36 44.14 -17.83
CA GLU B 336 -1.34 45.21 -17.99
C GLU B 336 -2.73 44.63 -18.26
N HIS B 337 -3.80 45.40 -18.03
CA HIS B 337 -5.17 44.88 -18.21
C HIS B 337 -5.36 44.41 -19.66
N THR C 2 -2.19 -42.53 -11.97
CA THR C 2 -1.73 -41.14 -11.75
C THR C 2 -0.20 -41.11 -11.85
N ILE C 3 0.34 -39.97 -12.24
CA ILE C 3 1.77 -39.73 -12.22
C ILE C 3 2.10 -38.96 -10.94
N ARG C 4 3.15 -39.42 -10.27
CA ARG C 4 3.52 -38.92 -8.96
C ARG C 4 4.55 -37.81 -9.17
N VAL C 5 4.30 -36.67 -8.50
CA VAL C 5 5.07 -35.46 -8.66
C VAL C 5 5.73 -35.10 -7.33
N GLY C 6 6.93 -34.54 -7.42
CA GLY C 6 7.61 -33.94 -6.29
C GLY C 6 7.78 -32.44 -6.54
N ILE C 7 7.84 -31.66 -5.48
CA ILE C 7 8.11 -30.23 -5.59
C ILE C 7 9.37 -29.96 -4.78
N ASN C 8 10.33 -29.30 -5.44
CA ASN C 8 11.51 -28.78 -4.78
C ASN C 8 11.39 -27.26 -4.72
N GLY C 9 11.18 -26.77 -3.49
CA GLY C 9 10.96 -25.35 -3.27
C GLY C 9 9.47 -25.04 -3.17
N PHE C 10 8.99 -25.05 -1.93
CA PHE C 10 7.58 -24.90 -1.63
C PHE C 10 7.33 -23.44 -1.30
N GLY C 11 7.63 -22.57 -2.27
CA GLY C 11 7.45 -21.13 -2.13
C GLY C 11 6.16 -20.65 -2.80
N ARG C 12 6.13 -19.39 -3.25
CA ARG C 12 4.97 -18.89 -3.94
C ARG C 12 4.59 -19.86 -5.08
N ILE C 13 5.54 -20.16 -5.98
CA ILE C 13 5.17 -20.95 -7.15
C ILE C 13 4.88 -22.40 -6.77
N GLY C 14 5.75 -22.99 -5.95
CA GLY C 14 5.55 -24.33 -5.43
C GLY C 14 4.17 -24.52 -4.78
N ARG C 15 3.75 -23.59 -3.90
CA ARG C 15 2.44 -23.65 -3.25
C ARG C 15 1.30 -23.37 -4.24
N ASN C 16 1.47 -22.43 -5.19
CA ASN C 16 0.49 -22.26 -6.26
C ASN C 16 0.32 -23.59 -7.02
N PHE C 17 1.45 -24.21 -7.36
CA PHE C 17 1.46 -25.42 -8.16
C PHE C 17 0.67 -26.52 -7.44
N PHE C 18 0.97 -26.70 -6.16
CA PHE C 18 0.27 -27.63 -5.30
C PHE C 18 -1.24 -27.41 -5.38
N ARG C 19 -1.68 -26.17 -5.20
CA ARG C 19 -3.11 -25.87 -5.22
C ARG C 19 -3.68 -26.09 -6.62
N ALA C 20 -2.90 -25.77 -7.67
CA ALA C 20 -3.34 -25.95 -9.04
C ALA C 20 -3.56 -27.43 -9.35
N VAL C 21 -2.65 -28.29 -8.89
CA VAL C 21 -2.79 -29.73 -9.08
C VAL C 21 -4.10 -30.22 -8.43
N LEU C 22 -4.40 -29.79 -7.18
CA LEU C 22 -5.60 -30.25 -6.50
C LEU C 22 -6.86 -29.83 -7.26
N GLU C 23 -6.82 -28.64 -7.84
CA GLU C 23 -8.01 -28.02 -8.40
C GLU C 23 -8.17 -28.41 -9.87
N ARG C 24 -7.07 -28.67 -10.57
CA ARG C 24 -7.15 -28.69 -12.03
C ARG C 24 -6.67 -30.01 -12.62
N SER C 25 -6.08 -30.91 -11.85
CA SER C 25 -5.51 -32.11 -12.44
C SER C 25 -6.29 -33.33 -11.98
N ASP C 26 -6.42 -34.29 -12.90
CA ASP C 26 -7.10 -35.54 -12.63
C ASP C 26 -6.14 -36.73 -12.71
N ASP C 27 -4.90 -36.50 -13.14
CA ASP C 27 -3.94 -37.57 -13.33
C ASP C 27 -2.62 -37.35 -12.59
N LEU C 28 -2.44 -36.22 -11.88
CA LEU C 28 -1.21 -35.95 -11.13
C LEU C 28 -1.48 -35.90 -9.63
N GLU C 29 -0.52 -36.37 -8.84
CA GLU C 29 -0.58 -36.25 -7.39
C GLU C 29 0.79 -35.86 -6.87
N VAL C 30 0.84 -34.81 -6.04
CA VAL C 30 2.05 -34.43 -5.35
C VAL C 30 2.22 -35.32 -4.12
N VAL C 31 3.36 -36.02 -4.01
CA VAL C 31 3.51 -37.04 -3.00
C VAL C 31 4.67 -36.72 -2.08
N ALA C 32 5.48 -35.73 -2.47
CA ALA C 32 6.71 -35.44 -1.76
C ALA C 32 7.14 -34.00 -2.05
N VAL C 33 7.57 -33.31 -1.00
CA VAL C 33 8.01 -31.94 -1.10
C VAL C 33 9.35 -31.83 -0.39
N ASN C 34 10.29 -31.05 -0.98
CA ASN C 34 11.48 -30.62 -0.28
C ASN C 34 11.52 -29.10 -0.20
N ASP C 35 11.89 -28.61 0.98
CA ASP C 35 11.91 -27.17 1.22
C ASP C 35 12.74 -26.90 2.47
N SER C 36 13.12 -25.63 2.64
CA SER C 36 13.89 -25.20 3.79
C SER C 36 13.07 -25.11 5.08
N LYS C 37 11.74 -24.97 5.01
CA LYS C 37 10.95 -24.68 6.19
C LYS C 37 10.79 -25.94 7.04
N ASP C 38 10.50 -25.79 8.34
CA ASP C 38 10.05 -26.91 9.16
C ASP C 38 8.58 -27.18 8.86
N ASN C 39 8.07 -28.31 9.34
CA ASN C 39 6.76 -28.80 8.92
C ASN C 39 5.62 -27.93 9.43
N LYS C 40 5.78 -27.39 10.65
CA LYS C 40 4.79 -26.48 11.22
C LYS C 40 4.63 -25.27 10.29
N THR C 41 5.75 -24.71 9.85
CA THR C 41 5.74 -23.46 9.08
C THR C 41 5.18 -23.76 7.68
N LEU C 42 5.69 -24.84 7.11
CA LEU C 42 5.30 -25.24 5.77
C LEU C 42 3.80 -25.53 5.74
N SER C 43 3.29 -26.29 6.73
CA SER C 43 1.87 -26.60 6.77
C SER C 43 1.05 -25.33 6.95
N THR C 44 1.56 -24.38 7.76
CA THR C 44 0.83 -23.14 8.02
C THR C 44 0.65 -22.36 6.73
N LEU C 45 1.72 -22.26 5.94
CA LEU C 45 1.70 -21.44 4.74
C LEU C 45 0.94 -22.15 3.60
N LEU C 46 0.75 -23.47 3.70
CA LEU C 46 -0.11 -24.15 2.73
C LEU C 46 -1.58 -23.87 3.04
N LYS C 47 -1.93 -23.97 4.32
CA LYS C 47 -3.28 -23.82 4.82
C LYS C 47 -3.76 -22.38 4.63
N PHE C 48 -2.87 -21.41 4.93
CA PHE C 48 -3.16 -19.98 4.89
C PHE C 48 -2.29 -19.26 3.85
N ASP C 49 -2.96 -18.43 3.06
CA ASP C 49 -2.37 -17.77 1.91
C ASP C 49 -2.96 -16.36 1.84
N SER C 50 -2.09 -15.34 1.92
CA SER C 50 -2.51 -13.95 1.86
C SER C 50 -3.14 -13.58 0.51
N ILE C 51 -2.94 -14.40 -0.53
CA ILE C 51 -3.46 -14.12 -1.86
C ILE C 51 -4.64 -15.04 -2.19
N MET C 52 -4.49 -16.37 -1.99
CA MET C 52 -5.46 -17.35 -2.47
C MET C 52 -6.49 -17.73 -1.39
N GLY C 53 -6.30 -17.26 -0.15
CA GLY C 53 -7.19 -17.59 0.93
C GLY C 53 -6.91 -18.99 1.47
N ARG C 54 -7.83 -19.52 2.29
CA ARG C 54 -7.59 -20.76 3.02
C ARG C 54 -7.73 -21.96 2.06
N LEU C 55 -6.91 -22.98 2.26
CA LEU C 55 -7.02 -24.21 1.49
C LEU C 55 -8.30 -24.92 1.92
N GLY C 56 -9.08 -25.42 0.96
CA GLY C 56 -10.34 -26.05 1.30
C GLY C 56 -10.21 -27.49 1.80
N GLN C 57 -9.01 -27.91 2.25
CA GLN C 57 -8.80 -29.25 2.79
C GLN C 57 -8.16 -29.14 4.16
N GLU C 58 -8.32 -30.21 4.96
CA GLU C 58 -7.65 -30.36 6.24
C GLU C 58 -6.14 -30.47 6.02
N VAL C 59 -5.38 -29.83 6.90
CA VAL C 59 -3.93 -29.94 6.85
C VAL C 59 -3.42 -30.29 8.25
N GLU C 60 -2.69 -31.40 8.32
CA GLU C 60 -2.05 -31.81 9.56
C GLU C 60 -0.58 -32.00 9.22
N TYR C 61 0.28 -32.04 10.24
CA TYR C 61 1.68 -32.38 10.06
C TYR C 61 2.19 -33.26 11.19
N ASP C 62 3.38 -33.84 10.95
CA ASP C 62 4.16 -34.49 12.00
C ASP C 62 5.65 -34.25 11.68
N ASP C 63 6.51 -35.13 12.20
CA ASP C 63 7.95 -34.95 12.16
C ASP C 63 8.50 -35.04 10.75
N ASP C 64 7.85 -35.77 9.83
CA ASP C 64 8.42 -35.78 8.49
C ASP C 64 7.36 -35.91 7.40
N SER C 65 6.15 -35.38 7.68
CA SER C 65 5.09 -35.33 6.70
C SER C 65 4.14 -34.17 7.00
N ILE C 66 3.37 -33.81 5.98
CA ILE C 66 2.12 -33.12 6.16
C ILE C 66 1.07 -34.06 5.60
N THR C 67 -0.17 -33.92 6.05
CA THR C 67 -1.26 -34.69 5.49
C THR C 67 -2.35 -33.73 5.05
N VAL C 68 -2.73 -33.82 3.76
CA VAL C 68 -3.63 -32.87 3.14
C VAL C 68 -4.82 -33.66 2.60
N GLY C 69 -6.02 -33.29 3.09
CA GLY C 69 -7.25 -33.99 2.77
C GLY C 69 -7.10 -35.50 2.91
N GLY C 70 -6.39 -35.93 3.96
CA GLY C 70 -6.15 -37.34 4.26
C GLY C 70 -4.97 -37.96 3.51
N LYS C 71 -4.34 -37.23 2.59
CA LYS C 71 -3.26 -37.79 1.80
C LYS C 71 -1.92 -37.40 2.44
N ARG C 72 -1.15 -38.40 2.87
CA ARG C 72 0.18 -38.18 3.44
C ARG C 72 1.17 -37.79 2.34
N ILE C 73 1.98 -36.76 2.64
CA ILE C 73 2.97 -36.21 1.73
C ILE C 73 4.28 -36.15 2.49
N ALA C 74 5.28 -36.89 2.01
CA ALA C 74 6.59 -36.89 2.65
C ALA C 74 7.23 -35.51 2.47
N VAL C 75 7.83 -34.99 3.54
CA VAL C 75 8.48 -33.68 3.46
C VAL C 75 9.93 -33.84 3.85
N TYR C 76 10.81 -33.12 3.13
CA TYR C 76 12.26 -33.11 3.36
C TYR C 76 12.75 -31.66 3.43
N ALA C 77 13.93 -31.46 4.03
CA ALA C 77 14.53 -30.13 4.08
C ALA C 77 16.03 -30.25 3.82
N GLU C 78 16.38 -30.66 2.60
CA GLU C 78 17.75 -30.79 2.14
C GLU C 78 18.08 -29.60 1.24
N ARG C 79 19.09 -28.84 1.65
CA ARG C 79 19.62 -27.73 0.89
C ARG C 79 20.20 -28.23 -0.43
N ASP C 80 20.77 -29.43 -0.40
CA ASP C 80 21.44 -30.00 -1.55
C ASP C 80 20.55 -31.13 -2.06
N PRO C 81 20.04 -31.07 -3.31
CA PRO C 81 19.12 -32.08 -3.81
C PRO C 81 19.75 -33.44 -4.06
N LYS C 82 21.07 -33.52 -4.15
CA LYS C 82 21.71 -34.81 -4.32
C LYS C 82 21.51 -35.64 -3.04
N ASN C 83 21.10 -34.97 -1.95
CA ASN C 83 20.76 -35.66 -0.70
C ASN C 83 19.31 -36.13 -0.67
N LEU C 84 18.53 -35.93 -1.74
CA LEU C 84 17.15 -36.36 -1.76
C LEU C 84 17.08 -37.76 -2.37
N ASP C 85 15.90 -38.35 -2.30
CA ASP C 85 15.61 -39.62 -2.97
C ASP C 85 14.12 -39.64 -3.35
N TRP C 86 13.85 -39.21 -4.58
CA TRP C 86 12.55 -39.22 -5.21
C TRP C 86 12.11 -40.64 -5.54
N ALA C 87 13.06 -41.52 -5.88
CA ALA C 87 12.75 -42.89 -6.27
C ALA C 87 12.01 -43.62 -5.15
N ALA C 88 12.40 -43.36 -3.89
CA ALA C 88 11.75 -43.96 -2.73
C ALA C 88 10.26 -43.62 -2.67
N HIS C 89 9.82 -42.56 -3.37
CA HIS C 89 8.42 -42.15 -3.38
C HIS C 89 7.79 -42.39 -4.74
N ASN C 90 8.52 -43.11 -5.60
CA ASN C 90 8.18 -43.33 -7.00
C ASN C 90 7.73 -42.03 -7.66
N VAL C 91 8.53 -40.97 -7.49
CA VAL C 91 8.25 -39.70 -8.14
C VAL C 91 8.79 -39.76 -9.56
N ASP C 92 7.95 -39.41 -10.54
CA ASP C 92 8.37 -39.33 -11.94
C ASP C 92 8.82 -37.92 -12.31
N ILE C 93 8.08 -36.90 -11.87
CA ILE C 93 8.34 -35.53 -12.28
C ILE C 93 8.63 -34.66 -11.07
N VAL C 94 9.71 -33.88 -11.15
CA VAL C 94 10.01 -32.90 -10.10
C VAL C 94 9.86 -31.50 -10.66
N ILE C 95 9.10 -30.67 -9.95
CA ILE C 95 8.99 -29.26 -10.23
C ILE C 95 10.07 -28.56 -9.43
N GLU C 96 10.95 -27.87 -10.14
CA GLU C 96 12.12 -27.25 -9.52
C GLU C 96 11.81 -25.76 -9.38
N SER C 97 11.33 -25.40 -8.18
CA SER C 97 10.79 -24.07 -7.94
C SER C 97 11.46 -23.38 -6.74
N THR C 98 12.75 -23.67 -6.46
CA THR C 98 13.47 -23.02 -5.36
C THR C 98 13.98 -21.64 -5.77
N GLY C 99 14.11 -21.48 -7.08
CA GLY C 99 14.75 -20.31 -7.67
C GLY C 99 16.26 -20.43 -7.73
N VAL C 100 16.88 -21.46 -7.12
CA VAL C 100 18.34 -21.44 -7.03
C VAL C 100 18.98 -22.52 -7.89
N PHE C 101 18.18 -23.37 -8.56
CA PHE C 101 18.75 -24.45 -9.35
C PHE C 101 18.24 -24.35 -10.78
N THR C 102 18.35 -23.15 -11.39
CA THR C 102 17.88 -22.96 -12.73
C THR C 102 18.93 -23.38 -13.75
N ASP C 103 20.15 -23.66 -13.30
CA ASP C 103 21.16 -24.27 -14.12
C ASP C 103 20.83 -25.76 -14.18
N ALA C 104 20.59 -26.28 -15.39
CA ALA C 104 20.26 -27.68 -15.54
C ALA C 104 21.34 -28.59 -14.94
N ASN C 105 22.58 -28.11 -14.83
CA ASN C 105 23.67 -28.94 -14.33
C ASN C 105 23.54 -29.17 -12.82
N ALA C 106 22.77 -28.31 -12.13
CA ALA C 106 22.39 -28.48 -10.74
C ALA C 106 21.07 -29.24 -10.65
N ALA C 107 20.08 -28.77 -11.42
CA ALA C 107 18.75 -29.35 -11.40
C ALA C 107 18.77 -30.83 -11.71
N LYS C 108 19.76 -31.30 -12.49
CA LYS C 108 19.76 -32.69 -12.94
C LYS C 108 20.02 -33.67 -11.78
N ALA C 109 20.52 -33.14 -10.66
CA ALA C 109 20.61 -33.92 -9.43
C ALA C 109 19.26 -34.59 -9.10
N HIS C 110 18.12 -33.98 -9.47
CA HIS C 110 16.85 -34.64 -9.23
C HIS C 110 16.74 -35.97 -9.99
N ILE C 111 17.26 -36.00 -11.22
CA ILE C 111 17.30 -37.21 -12.04
C ILE C 111 18.23 -38.24 -11.39
N GLU C 112 19.41 -37.78 -10.99
CA GLU C 112 20.37 -38.63 -10.26
C GLU C 112 19.70 -39.17 -8.98
N ALA C 113 18.76 -38.42 -8.39
CA ALA C 113 18.11 -38.84 -7.16
C ALA C 113 16.86 -39.69 -7.43
N GLY C 114 16.58 -40.03 -8.69
CA GLY C 114 15.56 -41.03 -9.01
C GLY C 114 14.38 -40.51 -9.82
N ALA C 115 14.32 -39.20 -10.06
CA ALA C 115 13.24 -38.65 -10.86
C ALA C 115 13.50 -38.99 -12.32
N LYS C 116 12.45 -38.89 -13.17
CA LYS C 116 12.63 -39.08 -14.60
C LYS C 116 12.66 -37.73 -15.34
N LYS C 117 11.98 -36.72 -14.77
CA LYS C 117 11.85 -35.44 -15.44
C LYS C 117 11.95 -34.33 -14.42
N VAL C 118 12.54 -33.22 -14.84
CA VAL C 118 12.64 -32.00 -14.04
C VAL C 118 12.09 -30.85 -14.85
N ILE C 119 11.11 -30.12 -14.28
CA ILE C 119 10.57 -28.93 -14.90
C ILE C 119 10.94 -27.73 -14.03
N ILE C 120 11.79 -26.87 -14.57
CA ILE C 120 12.25 -25.71 -13.81
C ILE C 120 11.25 -24.55 -13.99
N SER C 121 10.87 -23.89 -12.89
CA SER C 121 9.80 -22.90 -12.88
C SER C 121 10.34 -21.52 -13.18
N ALA C 122 11.18 -21.40 -14.21
CA ALA C 122 11.91 -20.18 -14.48
C ALA C 122 12.74 -20.37 -15.73
N PRO C 123 13.25 -19.28 -16.33
CA PRO C 123 14.29 -19.39 -17.35
C PRO C 123 15.42 -20.21 -16.77
N ALA C 124 16.01 -21.05 -17.62
CA ALA C 124 17.07 -21.95 -17.21
C ALA C 124 18.35 -21.67 -18.02
N SER C 125 19.42 -22.35 -17.62
CA SER C 125 20.61 -22.41 -18.43
C SER C 125 20.99 -23.88 -18.58
N ASN C 126 21.61 -24.22 -19.71
CA ASN C 126 22.06 -25.57 -20.02
C ASN C 126 20.90 -26.58 -20.05
N GLU C 127 19.68 -26.13 -20.27
CA GLU C 127 18.55 -27.04 -20.17
C GLU C 127 18.38 -27.78 -21.51
N ASP C 128 17.61 -28.87 -21.50
CA ASP C 128 17.29 -29.63 -22.70
C ASP C 128 16.40 -28.83 -23.65
N ALA C 129 15.49 -28.04 -23.08
CA ALA C 129 14.47 -27.35 -23.85
C ALA C 129 13.78 -26.34 -22.93
N THR C 130 13.27 -25.26 -23.53
CA THR C 130 12.40 -24.31 -22.87
C THR C 130 11.08 -24.25 -23.63
N PHE C 131 9.98 -24.13 -22.89
CA PHE C 131 8.65 -24.13 -23.49
C PHE C 131 7.77 -23.04 -22.89
N VAL C 132 7.01 -22.38 -23.77
CA VAL C 132 5.77 -21.72 -23.35
C VAL C 132 4.61 -22.53 -23.92
N TYR C 133 3.80 -23.09 -23.02
CA TYR C 133 2.70 -23.93 -23.41
C TYR C 133 1.75 -23.14 -24.31
N GLY C 134 1.34 -23.79 -25.41
CA GLY C 134 0.47 -23.22 -26.42
C GLY C 134 1.23 -22.51 -27.52
N VAL C 135 2.52 -22.26 -27.30
CA VAL C 135 3.38 -21.62 -28.28
C VAL C 135 4.29 -22.65 -28.94
N ASN C 136 5.04 -23.45 -28.16
CA ASN C 136 6.00 -24.33 -28.79
C ASN C 136 6.08 -25.71 -28.11
N HIS C 137 5.04 -26.09 -27.37
CA HIS C 137 5.06 -27.37 -26.68
C HIS C 137 5.00 -28.56 -27.63
N GLU C 138 4.59 -28.32 -28.88
CA GLU C 138 4.50 -29.38 -29.89
C GLU C 138 5.90 -29.92 -30.17
N SER C 139 6.94 -29.12 -29.88
CA SER C 139 8.31 -29.55 -30.10
C SER C 139 8.83 -30.42 -28.95
N TYR C 140 8.00 -30.78 -27.96
CA TYR C 140 8.48 -31.53 -26.80
C TYR C 140 8.88 -32.94 -27.22
N ASP C 141 10.08 -33.35 -26.80
CA ASP C 141 10.66 -34.63 -27.15
C ASP C 141 10.76 -35.47 -25.88
N PRO C 142 9.84 -36.44 -25.71
CA PRO C 142 9.74 -37.18 -24.45
C PRO C 142 10.99 -38.00 -24.14
N GLU C 143 11.80 -38.31 -25.17
CA GLU C 143 13.03 -39.07 -25.00
C GLU C 143 14.21 -38.19 -24.56
N ASN C 144 14.33 -36.98 -25.13
CA ASN C 144 15.52 -36.17 -24.99
C ASN C 144 15.30 -34.92 -24.14
N HIS C 145 14.03 -34.57 -23.88
CA HIS C 145 13.74 -33.38 -23.11
C HIS C 145 13.38 -33.82 -21.69
N ASN C 146 14.41 -33.88 -20.83
CA ASN C 146 14.24 -34.44 -19.49
C ASN C 146 14.36 -33.37 -18.39
N VAL C 147 15.27 -32.40 -18.59
CA VAL C 147 15.39 -31.26 -17.70
C VAL C 147 15.04 -30.03 -18.54
N ILE C 148 13.84 -29.49 -18.32
CA ILE C 148 13.27 -28.47 -19.16
C ILE C 148 12.89 -27.29 -18.29
N SER C 149 12.61 -26.17 -18.95
CA SER C 149 12.17 -24.93 -18.34
C SER C 149 10.79 -24.59 -18.88
N GLY C 150 9.92 -24.14 -17.98
CA GLY C 150 8.65 -23.56 -18.35
C GLY C 150 8.73 -22.05 -18.55
N ALA C 151 9.96 -21.51 -18.62
CA ALA C 151 10.22 -20.12 -18.96
C ALA C 151 9.72 -19.18 -17.84
N SER C 152 9.65 -17.86 -18.09
CA SER C 152 9.24 -16.95 -17.03
C SER C 152 7.75 -16.61 -17.14
N CYS C 153 7.24 -15.96 -16.09
CA CYS C 153 5.88 -15.45 -16.06
C CYS C 153 5.68 -14.48 -17.22
N THR C 154 6.65 -13.58 -17.43
CA THR C 154 6.55 -12.58 -18.48
C THR C 154 6.59 -13.18 -19.88
N THR C 155 7.50 -14.15 -20.12
CA THR C 155 7.60 -14.78 -21.43
C THR C 155 6.28 -15.50 -21.77
N ASN C 156 5.61 -16.05 -20.77
CA ASN C 156 4.40 -16.83 -20.96
C ASN C 156 3.24 -15.90 -21.32
N CYS C 157 3.37 -14.63 -20.92
CA CYS C 157 2.45 -13.59 -21.33
C CYS C 157 2.80 -13.03 -22.72
N LEU C 158 4.08 -12.69 -22.93
CA LEU C 158 4.51 -12.02 -24.16
C LEU C 158 4.43 -12.95 -25.37
N ALA C 159 4.87 -14.20 -25.22
CA ALA C 159 5.16 -15.04 -26.37
C ALA C 159 3.89 -15.35 -27.15
N PRO C 160 2.76 -15.72 -26.50
CA PRO C 160 1.54 -16.04 -27.24
C PRO C 160 1.02 -14.90 -28.12
N MET C 161 1.18 -13.67 -27.64
CA MET C 161 0.65 -12.50 -28.31
C MET C 161 1.61 -12.10 -29.42
N ALA C 162 2.91 -12.14 -29.14
CA ALA C 162 3.93 -11.89 -30.16
C ALA C 162 3.84 -12.90 -31.30
N LYS C 163 3.59 -14.17 -30.96
CA LYS C 163 3.47 -15.21 -31.99
C LYS C 163 2.32 -14.83 -32.95
N VAL C 164 1.18 -14.46 -32.37
CA VAL C 164 -0.03 -14.26 -33.17
C VAL C 164 0.19 -13.07 -34.09
N LEU C 165 0.75 -11.99 -33.53
CA LEU C 165 0.95 -10.75 -34.24
C LEU C 165 2.10 -10.88 -35.24
N ASN C 166 3.18 -11.59 -34.86
CA ASN C 166 4.27 -11.85 -35.78
C ASN C 166 3.77 -12.63 -37.00
N ASP C 167 3.03 -13.72 -36.75
CA ASP C 167 2.51 -14.57 -37.81
C ASP C 167 1.68 -13.72 -38.79
N LYS C 168 0.86 -12.80 -38.25
CA LYS C 168 -0.09 -12.06 -39.06
C LYS C 168 0.58 -10.90 -39.80
N PHE C 169 1.36 -10.08 -39.11
CA PHE C 169 1.80 -8.80 -39.65
C PHE C 169 3.33 -8.72 -39.80
N GLY C 170 4.06 -9.54 -39.04
CA GLY C 170 5.51 -9.47 -39.02
C GLY C 170 6.03 -8.39 -38.08
N ILE C 171 6.78 -8.80 -37.06
CA ILE C 171 7.41 -7.88 -36.13
C ILE C 171 8.84 -7.62 -36.58
N GLU C 172 9.15 -6.36 -36.90
CA GLU C 172 10.51 -5.97 -37.24
C GLU C 172 11.37 -5.93 -35.98
N ASN C 173 10.97 -5.08 -35.01
CA ASN C 173 11.57 -5.02 -33.68
C ASN C 173 10.49 -4.58 -32.68
N GLY C 174 10.65 -4.98 -31.42
CA GLY C 174 9.72 -4.53 -30.38
C GLY C 174 10.42 -4.44 -29.04
N LEU C 175 9.96 -3.51 -28.21
CA LEU C 175 10.49 -3.29 -26.88
C LEU C 175 9.35 -3.36 -25.87
N MET C 176 9.61 -4.04 -24.76
CA MET C 176 8.57 -4.39 -23.80
C MET C 176 8.84 -3.68 -22.48
N THR C 177 7.75 -3.26 -21.83
CA THR C 177 7.76 -2.93 -20.43
C THR C 177 6.73 -3.80 -19.73
N THR C 178 7.15 -4.54 -18.71
CA THR C 178 6.16 -5.20 -17.90
C THR C 178 6.04 -4.45 -16.58
N VAL C 179 4.80 -4.09 -16.27
CA VAL C 179 4.46 -3.43 -15.02
C VAL C 179 3.95 -4.53 -14.11
N HIS C 180 4.73 -4.84 -13.10
CA HIS C 180 4.69 -6.16 -12.49
C HIS C 180 4.59 -6.05 -10.97
N ALA C 181 3.72 -6.89 -10.41
CA ALA C 181 3.60 -7.15 -8.98
C ALA C 181 4.97 -7.35 -8.36
N TYR C 182 5.16 -6.88 -7.13
CA TYR C 182 6.43 -7.15 -6.47
C TYR C 182 6.53 -8.64 -6.21
N THR C 183 7.77 -9.13 -6.11
CA THR C 183 7.99 -10.55 -5.86
C THR C 183 8.99 -10.68 -4.73
N GLY C 184 9.15 -11.93 -4.25
CA GLY C 184 9.86 -12.25 -3.02
C GLY C 184 11.36 -11.95 -3.08
N ASP C 185 11.88 -11.63 -4.26
CA ASP C 185 13.28 -11.27 -4.42
C ASP C 185 13.52 -9.84 -3.94
N GLN C 186 12.46 -9.04 -3.80
CA GLN C 186 12.58 -7.64 -3.41
C GLN C 186 12.60 -7.49 -1.89
N ARG C 187 13.20 -6.41 -1.38
CA ARG C 187 13.25 -6.16 0.05
C ARG C 187 12.02 -5.35 0.48
N LEU C 188 11.56 -5.60 1.71
CA LEU C 188 10.46 -4.88 2.31
C LEU C 188 10.91 -3.48 2.77
N HIS C 189 12.13 -3.43 3.32
CA HIS C 189 12.78 -2.20 3.73
C HIS C 189 14.07 -2.07 2.95
N ASP C 190 14.52 -0.83 2.70
CA ASP C 190 15.80 -0.58 2.04
C ASP C 190 16.89 -1.43 2.71
N ALA C 191 17.50 -2.35 1.93
CA ALA C 191 18.40 -3.32 2.51
C ALA C 191 19.21 -4.02 1.43
N SER C 192 20.14 -4.87 1.89
CA SER C 192 21.09 -5.58 1.06
C SER C 192 20.41 -6.23 -0.14
N HIS C 193 20.97 -5.97 -1.32
CA HIS C 193 20.62 -6.72 -2.52
C HIS C 193 21.70 -6.50 -3.55
N ARG C 194 21.92 -7.48 -4.42
CA ARG C 194 22.90 -7.34 -5.46
C ARG C 194 22.39 -6.33 -6.50
N ASP C 195 21.08 -6.14 -6.57
CA ASP C 195 20.48 -5.18 -7.49
C ASP C 195 20.03 -3.98 -6.65
N LEU C 196 20.68 -2.83 -6.87
CA LEU C 196 20.55 -1.71 -5.95
C LEU C 196 19.17 -1.07 -6.07
N ARG C 197 18.41 -1.41 -7.12
CA ARG C 197 17.03 -0.96 -7.20
C ARG C 197 16.10 -1.90 -6.43
N ARG C 198 16.34 -3.22 -6.55
CA ARG C 198 15.52 -4.22 -5.86
C ARG C 198 15.78 -4.22 -4.35
N ALA C 199 16.91 -3.62 -3.95
CA ALA C 199 17.20 -3.30 -2.57
C ALA C 199 16.14 -2.42 -1.89
N ARG C 200 15.34 -1.69 -2.69
CA ARG C 200 14.55 -0.57 -2.16
C ARG C 200 13.12 -1.01 -1.85
N ALA C 201 12.66 -0.54 -0.67
CA ALA C 201 11.34 -0.83 -0.11
C ALA C 201 10.29 -1.07 -1.20
N ALA C 202 9.92 -2.35 -1.40
CA ALA C 202 9.11 -2.77 -2.54
C ALA C 202 7.72 -2.17 -2.53
N ALA C 203 7.12 -2.04 -1.34
CA ALA C 203 5.70 -1.75 -1.25
C ALA C 203 5.42 -0.24 -1.35
N VAL C 204 6.46 0.60 -1.45
CA VAL C 204 6.26 2.03 -1.61
C VAL C 204 7.02 2.58 -2.82
N ASN C 205 7.49 1.69 -3.71
CA ASN C 205 8.34 2.09 -4.82
C ASN C 205 7.89 1.46 -6.13
N ILE C 206 7.99 2.27 -7.21
CA ILE C 206 8.16 1.75 -8.56
C ILE C 206 9.63 1.37 -8.72
N VAL C 207 9.91 0.09 -8.99
CA VAL C 207 11.29 -0.40 -9.00
C VAL C 207 11.63 -1.00 -10.36
N PRO C 208 12.50 -0.31 -11.15
CA PRO C 208 12.97 -0.88 -12.40
C PRO C 208 13.93 -2.04 -12.17
N THR C 209 13.71 -3.10 -12.94
CA THR C 209 14.58 -4.23 -12.85
C THR C 209 14.59 -4.95 -14.20
N SER C 210 15.70 -5.65 -14.44
CA SER C 210 15.97 -6.25 -15.73
C SER C 210 15.22 -7.56 -15.74
N THR C 211 14.59 -7.83 -16.87
CA THR C 211 14.02 -9.14 -17.16
C THR C 211 14.71 -9.56 -18.45
N GLY C 212 15.08 -10.85 -18.59
CA GLY C 212 15.53 -11.34 -19.87
C GLY C 212 14.36 -11.85 -20.71
N ALA C 213 13.13 -11.49 -20.32
CA ALA C 213 11.95 -12.24 -20.73
C ALA C 213 11.54 -11.92 -22.17
N ALA C 214 11.95 -10.75 -22.68
CA ALA C 214 11.64 -10.41 -24.06
C ALA C 214 12.63 -11.11 -25.01
N LYS C 215 13.92 -11.15 -24.62
CA LYS C 215 14.93 -11.81 -25.43
C LYS C 215 14.75 -13.32 -25.38
N ALA C 216 14.15 -13.84 -24.29
CA ALA C 216 13.94 -15.26 -24.07
C ALA C 216 12.78 -15.81 -24.92
N VAL C 217 11.92 -14.91 -25.42
CA VAL C 217 10.95 -15.27 -26.45
C VAL C 217 11.66 -15.98 -27.60
N ALA C 218 12.95 -15.65 -27.84
CA ALA C 218 13.75 -16.20 -28.93
C ALA C 218 13.98 -17.71 -28.80
N LEU C 219 14.07 -18.20 -27.56
CA LEU C 219 14.18 -19.65 -27.32
C LEU C 219 12.91 -20.34 -27.80
N VAL C 220 11.77 -19.68 -27.64
CA VAL C 220 10.46 -20.26 -27.87
C VAL C 220 9.97 -19.94 -29.29
N LEU C 221 10.42 -18.80 -29.84
CA LEU C 221 10.09 -18.35 -31.18
C LEU C 221 11.39 -17.87 -31.83
N PRO C 222 12.18 -18.78 -32.42
CA PRO C 222 13.50 -18.40 -32.94
C PRO C 222 13.41 -17.38 -34.07
N GLU C 223 12.24 -17.28 -34.73
CA GLU C 223 11.98 -16.27 -35.75
C GLU C 223 12.19 -14.87 -35.18
N LEU C 224 12.09 -14.71 -33.85
CA LEU C 224 12.14 -13.38 -33.24
C LEU C 224 13.49 -13.11 -32.57
N LYS C 225 14.47 -13.99 -32.76
CA LYS C 225 15.77 -13.76 -32.14
C LYS C 225 16.29 -12.40 -32.59
N GLY C 226 16.85 -11.65 -31.64
CA GLY C 226 17.41 -10.34 -31.91
C GLY C 226 16.35 -9.24 -32.07
N LYS C 227 15.06 -9.57 -31.99
CA LYS C 227 14.05 -8.62 -32.42
C LYS C 227 13.31 -7.98 -31.23
N LEU C 228 13.53 -8.50 -30.02
CA LEU C 228 12.75 -8.11 -28.85
C LEU C 228 13.69 -7.85 -27.70
N ASP C 229 13.37 -6.82 -26.90
CA ASP C 229 14.05 -6.63 -25.63
C ASP C 229 13.07 -5.87 -24.73
N GLY C 230 13.42 -5.77 -23.45
CA GLY C 230 12.61 -4.99 -22.52
C GLY C 230 13.15 -5.10 -21.11
N TYR C 231 12.33 -4.60 -20.16
CA TYR C 231 12.63 -4.54 -18.75
C TYR C 231 11.31 -4.53 -17.98
N ALA C 232 11.41 -4.49 -16.65
CA ALA C 232 10.24 -4.53 -15.77
C ALA C 232 10.21 -3.30 -14.88
N LEU C 233 9.00 -2.88 -14.52
CA LEU C 233 8.79 -1.97 -13.40
C LEU C 233 7.95 -2.68 -12.34
N ARG C 234 8.59 -3.09 -11.25
CA ARG C 234 7.88 -3.67 -10.11
C ARG C 234 7.10 -2.57 -9.40
N VAL C 235 5.83 -2.81 -9.12
CA VAL C 235 4.97 -1.80 -8.52
C VAL C 235 4.22 -2.42 -7.36
N PRO C 236 3.66 -1.63 -6.43
CA PRO C 236 3.02 -2.20 -5.24
C PRO C 236 1.62 -2.79 -5.36
N VAL C 237 1.53 -3.92 -6.07
CA VAL C 237 0.44 -4.87 -5.92
C VAL C 237 1.10 -6.23 -5.68
N ILE C 238 0.40 -7.10 -4.95
CA ILE C 238 1.00 -8.32 -4.44
C ILE C 238 1.01 -9.41 -5.51
N THR C 239 0.02 -9.43 -6.40
CA THR C 239 0.13 -10.25 -7.60
C THR C 239 -0.66 -9.57 -8.72
N GLY C 240 -0.36 -9.92 -9.97
CA GLY C 240 -1.03 -9.35 -11.11
C GLY C 240 -0.11 -8.38 -11.83
N SER C 241 0.00 -8.58 -13.15
CA SER C 241 0.97 -7.87 -13.95
C SER C 241 0.42 -7.63 -15.36
N ALA C 242 1.12 -6.78 -16.10
CA ALA C 242 0.78 -6.45 -17.48
C ALA C 242 2.05 -6.31 -18.28
N THR C 243 2.06 -6.92 -19.48
CA THR C 243 3.13 -6.73 -20.43
C THR C 243 2.67 -5.78 -21.54
N ASP C 244 3.42 -4.69 -21.68
CA ASP C 244 3.21 -3.63 -22.64
C ASP C 244 4.29 -3.74 -23.71
N LEU C 245 3.89 -4.13 -24.93
CA LEU C 245 4.81 -4.33 -26.04
C LEU C 245 4.57 -3.28 -27.11
N THR C 246 5.64 -2.57 -27.47
CA THR C 246 5.62 -1.61 -28.54
C THR C 246 6.53 -2.11 -29.66
N PHE C 247 5.98 -2.32 -30.85
CA PHE C 247 6.76 -2.87 -31.95
C PHE C 247 6.47 -2.11 -33.24
N ASN C 248 7.40 -2.21 -34.19
CA ASN C 248 7.15 -1.68 -35.52
C ASN C 248 6.95 -2.83 -36.50
N THR C 249 6.17 -2.54 -37.55
CA THR C 249 5.82 -3.52 -38.55
C THR C 249 5.78 -2.82 -39.92
N LYS C 250 6.06 -3.59 -40.99
CA LYS C 250 6.01 -3.12 -42.36
C LYS C 250 4.59 -3.20 -42.88
N SER C 251 3.75 -4.04 -42.26
CA SER C 251 2.35 -4.15 -42.63
C SER C 251 1.61 -2.86 -42.31
N GLU C 252 0.52 -2.62 -43.05
CA GLU C 252 -0.38 -1.52 -42.75
C GLU C 252 -1.42 -2.09 -41.79
N VAL C 253 -1.56 -1.47 -40.62
CA VAL C 253 -2.33 -2.08 -39.54
C VAL C 253 -3.16 -0.99 -38.89
N THR C 254 -4.27 -1.41 -38.26
CA THR C 254 -5.08 -0.51 -37.46
C THR C 254 -5.30 -1.17 -36.10
N VAL C 255 -5.87 -0.39 -35.18
CA VAL C 255 -6.24 -0.90 -33.88
C VAL C 255 -7.19 -2.08 -34.07
N GLU C 256 -8.13 -1.95 -35.01
CA GLU C 256 -9.14 -2.98 -35.21
C GLU C 256 -8.51 -4.24 -35.79
N SER C 257 -7.58 -4.11 -36.74
CA SER C 257 -7.02 -5.30 -37.38
C SER C 257 -6.07 -6.02 -36.41
N ILE C 258 -5.38 -5.26 -35.55
CA ILE C 258 -4.52 -5.84 -34.53
C ILE C 258 -5.40 -6.65 -33.58
N ASN C 259 -6.50 -6.04 -33.12
CA ASN C 259 -7.37 -6.66 -32.12
C ASN C 259 -8.02 -7.89 -32.73
N ALA C 260 -8.38 -7.79 -34.03
CA ALA C 260 -9.08 -8.87 -34.70
C ALA C 260 -8.17 -10.08 -34.81
N ALA C 261 -6.86 -9.85 -34.99
CA ALA C 261 -5.93 -10.96 -35.16
C ALA C 261 -5.86 -11.80 -33.87
N ILE C 262 -5.83 -11.14 -32.70
CA ILE C 262 -5.81 -11.87 -31.43
C ILE C 262 -7.16 -12.55 -31.23
N LYS C 263 -8.26 -11.83 -31.47
CA LYS C 263 -9.56 -12.43 -31.23
C LYS C 263 -9.72 -13.71 -32.05
N GLU C 264 -9.35 -13.66 -33.33
CA GLU C 264 -9.30 -14.82 -34.20
C GLU C 264 -8.55 -15.99 -33.59
N ALA C 265 -7.33 -15.71 -33.08
CA ALA C 265 -6.41 -16.73 -32.61
C ALA C 265 -6.85 -17.30 -31.27
N ALA C 266 -7.44 -16.47 -30.43
CA ALA C 266 -7.71 -16.86 -29.05
C ALA C 266 -8.98 -17.70 -28.96
N VAL C 267 -8.94 -18.95 -29.44
CA VAL C 267 -10.18 -19.70 -29.58
C VAL C 267 -10.07 -21.12 -29.01
N GLY C 268 -9.01 -21.87 -29.29
CA GLY C 268 -9.16 -23.30 -29.05
C GLY C 268 -8.54 -23.73 -27.71
N GLU C 269 -7.84 -24.86 -27.74
CA GLU C 269 -6.81 -25.16 -26.76
C GLU C 269 -5.93 -23.93 -26.52
N PHE C 270 -5.51 -23.27 -27.61
CA PHE C 270 -4.63 -22.12 -27.52
C PHE C 270 -5.31 -21.03 -26.72
N GLY C 271 -6.65 -20.98 -26.79
CA GLY C 271 -7.44 -19.99 -26.09
C GLY C 271 -7.44 -20.18 -24.58
N GLU C 272 -6.97 -21.34 -24.11
CA GLU C 272 -6.77 -21.54 -22.68
C GLU C 272 -5.47 -20.84 -22.23
N THR C 273 -4.55 -20.63 -23.18
CA THR C 273 -3.32 -19.89 -22.91
C THR C 273 -3.54 -18.39 -23.11
N LEU C 274 -4.16 -18.01 -24.22
CA LEU C 274 -4.31 -16.60 -24.54
C LEU C 274 -5.79 -16.25 -24.63
N ALA C 275 -6.21 -15.25 -23.85
CA ALA C 275 -7.57 -14.78 -23.92
C ALA C 275 -7.60 -13.39 -24.56
N TYR C 276 -8.77 -13.04 -25.08
CA TYR C 276 -9.07 -11.76 -25.70
C TYR C 276 -10.15 -11.10 -24.86
N SER C 277 -9.88 -9.89 -24.35
CA SER C 277 -10.85 -9.20 -23.51
C SER C 277 -11.09 -7.80 -24.05
N GLU C 278 -12.37 -7.41 -23.96
CA GLU C 278 -12.78 -6.05 -24.25
C GLU C 278 -13.36 -5.46 -22.97
N GLU C 279 -13.06 -6.07 -21.81
CA GLU C 279 -13.62 -5.63 -20.54
C GLU C 279 -12.78 -4.48 -19.95
N PRO C 280 -13.34 -3.68 -19.00
CA PRO C 280 -12.58 -2.60 -18.37
C PRO C 280 -11.70 -3.12 -17.24
N LEU C 281 -10.63 -3.83 -17.61
CA LEU C 281 -9.87 -4.64 -16.66
C LEU C 281 -8.96 -3.76 -15.82
N VAL C 282 -8.81 -4.11 -14.54
CA VAL C 282 -7.70 -3.65 -13.72
C VAL C 282 -7.09 -4.91 -13.11
N SER C 283 -5.90 -4.77 -12.49
CA SER C 283 -5.07 -5.92 -12.12
C SER C 283 -5.86 -6.89 -11.25
N THR C 284 -6.70 -6.39 -10.34
CA THR C 284 -7.40 -7.30 -9.43
C THR C 284 -8.32 -8.24 -10.19
N ASP C 285 -8.76 -7.86 -11.39
CA ASP C 285 -9.70 -8.65 -12.17
C ASP C 285 -9.04 -9.86 -12.81
N ILE C 286 -7.72 -9.89 -12.89
CA ILE C 286 -7.01 -10.99 -13.54
C ILE C 286 -6.22 -11.81 -12.52
N VAL C 287 -6.34 -11.45 -11.24
CA VAL C 287 -5.84 -12.28 -10.16
C VAL C 287 -6.62 -13.59 -10.17
N HIS C 288 -5.91 -14.72 -10.13
CA HIS C 288 -6.44 -16.08 -10.20
C HIS C 288 -7.02 -16.45 -11.57
N ASP C 289 -6.67 -15.71 -12.62
CA ASP C 289 -7.02 -16.13 -13.98
C ASP C 289 -6.04 -17.23 -14.43
N SER C 290 -6.57 -18.30 -15.06
CA SER C 290 -5.77 -19.45 -15.49
C SER C 290 -5.02 -19.25 -16.82
N HIS C 291 -5.22 -18.12 -17.50
CA HIS C 291 -4.57 -17.86 -18.77
C HIS C 291 -3.12 -17.41 -18.55
N GLY C 292 -2.25 -17.70 -19.53
CA GLY C 292 -0.90 -17.16 -19.59
C GLY C 292 -0.84 -15.66 -19.93
N SER C 293 -1.84 -15.23 -20.71
CA SER C 293 -1.84 -13.95 -21.37
C SER C 293 -3.29 -13.55 -21.59
N ILE C 294 -3.72 -12.41 -21.01
CA ILE C 294 -5.05 -11.86 -21.21
C ILE C 294 -4.90 -10.55 -21.97
N PHE C 295 -5.16 -10.61 -23.28
CA PHE C 295 -4.98 -9.46 -24.18
C PHE C 295 -6.09 -8.44 -23.95
N ASP C 296 -5.68 -7.17 -23.74
CA ASP C 296 -6.61 -6.10 -23.42
C ASP C 296 -6.81 -5.21 -24.66
N ALA C 297 -7.89 -5.47 -25.40
CA ALA C 297 -8.13 -4.83 -26.69
C ALA C 297 -8.32 -3.31 -26.54
N GLY C 298 -8.76 -2.87 -25.37
CA GLY C 298 -8.95 -1.45 -25.12
C GLY C 298 -7.65 -0.67 -25.07
N LEU C 299 -6.50 -1.32 -24.94
CA LEU C 299 -5.25 -0.59 -24.74
C LEU C 299 -4.38 -0.58 -26.00
N THR C 300 -4.86 -1.20 -27.07
CA THR C 300 -4.15 -1.19 -28.34
C THR C 300 -4.09 0.24 -28.90
N LYS C 301 -2.89 0.66 -29.30
CA LYS C 301 -2.70 1.94 -29.99
C LYS C 301 -1.85 1.73 -31.24
N VAL C 302 -2.07 2.57 -32.26
CA VAL C 302 -1.27 2.54 -33.48
C VAL C 302 -0.95 3.98 -33.89
N SER C 303 0.34 4.24 -34.17
CA SER C 303 0.79 5.51 -34.72
C SER C 303 1.77 5.23 -35.85
N GLY C 304 1.31 5.47 -37.09
CA GLY C 304 2.02 5.06 -38.29
C GLY C 304 2.23 3.55 -38.35
N ASN C 305 3.49 3.11 -38.22
CA ASN C 305 3.82 1.70 -38.28
C ASN C 305 4.17 1.15 -36.89
N THR C 306 4.04 1.99 -35.85
CA THR C 306 4.34 1.62 -34.48
C THR C 306 3.06 1.19 -33.76
N VAL C 307 3.14 0.02 -33.12
CA VAL C 307 1.98 -0.63 -32.54
C VAL C 307 2.27 -0.82 -31.05
N LYS C 308 1.27 -0.54 -30.21
CA LYS C 308 1.38 -0.87 -28.80
C LYS C 308 0.23 -1.79 -28.46
N VAL C 309 0.58 -2.93 -27.85
CA VAL C 309 -0.39 -3.87 -27.31
C VAL C 309 -0.03 -4.18 -25.86
N VAL C 310 -1.05 -4.57 -25.09
CA VAL C 310 -0.94 -4.80 -23.67
C VAL C 310 -1.69 -6.08 -23.29
N SER C 311 -1.00 -6.97 -22.56
CA SER C 311 -1.62 -8.18 -22.04
C SER C 311 -1.36 -8.36 -20.53
N TRP C 312 -2.41 -8.77 -19.83
CA TRP C 312 -2.40 -9.07 -18.41
C TRP C 312 -1.98 -10.50 -18.14
N TYR C 313 -1.46 -10.75 -16.93
CA TYR C 313 -1.25 -12.09 -16.42
C TYR C 313 -1.18 -12.06 -14.90
N ASP C 314 -1.76 -13.07 -14.26
CA ASP C 314 -1.42 -13.35 -12.87
C ASP C 314 -0.08 -14.07 -12.87
N ASN C 315 0.98 -13.31 -12.58
CA ASN C 315 2.33 -13.84 -12.56
C ASN C 315 2.46 -15.07 -11.65
N GLU C 316 1.62 -15.22 -10.60
CA GLU C 316 1.59 -16.44 -9.82
C GLU C 316 0.74 -17.53 -10.50
N TRP C 317 -0.59 -17.36 -10.50
CA TRP C 317 -1.53 -18.43 -10.85
C TRP C 317 -1.54 -18.69 -12.35
N GLY C 318 -1.51 -17.61 -13.14
CA GLY C 318 -1.47 -17.70 -14.59
C GLY C 318 -0.26 -18.51 -15.07
N TYR C 319 0.90 -18.10 -14.61
CA TYR C 319 2.13 -18.81 -14.91
C TYR C 319 2.02 -20.25 -14.41
N THR C 320 1.49 -20.44 -13.20
CA THR C 320 1.38 -21.76 -12.62
C THR C 320 0.52 -22.69 -13.48
N CYS C 321 -0.59 -22.14 -14.02
CA CYS C 321 -1.49 -22.93 -14.85
C CYS C 321 -0.80 -23.33 -16.16
N GLN C 322 0.06 -22.44 -16.67
CA GLN C 322 0.90 -22.79 -17.83
C GLN C 322 1.88 -23.90 -17.49
N LEU C 323 2.54 -23.78 -16.34
CA LEU C 323 3.46 -24.81 -15.90
C LEU C 323 2.75 -26.16 -15.74
N LEU C 324 1.51 -26.13 -15.23
CA LEU C 324 0.71 -27.34 -15.04
C LEU C 324 0.36 -27.95 -16.40
N ARG C 325 -0.03 -27.14 -17.37
CA ARG C 325 -0.27 -27.57 -18.74
C ARG C 325 0.98 -28.26 -19.32
N LEU C 326 2.16 -27.67 -19.07
CA LEU C 326 3.42 -28.27 -19.48
C LEU C 326 3.64 -29.59 -18.74
N THR C 327 3.33 -29.65 -17.43
CA THR C 327 3.53 -30.87 -16.67
C THR C 327 2.62 -31.99 -17.17
N GLU C 328 1.37 -31.63 -17.56
CA GLU C 328 0.38 -32.62 -17.99
C GLU C 328 0.85 -33.26 -19.28
N LEU C 329 1.46 -32.45 -20.15
CA LEU C 329 1.96 -32.94 -21.43
C LEU C 329 3.07 -33.93 -21.17
N VAL C 330 4.01 -33.55 -20.29
CA VAL C 330 5.10 -34.44 -19.89
C VAL C 330 4.58 -35.73 -19.29
N ALA C 331 3.55 -35.64 -18.45
CA ALA C 331 2.97 -36.78 -17.77
C ALA C 331 2.22 -37.70 -18.74
N SER C 332 1.78 -37.14 -19.87
CA SER C 332 0.98 -37.86 -20.83
C SER C 332 1.83 -38.67 -21.81
N LYS C 333 3.16 -38.54 -21.73
CA LYS C 333 4.03 -39.22 -22.67
C LYS C 333 5.05 -40.04 -21.90
N LEU C 334 5.93 -40.68 -22.67
CA LEU C 334 6.88 -41.68 -22.21
C LEU C 334 7.72 -41.09 -21.09
N LEU C 335 7.71 -41.76 -19.93
CA LEU C 335 8.63 -41.50 -18.82
C LEU C 335 9.59 -42.68 -18.68
N GLU C 336 10.58 -42.76 -19.57
CA GLU C 336 11.65 -43.73 -19.40
C GLU C 336 12.79 -43.07 -18.58
N THR D 2 -40.69 -17.11 -1.83
CA THR D 2 -39.68 -16.06 -2.11
C THR D 2 -40.11 -14.76 -1.44
N ILE D 3 -39.21 -14.16 -0.64
CA ILE D 3 -39.45 -12.83 -0.10
C ILE D 3 -38.61 -11.85 -0.90
N ARG D 4 -39.28 -10.81 -1.38
CA ARG D 4 -38.74 -9.94 -2.39
C ARG D 4 -38.06 -8.77 -1.68
N VAL D 5 -36.80 -8.49 -2.08
CA VAL D 5 -35.93 -7.56 -1.39
C VAL D 5 -35.55 -6.45 -2.37
N GLY D 6 -35.50 -5.23 -1.86
CA GLY D 6 -34.91 -4.13 -2.59
C GLY D 6 -33.69 -3.56 -1.85
N ILE D 7 -32.74 -3.04 -2.63
CA ILE D 7 -31.55 -2.42 -2.09
C ILE D 7 -31.55 -0.96 -2.49
N ASN D 8 -31.41 -0.09 -1.49
CA ASN D 8 -31.24 1.33 -1.68
C ASN D 8 -29.78 1.63 -1.33
N GLY D 9 -28.97 1.94 -2.35
CA GLY D 9 -27.55 2.20 -2.15
C GLY D 9 -26.73 0.97 -2.52
N PHE D 10 -26.35 0.87 -3.80
CA PHE D 10 -25.66 -0.30 -4.32
C PHE D 10 -24.14 -0.07 -4.23
N GLY D 11 -23.66 0.21 -3.02
CA GLY D 11 -22.23 0.44 -2.79
C GLY D 11 -21.55 -0.85 -2.34
N ARG D 12 -20.51 -0.70 -1.51
CA ARG D 12 -19.79 -1.87 -1.00
C ARG D 12 -20.75 -2.83 -0.30
N ILE D 13 -21.49 -2.31 0.68
CA ILE D 13 -22.37 -3.17 1.46
C ILE D 13 -23.55 -3.68 0.62
N GLY D 14 -24.20 -2.79 -0.17
CA GLY D 14 -25.23 -3.18 -1.12
C GLY D 14 -24.84 -4.34 -2.05
N ARG D 15 -23.61 -4.29 -2.59
CA ARG D 15 -23.14 -5.27 -3.56
C ARG D 15 -22.67 -6.54 -2.84
N ASN D 16 -22.04 -6.39 -1.67
CA ASN D 16 -21.79 -7.51 -0.76
C ASN D 16 -23.12 -8.25 -0.52
N PHE D 17 -24.16 -7.48 -0.19
CA PHE D 17 -25.43 -8.06 0.22
C PHE D 17 -26.05 -8.82 -0.95
N PHE D 18 -26.03 -8.22 -2.15
CA PHE D 18 -26.52 -8.89 -3.34
C PHE D 18 -25.80 -10.22 -3.57
N ARG D 19 -24.48 -10.26 -3.39
CA ARG D 19 -23.75 -11.49 -3.62
C ARG D 19 -24.10 -12.50 -2.52
N ALA D 20 -24.30 -12.01 -1.29
CA ALA D 20 -24.64 -12.89 -0.17
C ALA D 20 -26.01 -13.53 -0.39
N VAL D 21 -26.97 -12.73 -0.87
CA VAL D 21 -28.28 -13.26 -1.20
C VAL D 21 -28.12 -14.41 -2.19
N LEU D 22 -27.39 -14.19 -3.29
CA LEU D 22 -27.24 -15.18 -4.33
C LEU D 22 -26.60 -16.46 -3.78
N GLU D 23 -25.60 -16.30 -2.90
CA GLU D 23 -24.77 -17.40 -2.46
C GLU D 23 -25.37 -18.15 -1.27
N ARG D 24 -26.06 -17.45 -0.36
CA ARG D 24 -26.38 -18.02 0.93
C ARG D 24 -27.89 -18.05 1.19
N SER D 25 -28.69 -17.57 0.25
CA SER D 25 -30.12 -17.51 0.49
C SER D 25 -30.88 -18.37 -0.51
N ASP D 26 -31.93 -19.03 -0.02
CA ASP D 26 -32.83 -19.78 -0.86
C ASP D 26 -34.25 -19.25 -0.73
N ASP D 27 -34.49 -18.20 0.04
CA ASP D 27 -35.84 -17.68 0.17
C ASP D 27 -35.93 -16.16 -0.05
N LEU D 28 -34.80 -15.50 -0.35
CA LEU D 28 -34.84 -14.07 -0.65
C LEU D 28 -34.47 -13.84 -2.11
N GLU D 29 -35.01 -12.77 -2.68
CA GLU D 29 -34.64 -12.40 -4.03
C GLU D 29 -34.61 -10.88 -4.11
N VAL D 30 -33.47 -10.35 -4.56
CA VAL D 30 -33.35 -8.94 -4.89
C VAL D 30 -34.01 -8.69 -6.24
N VAL D 31 -35.06 -7.85 -6.27
CA VAL D 31 -35.79 -7.61 -7.51
C VAL D 31 -35.68 -6.15 -7.95
N ALA D 32 -35.26 -5.25 -7.04
CA ALA D 32 -35.16 -3.84 -7.37
C ALA D 32 -34.02 -3.20 -6.59
N VAL D 33 -33.36 -2.28 -7.26
CA VAL D 33 -32.19 -1.58 -6.74
C VAL D 33 -32.33 -0.10 -7.10
N ASN D 34 -32.06 0.77 -6.13
CA ASN D 34 -31.97 2.20 -6.36
C ASN D 34 -30.57 2.67 -5.99
N ASP D 35 -29.97 3.47 -6.88
CA ASP D 35 -28.59 3.87 -6.69
C ASP D 35 -28.26 5.04 -7.62
N SER D 36 -27.30 5.87 -7.21
CA SER D 36 -26.90 7.04 -7.99
C SER D 36 -26.19 6.69 -9.31
N LYS D 37 -25.54 5.51 -9.40
CA LYS D 37 -24.76 5.15 -10.58
C LYS D 37 -25.67 4.95 -11.80
N ASP D 38 -25.15 5.18 -13.01
CA ASP D 38 -25.87 4.75 -14.20
C ASP D 38 -25.71 3.24 -14.34
N ASN D 39 -26.50 2.62 -15.22
CA ASN D 39 -26.63 1.17 -15.25
C ASN D 39 -25.35 0.50 -15.78
N LYS D 40 -24.59 1.22 -16.61
CA LYS D 40 -23.35 0.70 -17.16
C LYS D 40 -22.31 0.57 -16.05
N THR D 41 -22.15 1.62 -15.25
CA THR D 41 -21.23 1.62 -14.12
C THR D 41 -21.70 0.61 -13.08
N LEU D 42 -23.02 0.60 -12.84
CA LEU D 42 -23.56 -0.20 -11.76
C LEU D 42 -23.38 -1.68 -12.09
N SER D 43 -23.62 -2.08 -13.35
CA SER D 43 -23.48 -3.47 -13.74
C SER D 43 -22.01 -3.85 -13.78
N THR D 44 -21.14 -2.92 -14.24
CA THR D 44 -19.71 -3.18 -14.25
C THR D 44 -19.24 -3.48 -12.83
N LEU D 45 -19.64 -2.67 -11.86
CA LEU D 45 -19.14 -2.85 -10.50
C LEU D 45 -19.74 -4.07 -9.81
N LEU D 46 -20.86 -4.59 -10.33
CA LEU D 46 -21.41 -5.84 -9.86
C LEU D 46 -20.59 -7.02 -10.37
N LYS D 47 -20.22 -6.94 -11.64
CA LYS D 47 -19.52 -8.01 -12.34
C LYS D 47 -18.08 -8.15 -11.84
N PHE D 48 -17.40 -7.01 -11.65
CA PHE D 48 -16.00 -6.96 -11.27
C PHE D 48 -15.88 -6.35 -9.88
N ASP D 49 -15.11 -6.99 -9.01
CA ASP D 49 -14.98 -6.54 -7.63
C ASP D 49 -13.52 -6.70 -7.22
N SER D 50 -12.91 -5.62 -6.72
CA SER D 50 -11.48 -5.61 -6.42
C SER D 50 -11.18 -6.51 -5.22
N ILE D 51 -12.21 -6.84 -4.43
CA ILE D 51 -12.07 -7.68 -3.25
C ILE D 51 -12.61 -9.08 -3.52
N MET D 52 -13.80 -9.17 -4.14
CA MET D 52 -14.53 -10.42 -4.19
C MET D 52 -14.26 -11.19 -5.49
N GLY D 53 -13.69 -10.52 -6.50
CA GLY D 53 -13.48 -11.13 -7.79
C GLY D 53 -14.74 -11.11 -8.65
N ARG D 54 -14.69 -11.78 -9.80
CA ARG D 54 -15.74 -11.73 -10.80
C ARG D 54 -17.00 -12.42 -10.28
N LEU D 55 -18.15 -11.83 -10.54
CA LEU D 55 -19.40 -12.46 -10.17
C LEU D 55 -19.50 -13.77 -10.94
N GLY D 56 -20.06 -14.79 -10.32
CA GLY D 56 -20.15 -16.10 -10.97
C GLY D 56 -21.29 -16.21 -11.97
N GLN D 57 -21.91 -15.09 -12.37
CA GLN D 57 -23.10 -15.16 -13.21
C GLN D 57 -23.06 -14.09 -14.28
N GLU D 58 -23.90 -14.29 -15.30
CA GLU D 58 -23.92 -13.39 -16.43
C GLU D 58 -24.65 -12.12 -16.02
N VAL D 59 -24.14 -10.97 -16.47
CA VAL D 59 -24.73 -9.68 -16.15
C VAL D 59 -24.91 -8.89 -17.45
N GLU D 60 -26.13 -8.42 -17.70
CA GLU D 60 -26.37 -7.45 -18.76
C GLU D 60 -27.21 -6.30 -18.20
N TYR D 61 -27.34 -5.23 -18.99
CA TYR D 61 -28.12 -4.08 -18.57
C TYR D 61 -28.82 -3.42 -19.76
N ASP D 62 -29.65 -2.44 -19.41
CA ASP D 62 -30.32 -1.58 -20.37
C ASP D 62 -30.70 -0.30 -19.62
N ASP D 63 -31.70 0.42 -20.14
CA ASP D 63 -32.04 1.73 -19.63
C ASP D 63 -32.71 1.63 -18.27
N ASP D 64 -33.34 0.49 -17.97
CA ASP D 64 -34.27 0.45 -16.86
C ASP D 64 -33.97 -0.70 -15.91
N SER D 65 -32.95 -1.51 -16.23
CA SER D 65 -32.73 -2.74 -15.50
C SER D 65 -31.29 -3.20 -15.66
N ILE D 66 -30.91 -4.15 -14.77
CA ILE D 66 -29.85 -5.10 -15.05
C ILE D 66 -30.49 -6.48 -15.09
N THR D 67 -29.79 -7.44 -15.70
CA THR D 67 -30.28 -8.81 -15.74
C THR D 67 -29.14 -9.71 -15.26
N VAL D 68 -29.40 -10.51 -14.23
CA VAL D 68 -28.36 -11.29 -13.59
C VAL D 68 -28.81 -12.73 -13.48
N GLY D 69 -27.98 -13.64 -14.02
CA GLY D 69 -28.35 -15.03 -14.22
C GLY D 69 -29.73 -15.15 -14.87
N GLY D 70 -29.98 -14.33 -15.89
CA GLY D 70 -31.26 -14.31 -16.59
C GLY D 70 -32.45 -13.80 -15.76
N LYS D 71 -32.22 -13.14 -14.61
CA LYS D 71 -33.30 -12.56 -13.82
C LYS D 71 -33.26 -11.04 -13.97
N ARG D 72 -34.32 -10.45 -14.50
CA ARG D 72 -34.37 -9.00 -14.66
C ARG D 72 -34.53 -8.34 -13.29
N ILE D 73 -33.67 -7.34 -13.04
CA ILE D 73 -33.73 -6.57 -11.81
C ILE D 73 -33.97 -5.11 -12.16
N ALA D 74 -35.02 -4.52 -11.59
CA ALA D 74 -35.40 -3.15 -11.89
C ALA D 74 -34.43 -2.21 -11.17
N VAL D 75 -33.98 -1.16 -11.87
CA VAL D 75 -32.99 -0.25 -11.33
C VAL D 75 -33.49 1.19 -11.47
N TYR D 76 -33.37 1.96 -10.38
CA TYR D 76 -33.82 3.34 -10.34
C TYR D 76 -32.64 4.22 -9.93
N ALA D 77 -32.79 5.54 -10.06
CA ALA D 77 -31.75 6.49 -9.68
C ALA D 77 -32.40 7.71 -9.06
N GLU D 78 -33.16 7.50 -7.99
CA GLU D 78 -33.77 8.56 -7.22
C GLU D 78 -32.86 8.94 -6.06
N ARG D 79 -32.51 10.22 -5.97
CA ARG D 79 -31.88 10.80 -4.81
C ARG D 79 -32.78 10.65 -3.58
N ASP D 80 -34.10 10.81 -3.75
CA ASP D 80 -35.03 10.85 -2.63
C ASP D 80 -35.88 9.59 -2.65
N PRO D 81 -35.84 8.78 -1.57
CA PRO D 81 -36.64 7.55 -1.48
C PRO D 81 -38.14 7.76 -1.70
N LYS D 82 -38.67 8.96 -1.41
CA LYS D 82 -40.11 9.17 -1.49
C LYS D 82 -40.56 9.08 -2.94
N ASN D 83 -39.62 9.21 -3.90
CA ASN D 83 -39.92 9.11 -5.31
C ASN D 83 -39.73 7.69 -5.85
N LEU D 84 -39.47 6.70 -4.98
CA LEU D 84 -39.44 5.30 -5.37
C LEU D 84 -40.84 4.70 -5.24
N ASP D 85 -41.08 3.56 -5.90
CA ASP D 85 -42.29 2.79 -5.69
C ASP D 85 -41.91 1.32 -5.53
N TRP D 86 -41.69 0.91 -4.28
CA TRP D 86 -41.35 -0.47 -3.94
C TRP D 86 -42.54 -1.40 -4.09
N ALA D 87 -43.75 -0.86 -3.84
CA ALA D 87 -44.99 -1.58 -4.02
C ALA D 87 -45.15 -2.08 -5.47
N ALA D 88 -44.66 -1.30 -6.44
CA ALA D 88 -44.77 -1.68 -7.84
C ALA D 88 -44.13 -3.06 -8.10
N HIS D 89 -43.15 -3.46 -7.29
CA HIS D 89 -42.42 -4.71 -7.53
C HIS D 89 -42.69 -5.72 -6.43
N ASN D 90 -43.67 -5.46 -5.56
CA ASN D 90 -44.00 -6.35 -4.44
C ASN D 90 -42.76 -6.58 -3.57
N VAL D 91 -42.05 -5.50 -3.29
CA VAL D 91 -40.91 -5.57 -2.39
C VAL D 91 -41.40 -5.47 -0.95
N ASP D 92 -40.96 -6.45 -0.14
CA ASP D 92 -41.32 -6.57 1.26
C ASP D 92 -40.28 -5.86 2.14
N ILE D 93 -38.99 -6.15 1.90
CA ILE D 93 -37.91 -5.58 2.70
C ILE D 93 -36.97 -4.77 1.81
N VAL D 94 -36.60 -3.58 2.31
CA VAL D 94 -35.58 -2.72 1.71
C VAL D 94 -34.38 -2.62 2.66
N ILE D 95 -33.21 -2.94 2.09
CA ILE D 95 -31.93 -2.76 2.75
C ILE D 95 -31.53 -1.32 2.45
N GLU D 96 -31.47 -0.48 3.47
CA GLU D 96 -31.07 0.89 3.27
C GLU D 96 -29.57 1.01 3.54
N SER D 97 -28.77 1.00 2.46
CA SER D 97 -27.32 0.99 2.56
C SER D 97 -26.67 2.14 1.79
N THR D 98 -27.32 3.31 1.78
CA THR D 98 -26.77 4.49 1.10
C THR D 98 -25.76 5.19 2.01
N GLY D 99 -25.90 5.00 3.33
CA GLY D 99 -25.19 5.77 4.34
C GLY D 99 -25.76 7.18 4.58
N VAL D 100 -26.82 7.57 3.87
CA VAL D 100 -27.32 8.94 4.07
C VAL D 100 -28.72 8.93 4.67
N PHE D 101 -29.27 7.75 4.97
CA PHE D 101 -30.61 7.69 5.54
C PHE D 101 -30.57 6.85 6.82
N THR D 102 -29.53 7.04 7.62
CA THR D 102 -29.43 6.30 8.87
C THR D 102 -30.40 6.87 9.91
N ASP D 103 -31.05 8.00 9.60
CA ASP D 103 -32.17 8.48 10.42
C ASP D 103 -33.42 7.74 9.99
N ALA D 104 -33.99 6.96 10.92
CA ALA D 104 -35.20 6.22 10.60
C ALA D 104 -36.34 7.15 10.14
N ASN D 105 -36.34 8.43 10.55
CA ASN D 105 -37.42 9.32 10.11
C ASN D 105 -37.31 9.61 8.62
N ALA D 106 -36.10 9.57 8.06
CA ALA D 106 -35.92 9.58 6.61
C ALA D 106 -36.12 8.17 6.02
N ALA D 107 -35.58 7.12 6.65
CA ALA D 107 -35.61 5.78 6.07
C ALA D 107 -37.04 5.24 6.03
N LYS D 108 -37.89 5.80 6.91
CA LYS D 108 -39.34 5.57 6.94
C LYS D 108 -39.97 5.76 5.57
N ALA D 109 -39.39 6.66 4.76
CA ALA D 109 -39.92 6.99 3.44
C ALA D 109 -40.05 5.75 2.56
N HIS D 110 -39.20 4.73 2.77
CA HIS D 110 -39.30 3.52 1.96
C HIS D 110 -40.64 2.84 2.20
N ILE D 111 -41.14 2.94 3.43
CA ILE D 111 -42.36 2.27 3.83
C ILE D 111 -43.54 3.03 3.22
N GLU D 112 -43.49 4.37 3.25
CA GLU D 112 -44.47 5.19 2.55
C GLU D 112 -44.52 4.80 1.08
N ALA D 113 -43.36 4.40 0.53
CA ALA D 113 -43.21 4.12 -0.89
C ALA D 113 -43.51 2.64 -1.16
N GLY D 114 -44.03 1.92 -0.16
CA GLY D 114 -44.65 0.63 -0.38
C GLY D 114 -43.89 -0.55 0.23
N ALA D 115 -42.71 -0.31 0.81
CA ALA D 115 -42.02 -1.37 1.54
C ALA D 115 -42.74 -1.65 2.86
N LYS D 116 -42.61 -2.89 3.35
CA LYS D 116 -43.12 -3.29 4.67
C LYS D 116 -42.03 -3.14 5.74
N LYS D 117 -40.78 -3.48 5.40
CA LYS D 117 -39.69 -3.47 6.37
C LYS D 117 -38.49 -2.70 5.79
N VAL D 118 -37.78 -1.98 6.65
CA VAL D 118 -36.51 -1.35 6.29
C VAL D 118 -35.44 -1.84 7.26
N ILE D 119 -34.28 -2.26 6.72
CA ILE D 119 -33.17 -2.63 7.57
C ILE D 119 -32.01 -1.72 7.23
N ILE D 120 -31.66 -0.83 8.16
CA ILE D 120 -30.54 0.06 7.93
C ILE D 120 -29.25 -0.70 8.19
N SER D 121 -28.33 -0.64 7.22
CA SER D 121 -27.02 -1.30 7.28
C SER D 121 -25.99 -0.45 8.03
N ALA D 122 -26.42 0.16 9.15
CA ALA D 122 -25.55 0.97 9.99
C ALA D 122 -26.26 1.32 11.29
N PRO D 123 -25.52 1.88 12.29
CA PRO D 123 -26.17 2.48 13.46
C PRO D 123 -27.14 3.55 12.98
N ALA D 124 -28.30 3.59 13.64
CA ALA D 124 -29.36 4.48 13.23
C ALA D 124 -29.68 5.45 14.37
N SER D 125 -30.56 6.39 14.05
CA SER D 125 -31.27 7.19 15.03
C SER D 125 -32.77 7.07 14.78
N ASN D 126 -33.54 7.02 15.87
CA ASN D 126 -35.00 7.03 15.83
C ASN D 126 -35.54 5.72 15.29
N GLU D 127 -34.71 4.68 15.32
CA GLU D 127 -35.10 3.39 14.78
C GLU D 127 -36.05 2.71 15.77
N ASP D 128 -36.83 1.77 15.26
CA ASP D 128 -37.68 0.93 16.08
C ASP D 128 -36.81 0.08 16.99
N ALA D 129 -35.71 -0.46 16.44
CA ALA D 129 -34.85 -1.36 17.19
C ALA D 129 -33.52 -1.57 16.47
N THR D 130 -32.49 -1.92 17.26
CA THR D 130 -31.16 -2.21 16.74
C THR D 130 -30.79 -3.66 17.08
N PHE D 131 -30.28 -4.42 16.10
CA PHE D 131 -29.95 -5.83 16.28
C PHE D 131 -28.50 -6.16 15.92
N VAL D 132 -27.86 -6.96 16.79
CA VAL D 132 -26.77 -7.82 16.37
C VAL D 132 -27.28 -9.26 16.32
N TYR D 133 -27.36 -9.82 15.13
CA TYR D 133 -27.75 -11.21 15.03
C TYR D 133 -26.88 -12.08 15.92
N GLY D 134 -27.58 -12.88 16.74
CA GLY D 134 -26.98 -13.92 17.56
C GLY D 134 -26.89 -13.46 19.01
N VAL D 135 -27.09 -12.16 19.20
CA VAL D 135 -26.98 -11.49 20.48
C VAL D 135 -28.39 -11.14 20.95
N ASN D 136 -29.14 -10.32 20.19
CA ASN D 136 -30.41 -9.86 20.73
C ASN D 136 -31.58 -10.03 19.75
N HIS D 137 -31.44 -10.92 18.77
CA HIS D 137 -32.42 -10.98 17.69
C HIS D 137 -33.71 -11.67 18.13
N GLU D 138 -33.68 -12.37 19.27
CA GLU D 138 -34.87 -13.01 19.83
C GLU D 138 -35.88 -11.93 20.19
N SER D 139 -35.38 -10.71 20.45
CA SER D 139 -36.22 -9.60 20.90
C SER D 139 -36.88 -8.90 19.71
N TYR D 140 -36.76 -9.45 18.50
CA TYR D 140 -37.36 -8.83 17.34
C TYR D 140 -38.89 -9.00 17.38
N ASP D 141 -39.59 -7.86 17.32
CA ASP D 141 -41.05 -7.80 17.34
C ASP D 141 -41.59 -7.69 15.92
N PRO D 142 -42.12 -8.80 15.34
CA PRO D 142 -42.53 -8.77 13.93
C PRO D 142 -43.61 -7.73 13.65
N GLU D 143 -44.30 -7.25 14.69
CA GLU D 143 -45.41 -6.34 14.48
C GLU D 143 -44.96 -4.88 14.57
N ASN D 144 -44.09 -4.56 15.53
CA ASN D 144 -43.76 -3.18 15.87
C ASN D 144 -42.37 -2.75 15.42
N HIS D 145 -41.53 -3.70 14.99
CA HIS D 145 -40.16 -3.39 14.57
C HIS D 145 -40.13 -3.35 13.04
N ASN D 146 -40.28 -2.13 12.48
CA ASN D 146 -40.48 -1.98 11.04
C ASN D 146 -39.32 -1.25 10.37
N VAL D 147 -38.78 -0.22 11.01
CA VAL D 147 -37.54 0.38 10.58
C VAL D 147 -36.45 0.10 11.62
N ILE D 148 -35.53 -0.83 11.29
CA ILE D 148 -34.58 -1.36 12.24
C ILE D 148 -33.16 -1.12 11.74
N SER D 149 -32.20 -1.26 12.66
CA SER D 149 -30.77 -1.15 12.39
C SER D 149 -30.09 -2.50 12.64
N GLY D 150 -29.17 -2.87 11.73
CA GLY D 150 -28.32 -4.03 11.91
C GLY D 150 -26.99 -3.66 12.56
N ALA D 151 -26.91 -2.44 13.10
CA ALA D 151 -25.77 -1.95 13.85
C ALA D 151 -24.57 -1.77 12.91
N SER D 152 -23.37 -1.63 13.49
CA SER D 152 -22.17 -1.43 12.70
C SER D 152 -21.40 -2.74 12.58
N CYS D 153 -20.40 -2.73 11.71
CA CYS D 153 -19.49 -3.86 11.60
C CYS D 153 -18.83 -4.10 12.95
N THR D 154 -18.42 -3.03 13.61
CA THR D 154 -17.68 -3.14 14.85
C THR D 154 -18.56 -3.72 15.97
N THR D 155 -19.80 -3.24 16.05
CA THR D 155 -20.74 -3.71 17.06
C THR D 155 -20.99 -5.21 16.87
N ASN D 156 -21.03 -5.68 15.61
CA ASN D 156 -21.31 -7.08 15.31
C ASN D 156 -20.14 -7.97 15.70
N CYS D 157 -18.95 -7.36 15.85
CA CYS D 157 -17.77 -8.08 16.30
C CYS D 157 -17.72 -8.06 17.83
N LEU D 158 -17.90 -6.90 18.41
CA LEU D 158 -17.72 -6.69 19.84
C LEU D 158 -18.81 -7.38 20.67
N ALA D 159 -20.08 -7.20 20.30
CA ALA D 159 -21.18 -7.62 21.15
C ALA D 159 -21.19 -9.13 21.39
N PRO D 160 -21.03 -10.03 20.38
CA PRO D 160 -21.08 -11.46 20.63
C PRO D 160 -20.05 -11.93 21.67
N MET D 161 -18.85 -11.32 21.62
CA MET D 161 -17.77 -11.68 22.51
C MET D 161 -18.03 -11.07 23.90
N ALA D 162 -18.43 -9.79 23.90
CA ALA D 162 -18.81 -9.11 25.12
C ALA D 162 -19.89 -9.86 25.89
N LYS D 163 -20.92 -10.31 25.17
CA LYS D 163 -22.00 -11.01 25.80
C LYS D 163 -21.49 -12.27 26.50
N VAL D 164 -20.65 -13.04 25.81
CA VAL D 164 -20.20 -14.31 26.34
C VAL D 164 -19.42 -14.08 27.63
N LEU D 165 -18.56 -13.04 27.66
CA LEU D 165 -17.65 -12.78 28.76
C LEU D 165 -18.35 -12.04 29.89
N ASN D 166 -19.32 -11.21 29.54
CA ASN D 166 -20.16 -10.57 30.54
C ASN D 166 -21.00 -11.62 31.26
N ASP D 167 -21.63 -12.53 30.51
CA ASP D 167 -22.47 -13.58 31.08
C ASP D 167 -21.64 -14.48 31.99
N LYS D 168 -20.37 -14.73 31.63
CA LYS D 168 -19.61 -15.73 32.35
C LYS D 168 -18.89 -15.09 33.54
N PHE D 169 -18.33 -13.89 33.36
CA PHE D 169 -17.44 -13.33 34.36
C PHE D 169 -17.89 -11.95 34.84
N GLY D 170 -18.76 -11.27 34.08
CA GLY D 170 -19.16 -9.91 34.41
C GLY D 170 -18.09 -8.89 34.03
N ILE D 171 -18.44 -7.99 33.09
CA ILE D 171 -17.63 -6.85 32.68
C ILE D 171 -18.03 -5.63 33.50
N GLU D 172 -17.06 -4.95 34.12
CA GLU D 172 -17.35 -3.78 34.93
C GLU D 172 -17.25 -2.50 34.10
N ASN D 173 -16.13 -2.39 33.39
CA ASN D 173 -15.85 -1.28 32.50
C ASN D 173 -14.99 -1.89 31.40
N GLY D 174 -15.00 -1.28 30.22
CA GLY D 174 -14.05 -1.69 29.19
C GLY D 174 -13.84 -0.60 28.17
N LEU D 175 -12.64 -0.56 27.58
CA LEU D 175 -12.35 0.38 26.50
C LEU D 175 -11.80 -0.38 25.30
N MET D 176 -12.20 0.08 24.09
CA MET D 176 -12.05 -0.64 22.84
C MET D 176 -11.17 0.18 21.89
N THR D 177 -10.26 -0.51 21.18
CA THR D 177 -9.65 0.02 19.95
C THR D 177 -9.95 -0.92 18.78
N THR D 178 -10.55 -0.41 17.71
CA THR D 178 -10.69 -1.26 16.53
C THR D 178 -9.65 -0.83 15.51
N VAL D 179 -8.89 -1.79 14.99
CA VAL D 179 -7.93 -1.54 13.94
C VAL D 179 -8.58 -2.08 12.67
N HIS D 180 -8.88 -1.17 11.76
CA HIS D 180 -9.97 -1.35 10.82
C HIS D 180 -9.48 -0.94 9.44
N ALA D 181 -9.84 -1.75 8.44
CA ALA D 181 -9.67 -1.41 7.03
C ALA D 181 -10.22 -0.02 6.72
N TYR D 182 -9.58 0.66 5.77
CA TYR D 182 -10.12 1.94 5.31
C TYR D 182 -11.46 1.69 4.63
N THR D 183 -12.34 2.68 4.69
CA THR D 183 -13.62 2.62 4.01
C THR D 183 -13.75 3.80 3.05
N GLY D 184 -14.82 3.73 2.26
CA GLY D 184 -15.03 4.58 1.11
C GLY D 184 -15.30 6.03 1.48
N ASP D 185 -15.59 6.34 2.73
CA ASP D 185 -15.75 7.75 3.04
C ASP D 185 -14.41 8.43 3.38
N GLN D 186 -13.33 7.65 3.58
CA GLN D 186 -11.99 8.24 3.67
C GLN D 186 -11.54 8.72 2.30
N ARG D 187 -10.59 9.66 2.28
CA ARG D 187 -10.11 10.25 1.03
C ARG D 187 -8.83 9.56 0.59
N LEU D 188 -8.58 9.56 -0.72
CA LEU D 188 -7.48 8.83 -1.30
C LEU D 188 -6.24 9.71 -1.21
N HIS D 189 -6.44 10.99 -1.48
CA HIS D 189 -5.44 12.03 -1.29
C HIS D 189 -5.94 13.00 -0.23
N ASP D 190 -5.04 13.70 0.46
CA ASP D 190 -5.43 14.73 1.42
C ASP D 190 -6.43 15.68 0.78
N ALA D 191 -7.65 15.69 1.32
CA ALA D 191 -8.77 16.40 0.71
C ALA D 191 -9.90 16.68 1.72
N SER D 192 -10.83 17.55 1.32
CA SER D 192 -11.98 17.93 2.13
C SER D 192 -12.65 16.73 2.80
N HIS D 193 -12.91 16.89 4.09
CA HIS D 193 -13.74 15.97 4.85
C HIS D 193 -14.20 16.70 6.11
N ARG D 194 -15.40 16.39 6.58
CA ARG D 194 -15.92 16.95 7.82
C ARG D 194 -15.04 16.47 8.99
N ASP D 195 -14.48 15.26 8.89
CA ASP D 195 -13.55 14.70 9.88
C ASP D 195 -12.14 14.96 9.37
N LEU D 196 -11.38 15.78 10.10
CA LEU D 196 -10.10 16.28 9.64
C LEU D 196 -9.07 15.16 9.52
N ARG D 197 -9.25 14.06 10.25
CA ARG D 197 -8.33 12.93 10.15
C ARG D 197 -8.68 12.06 8.95
N ARG D 198 -9.98 11.81 8.73
CA ARG D 198 -10.45 11.07 7.56
C ARG D 198 -10.22 11.83 6.23
N ALA D 199 -9.91 13.12 6.35
CA ALA D 199 -9.43 13.93 5.25
C ALA D 199 -8.13 13.38 4.64
N ARG D 200 -7.37 12.58 5.42
CA ARG D 200 -5.98 12.33 5.11
C ARG D 200 -5.80 11.02 4.35
N ALA D 201 -4.94 11.05 3.31
CA ALA D 201 -4.67 9.93 2.39
C ALA D 201 -4.73 8.56 3.09
N ALA D 202 -5.76 7.75 2.78
CA ALA D 202 -6.13 6.61 3.61
C ALA D 202 -5.14 5.46 3.50
N ALA D 203 -4.52 5.31 2.31
CA ALA D 203 -3.73 4.13 2.02
C ALA D 203 -2.28 4.32 2.49
N VAL D 204 -1.93 5.47 3.08
CA VAL D 204 -0.58 5.64 3.62
C VAL D 204 -0.60 6.16 5.06
N ASN D 205 -1.77 6.13 5.72
CA ASN D 205 -1.93 6.71 7.05
C ASN D 205 -2.59 5.69 7.99
N ILE D 206 -2.13 5.72 9.25
CA ILE D 206 -2.94 5.31 10.39
C ILE D 206 -3.84 6.47 10.78
N VAL D 207 -5.17 6.27 10.69
CA VAL D 207 -6.14 7.37 10.80
C VAL D 207 -7.08 7.11 11.99
N PRO D 208 -6.91 7.79 13.14
CA PRO D 208 -7.87 7.65 14.24
C PRO D 208 -9.20 8.28 13.86
N THR D 209 -10.30 7.64 14.23
CA THR D 209 -11.62 8.19 13.98
C THR D 209 -12.58 7.66 15.02
N SER D 210 -13.61 8.44 15.32
CA SER D 210 -14.59 8.03 16.30
C SER D 210 -15.35 6.83 15.76
N THR D 211 -15.91 6.03 16.67
CA THR D 211 -16.42 4.73 16.31
C THR D 211 -17.92 4.76 16.61
N GLY D 212 -18.28 5.04 17.88
CA GLY D 212 -19.66 4.96 18.34
C GLY D 212 -20.10 3.53 18.71
N ALA D 213 -19.38 2.51 18.20
CA ALA D 213 -19.89 1.14 18.03
C ALA D 213 -19.59 0.24 19.23
N ALA D 214 -19.05 0.89 20.29
CA ALA D 214 -18.91 0.31 21.63
C ALA D 214 -20.03 0.81 22.56
N LYS D 215 -20.45 2.09 22.41
CA LYS D 215 -21.64 2.58 23.10
C LYS D 215 -22.91 1.95 22.52
N ALA D 216 -22.97 1.83 21.18
CA ALA D 216 -24.04 1.14 20.46
C ALA D 216 -24.24 -0.31 20.95
N VAL D 217 -23.25 -0.86 21.65
CA VAL D 217 -23.44 -2.15 22.30
C VAL D 217 -24.55 -2.02 23.35
N ALA D 218 -24.70 -0.83 23.95
CA ALA D 218 -25.74 -0.58 24.94
C ALA D 218 -27.12 -0.92 24.39
N LEU D 219 -27.36 -0.62 23.11
CA LEU D 219 -28.67 -0.82 22.50
C LEU D 219 -28.97 -2.31 22.34
N VAL D 220 -27.92 -3.14 22.35
CA VAL D 220 -28.01 -4.54 21.99
C VAL D 220 -27.80 -5.41 23.24
N LEU D 221 -26.97 -4.89 24.16
CA LEU D 221 -26.72 -5.46 25.48
C LEU D 221 -26.96 -4.37 26.52
N PRO D 222 -28.24 -4.09 26.88
CA PRO D 222 -28.56 -3.02 27.85
C PRO D 222 -27.81 -3.12 29.19
N GLU D 223 -27.51 -4.36 29.62
CA GLU D 223 -26.68 -4.64 30.79
C GLU D 223 -25.38 -3.81 30.76
N LEU D 224 -24.88 -3.44 29.57
CA LEU D 224 -23.56 -2.85 29.47
C LEU D 224 -23.62 -1.34 29.18
N LYS D 225 -24.80 -0.74 29.33
CA LYS D 225 -24.95 0.68 29.11
C LYS D 225 -23.98 1.47 29.99
N GLY D 226 -23.24 2.39 29.36
CA GLY D 226 -22.37 3.32 30.04
C GLY D 226 -21.08 2.66 30.53
N LYS D 227 -20.82 1.42 30.12
CA LYS D 227 -19.65 0.70 30.62
C LYS D 227 -18.55 0.53 29.56
N LEU D 228 -18.89 0.76 28.28
CA LEU D 228 -17.98 0.52 27.17
C LEU D 228 -17.80 1.80 26.37
N ASP D 229 -16.54 2.13 26.02
CA ASP D 229 -16.27 3.15 25.02
C ASP D 229 -15.13 2.67 24.13
N GLY D 230 -14.80 3.46 23.09
CA GLY D 230 -13.85 3.01 22.10
C GLY D 230 -13.66 4.00 20.96
N TYR D 231 -12.75 3.64 20.03
CA TYR D 231 -12.39 4.43 18.86
C TYR D 231 -11.75 3.47 17.87
N ALA D 232 -11.59 3.93 16.61
CA ALA D 232 -10.97 3.16 15.56
C ALA D 232 -9.62 3.77 15.13
N LEU D 233 -8.68 2.91 14.69
CA LEU D 233 -7.56 3.33 13.87
C LEU D 233 -7.73 2.69 12.51
N ARG D 234 -8.05 3.52 11.51
CA ARG D 234 -8.12 3.08 10.11
C ARG D 234 -6.70 2.89 9.57
N VAL D 235 -6.43 1.73 8.96
CA VAL D 235 -5.08 1.43 8.51
C VAL D 235 -5.16 0.91 7.06
N PRO D 236 -4.03 0.90 6.33
CA PRO D 236 -4.04 0.53 4.90
C PRO D 236 -4.19 -0.96 4.57
N VAL D 237 -5.37 -1.53 4.84
CA VAL D 237 -5.82 -2.76 4.19
C VAL D 237 -7.25 -2.49 3.69
N ILE D 238 -7.66 -3.16 2.60
CA ILE D 238 -8.85 -2.74 1.88
C ILE D 238 -10.10 -3.32 2.56
N THR D 239 -9.94 -4.48 3.21
CA THR D 239 -10.96 -5.03 4.09
C THR D 239 -10.28 -5.91 5.12
N GLY D 240 -11.00 -6.19 6.22
CA GLY D 240 -10.44 -6.93 7.33
C GLY D 240 -10.13 -5.99 8.49
N SER D 241 -10.65 -6.34 9.68
CA SER D 241 -10.51 -5.50 10.85
C SER D 241 -10.41 -6.37 12.11
N ALA D 242 -9.98 -5.74 13.20
CA ALA D 242 -9.88 -6.40 14.48
C ALA D 242 -10.39 -5.47 15.56
N THR D 243 -11.10 -6.00 16.56
CA THR D 243 -11.54 -5.27 17.73
C THR D 243 -10.80 -5.81 18.96
N ASP D 244 -10.11 -4.89 19.63
CA ASP D 244 -9.25 -5.15 20.78
C ASP D 244 -9.95 -4.58 22.02
N LEU D 245 -10.41 -5.46 22.92
CA LEU D 245 -11.16 -4.97 24.07
C LEU D 245 -10.37 -5.21 25.33
N THR D 246 -10.19 -4.15 26.11
CA THR D 246 -9.57 -4.22 27.42
C THR D 246 -10.67 -3.92 28.45
N PHE D 247 -10.83 -4.79 29.43
CA PHE D 247 -11.95 -4.67 30.35
C PHE D 247 -11.59 -5.22 31.72
N ASN D 248 -12.29 -4.75 32.76
CA ASN D 248 -12.10 -5.27 34.10
C ASN D 248 -13.30 -6.11 34.50
N THR D 249 -13.04 -7.09 35.39
CA THR D 249 -14.02 -8.00 35.90
C THR D 249 -13.67 -8.30 37.35
N LYS D 250 -14.70 -8.46 38.18
CA LYS D 250 -14.52 -8.83 39.57
C LYS D 250 -14.10 -10.29 39.67
N SER D 251 -14.49 -11.11 38.68
CA SER D 251 -14.13 -12.51 38.62
C SER D 251 -12.62 -12.73 38.67
N GLU D 252 -12.27 -13.93 39.14
CA GLU D 252 -10.94 -14.49 39.04
C GLU D 252 -10.83 -15.20 37.70
N VAL D 253 -9.93 -14.72 36.84
CA VAL D 253 -9.85 -15.24 35.48
C VAL D 253 -8.38 -15.49 35.13
N THR D 254 -8.16 -16.45 34.22
CA THR D 254 -6.88 -16.64 33.57
C THR D 254 -7.09 -16.55 32.04
N VAL D 255 -5.97 -16.41 31.31
CA VAL D 255 -5.98 -16.53 29.85
C VAL D 255 -6.82 -17.73 29.45
N GLU D 256 -6.56 -18.86 30.12
CA GLU D 256 -7.15 -20.14 29.77
C GLU D 256 -8.66 -20.11 29.98
N SER D 257 -9.12 -19.56 31.11
CA SER D 257 -10.54 -19.58 31.44
C SER D 257 -11.32 -18.60 30.55
N ILE D 258 -10.75 -17.43 30.26
CA ILE D 258 -11.32 -16.51 29.29
C ILE D 258 -11.55 -17.25 27.96
N ASN D 259 -10.49 -17.89 27.46
CA ASN D 259 -10.51 -18.54 26.16
C ASN D 259 -11.54 -19.68 26.17
N ALA D 260 -11.60 -20.43 27.27
CA ALA D 260 -12.50 -21.57 27.36
C ALA D 260 -13.95 -21.09 27.35
N ALA D 261 -14.22 -19.93 27.94
CA ALA D 261 -15.58 -19.40 27.94
C ALA D 261 -16.06 -19.13 26.51
N ILE D 262 -15.19 -18.56 25.66
CA ILE D 262 -15.56 -18.31 24.27
C ILE D 262 -15.68 -19.66 23.56
N LYS D 263 -14.72 -20.56 23.76
CA LYS D 263 -14.76 -21.81 23.02
C LYS D 263 -16.10 -22.50 23.26
N GLU D 264 -16.56 -22.51 24.52
CA GLU D 264 -17.74 -23.29 24.84
C GLU D 264 -19.01 -22.61 24.30
N ALA D 265 -19.03 -21.27 24.16
CA ALA D 265 -20.20 -20.62 23.56
C ALA D 265 -20.21 -20.76 22.04
N ALA D 266 -19.04 -20.88 21.40
CA ALA D 266 -18.94 -20.73 19.94
C ALA D 266 -19.32 -22.03 19.25
N VAL D 267 -20.61 -22.37 19.32
CA VAL D 267 -21.11 -23.67 18.94
C VAL D 267 -22.53 -23.45 18.41
N GLY D 268 -23.02 -24.39 17.60
CA GLY D 268 -24.43 -24.35 17.21
C GLY D 268 -24.68 -23.10 16.38
N GLU D 269 -25.85 -22.48 16.55
CA GLU D 269 -26.21 -21.38 15.67
C GLU D 269 -25.48 -20.11 16.09
N PHE D 270 -25.25 -19.94 17.39
CA PHE D 270 -24.47 -18.80 17.84
C PHE D 270 -23.08 -18.84 17.20
N GLY D 271 -22.56 -20.08 17.04
CA GLY D 271 -21.26 -20.33 16.42
C GLY D 271 -21.17 -19.91 14.94
N GLU D 272 -22.30 -19.61 14.30
CA GLU D 272 -22.24 -18.98 12.98
C GLU D 272 -21.97 -17.48 13.10
N THR D 273 -22.22 -16.90 14.29
CA THR D 273 -21.95 -15.48 14.50
C THR D 273 -20.55 -15.31 15.10
N LEU D 274 -20.24 -16.10 16.13
CA LEU D 274 -18.95 -16.05 16.82
C LEU D 274 -18.16 -17.34 16.61
N ALA D 275 -16.94 -17.20 16.07
CA ALA D 275 -16.00 -18.30 15.91
C ALA D 275 -14.89 -18.15 16.93
N TYR D 276 -14.27 -19.29 17.23
CA TYR D 276 -13.17 -19.38 18.16
C TYR D 276 -11.98 -19.94 17.41
N SER D 277 -10.83 -19.27 17.46
CA SER D 277 -9.68 -19.71 16.67
C SER D 277 -8.42 -19.74 17.54
N GLU D 278 -7.63 -20.78 17.33
CA GLU D 278 -6.28 -20.84 17.86
C GLU D 278 -5.25 -20.84 16.72
N GLU D 279 -5.64 -20.34 15.55
CA GLU D 279 -4.76 -20.30 14.38
C GLU D 279 -3.93 -19.01 14.39
N PRO D 280 -2.78 -19.01 13.69
CA PRO D 280 -1.92 -17.81 13.63
C PRO D 280 -2.44 -16.82 12.58
N LEU D 281 -3.59 -16.20 12.91
CA LEU D 281 -4.35 -15.37 12.00
C LEU D 281 -3.66 -14.03 11.75
N VAL D 282 -3.72 -13.60 10.47
CA VAL D 282 -3.53 -12.21 10.04
C VAL D 282 -4.77 -11.80 9.23
N SER D 283 -4.88 -10.51 8.93
CA SER D 283 -6.12 -9.95 8.41
C SER D 283 -6.60 -10.69 7.14
N THR D 284 -5.67 -11.12 6.27
CA THR D 284 -6.10 -11.74 5.02
C THR D 284 -6.79 -13.08 5.27
N ASP D 285 -6.48 -13.72 6.39
CA ASP D 285 -7.10 -15.00 6.70
C ASP D 285 -8.58 -14.86 7.05
N ILE D 286 -9.07 -13.66 7.39
CA ILE D 286 -10.47 -13.52 7.76
C ILE D 286 -11.27 -12.77 6.69
N VAL D 287 -10.62 -12.37 5.58
CA VAL D 287 -11.32 -11.81 4.46
C VAL D 287 -12.24 -12.89 3.88
N HIS D 288 -13.53 -12.52 3.75
CA HIS D 288 -14.60 -13.36 3.24
C HIS D 288 -14.98 -14.44 4.26
N ASP D 289 -14.70 -14.20 5.54
CA ASP D 289 -15.21 -15.02 6.62
C ASP D 289 -16.65 -14.56 6.95
N SER D 290 -17.56 -15.51 7.05
CA SER D 290 -18.99 -15.24 7.24
C SER D 290 -19.36 -14.96 8.70
N HIS D 291 -18.41 -15.06 9.64
CA HIS D 291 -18.71 -14.75 11.04
C HIS D 291 -18.71 -13.24 11.25
N GLY D 292 -19.52 -12.81 12.24
CA GLY D 292 -19.50 -11.46 12.75
C GLY D 292 -18.27 -11.17 13.59
N SER D 293 -17.73 -12.22 14.22
CA SER D 293 -16.69 -12.10 15.23
C SER D 293 -15.88 -13.38 15.22
N ILE D 294 -14.56 -13.25 15.01
CA ILE D 294 -13.64 -14.39 15.02
C ILE D 294 -12.62 -14.13 16.14
N PHE D 295 -12.87 -14.79 17.28
CA PHE D 295 -12.11 -14.62 18.51
C PHE D 295 -10.73 -15.28 18.36
N ASP D 296 -9.68 -14.53 18.70
CA ASP D 296 -8.30 -14.96 18.52
C ASP D 296 -7.72 -15.28 19.89
N ALA D 297 -7.71 -16.58 20.24
CA ALA D 297 -7.34 -17.03 21.58
C ALA D 297 -5.88 -16.70 21.88
N GLY D 298 -5.05 -16.64 20.82
CA GLY D 298 -3.63 -16.39 20.97
C GLY D 298 -3.32 -14.95 21.39
N LEU D 299 -4.32 -14.05 21.35
CA LEU D 299 -4.08 -12.64 21.67
C LEU D 299 -4.65 -12.28 23.04
N THR D 300 -5.30 -13.23 23.72
CA THR D 300 -5.84 -12.97 25.05
C THR D 300 -4.69 -12.65 26.01
N LYS D 301 -4.84 -11.55 26.78
CA LYS D 301 -3.99 -11.25 27.93
C LYS D 301 -4.83 -10.97 29.18
N VAL D 302 -4.26 -11.32 30.35
CA VAL D 302 -4.89 -11.13 31.66
C VAL D 302 -3.84 -10.53 32.60
N SER D 303 -4.08 -9.31 33.09
CA SER D 303 -3.24 -8.70 34.13
C SER D 303 -4.10 -8.44 35.37
N GLY D 304 -4.15 -9.42 36.28
CA GLY D 304 -4.89 -9.30 37.51
C GLY D 304 -6.39 -9.45 37.27
N ASN D 305 -7.12 -8.32 37.35
CA ASN D 305 -8.55 -8.31 37.08
C ASN D 305 -8.85 -7.66 35.73
N THR D 306 -7.79 -7.35 34.95
CA THR D 306 -7.91 -6.74 33.64
C THR D 306 -7.60 -7.72 32.52
N VAL D 307 -8.44 -7.72 31.48
CA VAL D 307 -8.41 -8.70 30.42
C VAL D 307 -8.37 -7.94 29.10
N LYS D 308 -7.45 -8.32 28.20
CA LYS D 308 -7.48 -7.87 26.81
C LYS D 308 -7.84 -9.05 25.93
N VAL D 309 -8.81 -8.84 25.02
CA VAL D 309 -9.23 -9.85 24.05
C VAL D 309 -9.39 -9.18 22.68
N VAL D 310 -9.16 -9.95 21.64
CA VAL D 310 -9.11 -9.43 20.29
C VAL D 310 -9.93 -10.36 19.41
N SER D 311 -10.87 -9.79 18.65
CA SER D 311 -11.65 -10.53 17.67
C SER D 311 -11.53 -9.85 16.32
N TRP D 312 -11.43 -10.70 15.28
CA TRP D 312 -11.38 -10.29 13.88
C TRP D 312 -12.79 -10.21 13.30
N TYR D 313 -12.90 -9.51 12.17
CA TYR D 313 -14.10 -9.44 11.37
C TYR D 313 -13.77 -8.86 10.00
N ASP D 314 -14.30 -9.50 8.96
CA ASP D 314 -14.37 -8.85 7.67
C ASP D 314 -15.53 -7.85 7.70
N ASN D 315 -15.16 -6.56 7.78
CA ASN D 315 -16.11 -5.50 8.00
C ASN D 315 -17.10 -5.43 6.84
N GLU D 316 -16.70 -5.92 5.65
CA GLU D 316 -17.61 -6.01 4.51
C GLU D 316 -18.45 -7.29 4.58
N TRP D 317 -17.85 -8.47 4.40
CA TRP D 317 -18.59 -9.70 4.18
C TRP D 317 -19.18 -10.23 5.49
N GLY D 318 -18.38 -10.15 6.57
CA GLY D 318 -18.80 -10.63 7.87
C GLY D 318 -20.04 -9.88 8.34
N TYR D 319 -19.96 -8.53 8.30
CA TYR D 319 -21.10 -7.70 8.59
C TYR D 319 -22.29 -8.06 7.71
N THR D 320 -22.06 -8.23 6.41
CA THR D 320 -23.13 -8.50 5.46
C THR D 320 -23.83 -9.82 5.79
N CYS D 321 -23.04 -10.82 6.20
CA CYS D 321 -23.57 -12.12 6.54
C CYS D 321 -24.46 -12.01 7.78
N GLN D 322 -24.00 -11.20 8.75
CA GLN D 322 -24.83 -10.80 9.88
C GLN D 322 -26.10 -10.08 9.44
N LEU D 323 -25.97 -9.10 8.55
CA LEU D 323 -27.12 -8.35 8.05
C LEU D 323 -28.12 -9.29 7.37
N LEU D 324 -27.61 -10.31 6.66
CA LEU D 324 -28.48 -11.24 5.96
C LEU D 324 -29.19 -12.19 6.92
N ARG D 325 -28.49 -12.67 7.96
CA ARG D 325 -29.11 -13.48 8.99
C ARG D 325 -30.31 -12.73 9.56
N LEU D 326 -30.18 -11.43 9.82
CA LEU D 326 -31.24 -10.61 10.37
C LEU D 326 -32.34 -10.42 9.33
N THR D 327 -31.96 -10.25 8.06
CA THR D 327 -32.91 -10.14 6.97
C THR D 327 -33.74 -11.42 6.86
N GLU D 328 -33.10 -12.60 7.00
CA GLU D 328 -33.80 -13.89 6.99
C GLU D 328 -34.82 -13.94 8.14
N LEU D 329 -34.42 -13.44 9.32
CA LEU D 329 -35.35 -13.42 10.45
C LEU D 329 -36.54 -12.52 10.15
N VAL D 330 -36.35 -11.40 9.47
CA VAL D 330 -37.45 -10.49 9.21
C VAL D 330 -38.45 -11.15 8.25
N ALA D 331 -37.91 -11.82 7.23
CA ALA D 331 -38.66 -12.48 6.15
C ALA D 331 -39.46 -13.67 6.66
N SER D 332 -38.92 -14.40 7.63
CA SER D 332 -39.53 -15.64 8.12
C SER D 332 -40.78 -15.36 8.96
N LYS D 333 -40.91 -14.11 9.44
CA LYS D 333 -42.01 -13.72 10.30
C LYS D 333 -42.96 -12.83 9.49
N LEU D 334 -43.85 -12.12 10.19
CA LEU D 334 -45.03 -11.57 9.54
C LEU D 334 -44.70 -10.20 8.93
N LEU D 335 -45.26 -9.96 7.73
CA LEU D 335 -45.03 -8.76 6.95
C LEU D 335 -46.38 -8.24 6.43
PA NAP E . 18.25 -3.62 9.77
O1A NAP E . 17.70 -2.65 8.79
O2A NAP E . 18.27 -5.06 9.43
O5B NAP E . 19.75 -3.12 10.18
C5B NAP E . 20.77 -4.04 10.62
C4B NAP E . 22.01 -3.80 9.80
O4B NAP E . 23.13 -4.53 10.37
C3B NAP E . 21.94 -4.25 8.33
O3B NAP E . 22.60 -3.28 7.52
C2B NAP E . 22.61 -5.62 8.38
O2B NAP E . 23.10 -6.07 7.11
C1B NAP E . 23.73 -5.31 9.37
N9A NAP E . 24.36 -6.44 10.05
C8A NAP E . 23.79 -7.63 10.42
N7A NAP E . 24.61 -8.43 11.06
C5A NAP E . 25.81 -7.72 11.10
C6A NAP E . 27.07 -8.02 11.64
N6A NAP E . 27.34 -9.17 12.26
N1A NAP E . 28.05 -7.06 11.55
C2A NAP E . 27.74 -5.93 10.91
N3A NAP E . 26.61 -5.56 10.32
C4A NAP E . 25.66 -6.49 10.48
O3 NAP E . 17.48 -3.48 11.15
PN NAP E . 17.07 -2.16 11.94
O1N NAP E . 18.01 -1.03 11.66
O2N NAP E . 15.62 -1.94 11.67
O5D NAP E . 17.24 -2.67 13.44
C5D NAP E . 18.55 -2.59 14.05
C4D NAP E . 18.40 -2.69 15.54
O4D NAP E . 17.63 -1.55 16.01
C3D NAP E . 17.65 -3.94 16.04
O3D NAP E . 18.20 -4.34 17.29
C2D NAP E . 16.21 -3.43 16.19
O2D NAP E . 15.42 -4.10 17.16
C1D NAP E . 16.48 -2.01 16.71
N1N NAP E . 15.36 -1.03 16.51
C2N NAP E . 14.66 -0.98 15.32
C3N NAP E . 13.59 -0.08 15.18
C7N NAP E . 12.81 0.08 13.90
O7N NAP E . 11.69 0.63 13.92
N7N NAP E . 13.39 -0.24 12.75
C4N NAP E . 13.30 0.80 16.20
C5N NAP E . 14.01 0.74 17.39
C6N NAP E . 15.03 -0.18 17.53
P2B NAP E . 22.28 -7.30 6.41
O1X NAP E . 20.86 -6.76 6.19
O2X NAP E . 22.99 -7.58 5.13
O3X NAP E . 22.29 -8.44 7.33
C1 GOL F . 23.45 18.22 22.73
O1 GOL F . 24.43 17.79 23.65
C2 GOL F . 23.97 19.36 21.86
O2 GOL F . 24.54 20.40 22.66
C3 GOL F . 25.02 18.90 20.86
O3 GOL F . 24.61 19.16 19.52
C1 GOL G . 34.55 -1.03 -2.46
O1 GOL G . 33.76 -1.97 -1.72
C2 GOL G . 34.09 -0.88 -3.89
O2 GOL G . 32.69 -0.89 -3.85
C3 GOL G . 34.50 0.40 -4.58
O3 GOL G . 35.90 0.49 -4.90
PA NAP H . -7.56 18.35 -6.01
O1A NAP H . -6.66 17.96 -4.88
O2A NAP H . -8.93 17.77 -6.12
O5B NAP H . -7.63 19.94 -6.05
C5B NAP H . -8.84 20.62 -6.46
C4B NAP H . -9.13 21.69 -5.44
O4B NAP H . -10.08 22.61 -6.00
C3B NAP H . -9.75 21.18 -4.13
O3B NAP H . -9.22 21.91 -3.03
C2B NAP H . -11.23 21.41 -4.38
O2B NAP H . -11.96 21.55 -3.16
C1B NAP H . -11.17 22.73 -5.12
N9A NAP H . -12.32 23.10 -5.92
C8A NAP H . -13.09 22.30 -6.72
N7A NAP H . -14.03 22.98 -7.36
C5A NAP H . -13.85 24.29 -6.93
C6A NAP H . -14.54 25.48 -7.24
N6A NAP H . -15.56 25.55 -8.08
N1A NAP H . -14.07 26.63 -6.69
C2A NAP H . -13.05 26.56 -5.85
N3A NAP H . -12.35 25.50 -5.47
C4A NAP H . -12.80 24.38 -6.05
O3 NAP H . -6.82 18.08 -7.40
PN NAP H . -5.30 18.26 -7.90
O1N NAP H . -4.76 19.40 -7.10
O2N NAP H . -4.67 16.93 -7.96
O5D NAP H . -5.56 18.74 -9.40
C5D NAP H . -5.90 20.13 -9.64
C4D NAP H . -5.67 20.41 -11.11
O4D NAP H . -4.28 20.24 -11.43
C3D NAP H . -6.45 19.47 -12.06
O3D NAP H . -6.77 20.14 -13.27
C2D NAP H . -5.41 18.36 -12.29
O2D NAP H . -5.48 17.71 -13.53
C1D NAP H . -4.13 19.20 -12.39
N1N NAP H . -2.87 18.46 -12.17
C2N NAP H . -2.76 17.54 -11.16
C3N NAP H . -1.56 16.85 -10.96
C7N NAP H . -1.41 15.85 -9.85
O7N NAP H . -2.19 15.82 -8.88
N7N NAP H . -0.46 14.95 -9.99
C4N NAP H . -0.46 17.15 -11.76
C5N NAP H . -0.58 18.09 -12.76
C6N NAP H . -1.78 18.75 -12.95
P2B NAP H . -12.76 20.20 -2.76
O1X NAP H . -11.73 19.05 -2.59
O2X NAP H . -13.71 19.93 -3.85
O3X NAP H . -13.40 20.60 -1.48
C1 EDO I . 17.89 -6.60 -28.88
O1 EDO I . 16.85 -6.59 -29.85
C2 EDO I . 18.62 -5.31 -28.82
O2 EDO I . 18.36 -4.55 -27.64
C1 GOL J . 18.65 12.93 -10.28
O1 GOL J . 19.68 12.25 -9.59
C2 GOL J . 19.07 14.36 -10.51
O2 GOL J . 19.88 14.41 -11.68
C3 GOL J . 17.90 15.31 -10.60
O3 GOL J . 17.63 15.92 -9.34
PA NAP K . 9.91 -18.16 -3.14
O1A NAP K . 8.55 -17.89 -2.63
O2A NAP K . 11.09 -17.63 -2.45
O5B NAP K . 10.08 -19.75 -3.30
C5B NAP K . 11.33 -20.41 -3.14
C4B NAP K . 11.14 -21.52 -2.14
O4B NAP K . 12.27 -22.42 -2.21
C3B NAP K . 11.04 -21.07 -0.67
O3B NAP K . 10.06 -21.79 0.02
C2B NAP K . 12.47 -21.33 -0.17
O2B NAP K . 12.49 -21.54 1.22
C1B NAP K . 12.78 -22.62 -0.92
N9A NAP K . 14.20 -22.90 -1.06
C8A NAP K . 15.22 -22.00 -1.23
N7A NAP K . 16.39 -22.58 -1.34
C5A NAP K . 16.13 -23.94 -1.25
C6A NAP K . 16.96 -25.08 -1.31
N6A NAP K . 18.27 -25.04 -1.50
N1A NAP K . 16.36 -26.28 -1.22
C2A NAP K . 15.03 -26.33 -1.05
N3A NAP K . 14.17 -25.33 -0.96
C4A NAP K . 14.77 -24.14 -1.10
O3 NAP K . 10.01 -17.71 -4.68
PN NAP K . 8.94 -17.80 -5.85
O1N NAP K . 8.10 -19.02 -5.65
O2N NAP K . 8.25 -16.48 -6.01
O5D NAP K . 9.95 -18.04 -7.05
C5D NAP K . 10.36 -19.43 -7.18
C4D NAP K . 10.88 -19.64 -8.57
O4D NAP K . 9.80 -19.52 -9.52
C3D NAP K . 11.95 -18.63 -9.01
O3D NAP K . 12.79 -19.26 -9.97
C2D NAP K . 11.10 -17.54 -9.65
O2D NAP K . 11.75 -16.78 -10.64
C1D NAP K . 10.07 -18.42 -10.39
N1N NAP K . 8.82 -17.71 -10.74
C2N NAP K . 8.23 -16.85 -9.84
C3N NAP K . 7.10 -16.14 -10.22
C7N NAP K . 6.39 -15.22 -9.28
O7N NAP K . 6.59 -15.26 -8.04
N7N NAP K . 5.56 -14.36 -9.82
C4N NAP K . 6.53 -16.37 -11.45
C5N NAP K . 7.12 -17.24 -12.34
C6N NAP K . 8.26 -17.91 -11.97
P2B NAP K . 12.93 -20.26 2.10
O1X NAP K . 14.21 -19.83 1.54
O2X NAP K . 11.80 -19.22 1.96
O3X NAP K . 13.06 -20.79 3.50
C1 GOL L . -9.59 -27.81 -1.73
O1 GOL L . -10.99 -27.84 -2.04
C2 GOL L . -8.77 -27.02 -2.72
O2 GOL L . -8.43 -25.74 -2.19
C3 GOL L . -9.45 -26.88 -4.07
O3 GOL L . -9.31 -28.05 -4.85
PA NAP M . -20.60 3.24 -0.42
O1A NAP M . -20.32 4.70 -0.57
O2A NAP M . -19.83 2.22 -1.19
O5B NAP M . -22.15 2.97 -0.67
C5B NAP M . -23.17 4.00 -0.71
C4B NAP M . -23.91 3.85 -2.01
O4B NAP M . -25.15 4.59 -1.99
C3B NAP M . -23.18 4.33 -3.27
O3B NAP M . -23.38 3.35 -4.29
C2B NAP M . -23.83 5.68 -3.56
O2B NAP M . -23.77 5.99 -4.96
C1B NAP M . -25.27 5.39 -3.15
N9A NAP M . -26.09 6.54 -2.78
C8A NAP M . -25.73 7.67 -2.05
N7A NAP M . -26.73 8.48 -1.83
C5A NAP M . -27.81 7.88 -2.45
C6A NAP M . -29.16 8.26 -2.57
N6A NAP M . -29.65 9.38 -2.05
N1A NAP M . -29.99 7.42 -3.22
C2A NAP M . -29.48 6.31 -3.75
N3A NAP M . -28.24 5.85 -3.71
C4A NAP M . -27.43 6.68 -3.03
O3 NAP M . -20.44 2.92 1.13
PN NAP M . -20.51 1.56 1.98
O1N NAP M . -19.12 1.26 2.46
O2N NAP M . -21.26 0.52 1.20
O5D NAP M . -21.40 2.07 3.20
C5D NAP M . -22.86 2.10 3.11
C4D NAP M . -23.41 2.05 4.52
O4D NAP M . -23.05 0.79 5.15
C3D NAP M . -22.91 3.15 5.46
O3D NAP M . -23.93 3.49 6.40
C2D NAP M . -21.75 2.44 6.16
O2D NAP M . -21.45 3.00 7.42
C1D NAP M . -22.38 1.05 6.37
N1N NAP M . -21.42 -0.04 6.65
C2N NAP M . -20.22 -0.11 5.95
C3N NAP M . -19.28 -1.09 6.27
C7N NAP M . -17.99 -1.22 5.49
O7N NAP M . -17.04 -1.87 5.99
N7N NAP M . -17.89 -0.70 4.28
C4N NAP M . -19.56 -2.01 7.27
C5N NAP M . -20.76 -1.94 7.96
C6N NAP M . -21.67 -0.94 7.65
P2B NAP M . -22.47 6.88 -5.28
O1X NAP M . -21.18 6.07 -4.98
O2X NAP M . -22.74 7.08 -6.76
O3X NAP M . -22.59 8.13 -4.46
#